data_7TXG
#
_entry.id   7TXG
#
_cell.length_a   64.176
_cell.length_b   76.226
_cell.length_c   77.924
_cell.angle_alpha   68.024
_cell.angle_beta   68.223
_cell.angle_gamma   76.649
#
_symmetry.space_group_name_H-M   'P 1'
#
loop_
_entity.id
_entity.type
_entity.pdbx_description
1 polymer Fructose-1,6-bisphosphatase
2 non-polymer GLYCEROL
3 non-polymer 'MANGANESE (II) ION'
4 non-polymer 'PHOSPHATE ION'
5 water water
#
_entity_poly.entity_id   1
_entity_poly.type   'polypeptide(L)'
_entity_poly.pdbx_seq_one_letter_code
;MGSSHHHHHHSSGLVPRGSHMNRKVALEAVRVTELAALASWSQMGRGDKIAADQAAVDAMRKALNEVDIDGTVVIGEGEL
DEAPMLYIGEKVGAGGCEVDIALDPLEGTTITSKGGANALTVLAMADKGGFLNAPDVYMQKIAVGGINAPKGIVDLDDSV
TNNLKRIAEFKGVHMSALVVCTMDRPRHEHIIKEARECGARVILINDGDVSGVIATATENSGIDVYIGTGGAPEGVLAAA
ALKCLGGQMQARLIFNDEEEIKRAHRLGITDLNKKYDIDDLASGDIVFAATGVTDGNMLQGVKRVNSTRRGSYAVTHSVV
MRSTTKTVRHITAEHSFDFKEGIEKFMS
;
_entity_poly.pdbx_strand_id   A,B,C,D
#
loop_
_chem_comp.id
_chem_comp.type
_chem_comp.name
_chem_comp.formula
GOL non-polymer GLYCEROL 'C3 H8 O3'
MN non-polymer 'MANGANESE (II) ION' 'Mn 2'
PO4 non-polymer 'PHOSPHATE ION' 'O4 P -3'
#
# COMPACT_ATOMS: atom_id res chain seq x y z
N MET A 21 23.40 9.49 -22.78
CA MET A 21 22.20 8.66 -22.78
C MET A 21 20.93 9.51 -22.84
N ASN A 22 20.07 9.23 -23.81
CA ASN A 22 18.78 9.89 -23.88
C ASN A 22 17.91 9.42 -22.73
N ARG A 23 17.11 10.35 -22.19
CA ARG A 23 16.23 10.05 -21.05
C ARG A 23 15.28 8.89 -21.34
N LYS A 24 15.01 8.58 -22.62
CA LYS A 24 14.01 7.57 -22.96
C LYS A 24 14.48 6.16 -22.65
N VAL A 25 15.79 5.90 -22.75
CA VAL A 25 16.30 4.54 -22.54
C VAL A 25 16.08 4.10 -21.10
N ALA A 26 16.05 5.04 -20.15
CA ALA A 26 15.84 4.69 -18.76
C ALA A 26 14.54 3.93 -18.58
N LEU A 27 13.43 4.51 -19.04
CA LEU A 27 12.16 3.82 -18.93
C LEU A 27 12.02 2.67 -19.92
N GLU A 28 12.77 2.65 -21.02
CA GLU A 28 12.68 1.45 -21.85
C GLU A 28 13.34 0.25 -21.18
N ALA A 29 14.29 0.49 -20.28
CA ALA A 29 14.96 -0.63 -19.61
C ALA A 29 14.00 -1.45 -18.75
N VAL A 30 12.96 -0.82 -18.20
CA VAL A 30 12.05 -1.60 -17.36
C VAL A 30 11.25 -2.57 -18.20
N ARG A 31 10.89 -2.23 -19.43
CA ARG A 31 10.18 -3.19 -20.28
C ARG A 31 11.01 -4.47 -20.44
N VAL A 32 12.32 -4.29 -20.61
CA VAL A 32 13.22 -5.43 -20.76
C VAL A 32 13.19 -6.29 -19.50
N THR A 33 13.41 -5.67 -18.33
CA THR A 33 13.46 -6.48 -17.12
C THR A 33 12.09 -7.11 -16.82
N GLU A 34 11.00 -6.44 -17.19
CA GLU A 34 9.66 -7.01 -16.96
C GLU A 34 9.45 -8.27 -17.79
N LEU A 35 9.82 -8.20 -19.08
CA LEU A 35 9.61 -9.37 -19.93
C LEU A 35 10.50 -10.52 -19.47
N ALA A 36 11.73 -10.20 -19.04
CA ALA A 36 12.60 -11.25 -18.53
C ALA A 36 12.02 -11.89 -17.28
N ALA A 37 11.44 -11.07 -16.39
CA ALA A 37 10.85 -11.61 -15.17
C ALA A 37 9.64 -12.49 -15.45
N LEU A 38 8.79 -12.10 -16.40
CA LEU A 38 7.61 -12.94 -16.68
C LEU A 38 8.03 -14.28 -17.28
N ALA A 39 9.01 -14.26 -18.19
CA ALA A 39 9.55 -15.51 -18.71
C ALA A 39 10.14 -16.36 -17.58
N SER A 40 10.86 -15.73 -16.65
CA SER A 40 11.45 -16.49 -15.55
C SER A 40 10.36 -17.09 -14.66
N TRP A 41 9.29 -16.34 -14.48
CA TRP A 41 8.23 -16.75 -13.58
C TRP A 41 7.50 -17.97 -14.12
N SER A 42 7.40 -18.08 -15.45
CA SER A 42 6.79 -19.27 -16.04
C SER A 42 7.55 -20.55 -15.68
N GLN A 43 8.80 -20.42 -15.25
CA GLN A 43 9.62 -21.56 -14.86
C GLN A 43 9.82 -21.65 -13.36
N MET A 44 9.15 -20.80 -12.59
CA MET A 44 9.36 -20.76 -11.15
C MET A 44 8.81 -22.04 -10.52
N GLY A 45 9.58 -22.62 -9.61
CA GLY A 45 9.12 -23.85 -8.98
C GLY A 45 9.02 -25.04 -9.91
N ARG A 46 9.76 -25.05 -11.01
CA ARG A 46 9.74 -26.22 -11.87
C ARG A 46 10.94 -27.13 -11.65
N GLY A 47 11.84 -26.74 -10.75
CA GLY A 47 13.02 -27.54 -10.46
C GLY A 47 14.03 -27.62 -11.57
N ASP A 48 13.97 -26.72 -12.57
CA ASP A 48 14.89 -26.73 -13.70
C ASP A 48 15.66 -25.41 -13.77
N LYS A 49 16.81 -25.37 -13.11
CA LYS A 49 17.66 -24.19 -13.07
C LYS A 49 18.04 -23.73 -14.48
N ILE A 50 18.35 -24.69 -15.36
CA ILE A 50 18.79 -24.36 -16.72
C ILE A 50 17.65 -23.76 -17.53
N ALA A 51 16.44 -24.31 -17.39
CA ALA A 51 15.31 -23.83 -18.19
C ALA A 51 14.86 -22.44 -17.73
N ALA A 52 14.96 -22.17 -16.43
CA ALA A 52 14.62 -20.83 -15.95
C ALA A 52 15.63 -19.83 -16.47
N ASP A 53 16.93 -20.16 -16.36
CA ASP A 53 17.95 -19.26 -16.89
C ASP A 53 17.74 -19.01 -18.38
N GLN A 54 17.41 -20.07 -19.15
CA GLN A 54 17.28 -19.90 -20.60
C GLN A 54 16.05 -19.08 -20.97
N ALA A 55 14.95 -19.27 -20.25
CA ALA A 55 13.78 -18.43 -20.49
C ALA A 55 14.11 -16.96 -20.24
N ALA A 56 14.79 -16.68 -19.12
CA ALA A 56 15.17 -15.29 -18.83
C ALA A 56 16.11 -14.74 -19.90
N VAL A 57 17.13 -15.51 -20.30
CA VAL A 57 18.10 -15.03 -21.28
C VAL A 57 17.41 -14.73 -22.61
N ASP A 58 16.54 -15.64 -23.05
CA ASP A 58 15.85 -15.45 -24.32
C ASP A 58 15.00 -14.18 -24.28
N ALA A 59 14.13 -14.07 -23.28
CA ALA A 59 13.27 -12.88 -23.20
C ALA A 59 14.09 -11.61 -23.11
N MET A 60 15.15 -11.60 -22.29
CA MET A 60 15.93 -10.37 -22.14
C MET A 60 16.64 -9.98 -23.44
N ARG A 61 17.16 -10.96 -24.19
CA ARG A 61 17.84 -10.61 -25.43
C ARG A 61 16.85 -10.06 -26.44
N LYS A 62 15.69 -10.73 -26.56
CA LYS A 62 14.68 -10.28 -27.50
C LYS A 62 14.22 -8.86 -27.17
N ALA A 63 13.97 -8.58 -25.89
CA ALA A 63 13.51 -7.24 -25.54
C ALA A 63 14.64 -6.22 -25.71
N LEU A 64 15.87 -6.58 -25.36
CA LEU A 64 16.99 -5.65 -25.49
C LEU A 64 17.18 -5.21 -26.93
N ASN A 65 16.95 -6.11 -27.89
CA ASN A 65 17.19 -5.70 -29.27
C ASN A 65 16.16 -4.70 -29.77
N GLU A 66 15.11 -4.40 -29.01
CA GLU A 66 14.17 -3.37 -29.40
C GLU A 66 14.39 -2.05 -28.67
N VAL A 67 15.45 -1.94 -27.87
CA VAL A 67 15.80 -0.71 -27.17
C VAL A 67 16.71 0.12 -28.06
N ASP A 68 16.45 1.43 -28.13
CA ASP A 68 17.16 2.32 -29.04
C ASP A 68 18.51 2.70 -28.45
N ILE A 69 19.39 1.71 -28.41
CA ILE A 69 20.75 1.90 -27.94
C ILE A 69 21.71 1.18 -28.86
N ASP A 70 22.95 1.66 -28.87
CA ASP A 70 24.10 0.94 -29.41
C ASP A 70 24.80 0.37 -28.18
N GLY A 71 24.45 -0.85 -27.81
CA GLY A 71 24.88 -1.41 -26.54
C GLY A 71 25.97 -2.46 -26.69
N THR A 72 26.88 -2.47 -25.73
CA THR A 72 27.88 -3.53 -25.64
C THR A 72 27.80 -4.18 -24.28
N VAL A 73 27.57 -5.48 -24.26
CA VAL A 73 27.53 -6.26 -23.03
C VAL A 73 28.93 -6.28 -22.43
N VAL A 74 29.09 -5.67 -21.26
CA VAL A 74 30.34 -5.76 -20.52
C VAL A 74 30.20 -6.65 -19.29
N ILE A 75 28.99 -6.86 -18.80
CA ILE A 75 28.68 -7.84 -17.78
C ILE A 75 27.45 -8.60 -18.26
N GLY A 76 27.55 -9.92 -18.33
CA GLY A 76 26.51 -10.72 -18.96
C GLY A 76 26.58 -12.18 -18.56
N GLU A 77 26.15 -13.05 -19.47
CA GLU A 77 26.06 -14.47 -19.17
C GLU A 77 27.43 -15.13 -19.09
N GLY A 78 28.45 -14.53 -19.70
CA GLY A 78 29.77 -15.11 -19.69
C GLY A 78 30.45 -14.90 -21.03
N GLU A 79 31.54 -15.64 -21.26
CA GLU A 79 32.28 -15.50 -22.50
C GLU A 79 31.60 -16.29 -23.63
N LEU A 80 31.88 -15.88 -24.87
CA LEU A 80 31.12 -16.41 -26.01
C LEU A 80 31.23 -17.93 -26.13
N ASP A 81 32.40 -18.49 -25.81
CA ASP A 81 32.55 -19.93 -25.94
C ASP A 81 31.72 -20.69 -24.92
N GLU A 82 31.24 -20.02 -23.87
CA GLU A 82 30.40 -20.64 -22.86
C GLU A 82 28.98 -20.11 -22.84
N ALA A 83 28.74 -18.94 -23.42
CA ALA A 83 27.41 -18.32 -23.43
C ALA A 83 27.04 -17.96 -24.87
N PRO A 84 26.06 -18.65 -25.48
CA PRO A 84 25.69 -18.27 -26.85
C PRO A 84 24.97 -16.94 -26.94
N MET A 85 24.39 -16.44 -25.85
CA MET A 85 23.60 -15.22 -25.89
C MET A 85 23.96 -14.35 -24.69
N LEU A 86 24.00 -13.03 -24.91
CA LEU A 86 24.33 -12.06 -23.87
C LEU A 86 25.70 -12.35 -23.27
N TYR A 87 26.67 -12.61 -24.16
CA TYR A 87 28.06 -12.84 -23.79
C TYR A 87 28.82 -11.50 -23.74
N ILE A 88 29.93 -11.51 -23.01
CA ILE A 88 30.79 -10.34 -22.93
C ILE A 88 31.22 -9.92 -24.34
N GLY A 89 30.98 -8.67 -24.68
CA GLY A 89 31.31 -8.14 -25.97
C GLY A 89 30.17 -8.10 -26.97
N GLU A 90 29.11 -8.89 -26.76
CA GLU A 90 28.01 -8.91 -27.71
C GLU A 90 27.44 -7.52 -27.91
N LYS A 91 27.12 -7.20 -29.16
CA LYS A 91 26.42 -5.97 -29.50
C LYS A 91 24.92 -6.22 -29.42
N VAL A 92 24.20 -5.26 -28.86
CA VAL A 92 22.77 -5.39 -28.63
C VAL A 92 22.13 -4.02 -28.76
N GLY A 93 20.85 -4.02 -29.11
CA GLY A 93 20.08 -2.80 -29.24
C GLY A 93 19.69 -2.53 -30.68
N ALA A 94 18.67 -1.69 -30.82
CA ALA A 94 18.16 -1.31 -32.14
C ALA A 94 18.88 -0.12 -32.73
N GLY A 95 19.87 0.43 -32.03
CA GLY A 95 20.62 1.58 -32.54
C GLY A 95 20.27 2.84 -31.79
N GLY A 96 21.30 3.59 -31.41
CA GLY A 96 21.11 4.82 -30.64
C GLY A 96 22.40 5.20 -29.93
N CYS A 97 22.24 5.87 -28.79
CA CYS A 97 23.39 6.27 -27.99
C CYS A 97 24.21 5.04 -27.60
N GLU A 98 25.53 5.22 -27.52
CA GLU A 98 26.42 4.10 -27.20
C GLU A 98 26.50 3.92 -25.69
N VAL A 99 26.27 2.69 -25.24
CA VAL A 99 26.26 2.39 -23.80
C VAL A 99 26.93 1.05 -23.57
N ASP A 100 27.64 0.95 -22.45
CA ASP A 100 28.03 -0.33 -21.88
C ASP A 100 26.88 -0.86 -21.03
N ILE A 101 26.60 -2.15 -21.16
CA ILE A 101 25.44 -2.76 -20.54
C ILE A 101 25.92 -3.85 -19.59
N ALA A 102 25.47 -3.78 -18.34
CA ALA A 102 25.68 -4.84 -17.36
C ALA A 102 24.34 -5.54 -17.13
N LEU A 103 24.30 -6.84 -17.42
CA LEU A 103 23.05 -7.59 -17.43
C LEU A 103 23.07 -8.70 -16.38
N ASP A 104 21.89 -9.02 -15.84
CA ASP A 104 21.66 -10.30 -15.19
C ASP A 104 20.26 -10.74 -15.60
N PRO A 105 20.15 -11.57 -16.65
CA PRO A 105 18.82 -12.04 -17.10
C PRO A 105 18.01 -12.67 -15.98
N LEU A 106 18.65 -13.45 -15.12
CA LEU A 106 17.97 -13.97 -13.93
C LEU A 106 18.99 -14.08 -12.82
N GLU A 107 18.89 -13.18 -11.85
CA GLU A 107 19.71 -13.25 -10.64
C GLU A 107 18.96 -14.15 -9.67
N GLY A 108 19.46 -15.37 -9.52
CA GLY A 108 18.74 -16.40 -8.80
C GLY A 108 18.10 -17.45 -9.69
N THR A 109 18.91 -18.17 -10.47
CA THR A 109 18.38 -19.28 -11.27
C THR A 109 17.90 -20.41 -10.38
N THR A 110 18.73 -20.82 -9.41
CA THR A 110 18.34 -21.84 -8.45
C THR A 110 17.17 -21.37 -7.60
N ILE A 111 17.26 -20.13 -7.10
CA ILE A 111 16.15 -19.47 -6.40
C ILE A 111 14.86 -19.68 -7.17
N THR A 112 14.87 -19.28 -8.45
CA THR A 112 13.65 -19.33 -9.23
C THR A 112 13.17 -20.77 -9.37
N SER A 113 14.09 -21.69 -9.68
CA SER A 113 13.71 -23.10 -9.81
C SER A 113 13.04 -23.62 -8.54
N LYS A 114 13.43 -23.13 -7.37
CA LYS A 114 12.80 -23.61 -6.14
C LYS A 114 11.76 -22.65 -5.57
N GLY A 115 11.50 -21.52 -6.22
CA GLY A 115 10.56 -20.56 -5.68
C GLY A 115 11.02 -19.88 -4.41
N GLY A 116 12.33 -19.78 -4.22
CA GLY A 116 12.89 -19.11 -3.06
C GLY A 116 12.84 -17.60 -3.19
N ALA A 117 13.34 -16.93 -2.15
CA ALA A 117 13.28 -15.48 -2.09
C ALA A 117 14.43 -14.83 -2.84
N ASN A 118 14.16 -13.60 -3.32
CA ASN A 118 15.15 -12.61 -3.76
C ASN A 118 15.57 -12.79 -5.21
N ALA A 119 14.76 -13.46 -6.04
CA ALA A 119 15.07 -13.61 -7.45
C ALA A 119 14.65 -12.35 -8.21
N LEU A 120 15.56 -11.85 -9.05
CA LEU A 120 15.40 -10.59 -9.78
C LEU A 120 15.86 -10.77 -11.21
N THR A 121 15.37 -9.90 -12.10
CA THR A 121 16.00 -9.65 -13.39
C THR A 121 16.55 -8.22 -13.35
N VAL A 122 17.75 -8.02 -13.93
CA VAL A 122 18.50 -6.78 -13.71
C VAL A 122 19.10 -6.30 -15.01
N LEU A 123 19.08 -4.98 -15.22
CA LEU A 123 19.65 -4.36 -16.40
C LEU A 123 20.21 -3.00 -16.02
N ALA A 124 21.49 -2.78 -16.24
CA ALA A 124 22.11 -1.50 -15.98
C ALA A 124 22.85 -1.02 -17.23
N MET A 125 22.93 0.30 -17.36
CA MET A 125 23.56 0.91 -18.52
C MET A 125 24.44 2.07 -18.05
N ALA A 126 25.61 2.21 -18.69
CA ALA A 126 26.54 3.29 -18.40
C ALA A 126 27.10 3.80 -19.71
N ASP A 127 27.68 5.00 -19.66
CA ASP A 127 28.54 5.41 -20.76
C ASP A 127 29.76 4.50 -20.82
N LYS A 128 30.42 4.49 -21.98
CA LYS A 128 31.53 3.57 -22.22
C LYS A 128 32.53 3.63 -21.09
N GLY A 129 32.92 2.45 -20.60
CA GLY A 129 33.89 2.34 -19.52
C GLY A 129 33.35 2.60 -18.13
N GLY A 130 32.02 2.68 -17.96
CA GLY A 130 31.46 3.06 -16.67
C GLY A 130 31.48 1.96 -15.62
N PHE A 131 31.45 0.70 -16.05
CA PHE A 131 31.46 -0.43 -15.13
C PHE A 131 32.87 -1.00 -15.00
N LEU A 132 33.24 -1.36 -13.76
CA LEU A 132 34.49 -2.08 -13.53
C LEU A 132 34.55 -3.33 -14.38
N ASN A 133 35.60 -3.43 -15.19
CA ASN A 133 35.82 -4.61 -16.02
C ASN A 133 36.64 -5.59 -15.19
N ALA A 134 35.92 -6.45 -14.47
CA ALA A 134 36.48 -7.46 -13.59
C ALA A 134 36.23 -8.86 -14.15
N PRO A 135 37.09 -9.81 -13.82
CA PRO A 135 36.81 -11.20 -14.20
C PRO A 135 35.74 -11.80 -13.31
N ASP A 136 35.19 -12.91 -13.77
CA ASP A 136 34.09 -13.57 -13.07
C ASP A 136 34.68 -14.39 -11.92
N VAL A 137 34.95 -13.69 -10.81
CA VAL A 137 35.56 -14.25 -9.61
C VAL A 137 34.79 -13.75 -8.39
N TYR A 138 35.09 -14.35 -7.24
CA TYR A 138 34.46 -13.92 -6.01
C TYR A 138 34.93 -12.52 -5.61
N MET A 139 34.06 -11.84 -4.85
CA MET A 139 34.27 -10.46 -4.45
C MET A 139 33.75 -10.31 -3.03
N GLN A 140 34.62 -9.85 -2.14
CA GLN A 140 34.22 -9.40 -0.82
C GLN A 140 33.49 -8.08 -0.95
N LYS A 141 32.36 -7.96 -0.24
CA LYS A 141 31.50 -6.80 -0.30
C LYS A 141 31.15 -6.34 1.10
N ILE A 142 31.10 -5.03 1.28
CA ILE A 142 30.47 -4.43 2.46
C ILE A 142 29.71 -3.18 1.98
N ALA A 143 28.46 -3.06 2.41
CA ALA A 143 27.56 -2.04 1.87
C ALA A 143 26.63 -1.53 2.96
N VAL A 144 26.40 -0.21 2.92
CA VAL A 144 25.44 0.45 3.78
C VAL A 144 24.72 1.49 2.94
N GLY A 145 23.47 1.80 3.29
CA GLY A 145 22.71 2.81 2.60
C GLY A 145 22.71 4.16 3.31
N GLY A 146 22.26 5.18 2.58
CA GLY A 146 22.10 6.52 3.13
C GLY A 146 22.85 7.58 2.34
N ILE A 147 22.13 8.59 1.83
CA ILE A 147 22.74 9.63 1.00
C ILE A 147 23.90 10.33 1.72
N ASN A 148 23.81 10.48 3.03
CA ASN A 148 24.82 11.20 3.80
C ASN A 148 25.94 10.32 4.32
N ALA A 149 25.93 9.03 4.00
CA ALA A 149 26.98 8.13 4.46
C ALA A 149 28.30 8.56 3.83
N PRO A 150 29.32 8.87 4.61
CA PRO A 150 30.56 9.37 4.02
C PRO A 150 31.45 8.25 3.49
N LYS A 151 32.23 8.61 2.48
CA LYS A 151 33.32 7.77 2.01
C LYS A 151 34.19 7.34 3.18
N GLY A 152 34.43 6.03 3.29
CA GLY A 152 35.23 5.47 4.36
C GLY A 152 34.47 4.96 5.55
N ILE A 153 33.13 5.10 5.55
CA ILE A 153 32.34 4.59 6.67
C ILE A 153 32.49 3.08 6.79
N VAL A 154 32.67 2.40 5.66
CA VAL A 154 32.94 0.98 5.63
C VAL A 154 34.28 0.78 4.92
N ASP A 155 35.09 -0.12 5.46
CA ASP A 155 36.35 -0.49 4.82
C ASP A 155 36.64 -1.94 5.12
N LEU A 156 36.97 -2.70 4.07
CA LEU A 156 37.17 -4.14 4.20
C LEU A 156 38.39 -4.50 5.06
N ASP A 157 39.32 -3.58 5.27
CA ASP A 157 40.48 -3.89 6.09
C ASP A 157 40.23 -3.65 7.56
N ASP A 158 39.20 -2.91 7.91
CA ASP A 158 38.82 -2.77 9.30
C ASP A 158 38.06 -4.01 9.75
N SER A 159 37.87 -4.13 11.06
CA SER A 159 37.17 -5.28 11.56
C SER A 159 35.66 -5.12 11.34
N VAL A 160 34.96 -6.25 11.35
CA VAL A 160 33.49 -6.20 11.36
C VAL A 160 33.03 -5.29 12.49
N THR A 161 33.66 -5.42 13.66
CA THR A 161 33.21 -4.67 14.83
C THR A 161 33.32 -3.17 14.62
N ASN A 162 34.44 -2.72 14.03
CA ASN A 162 34.65 -1.28 13.87
C ASN A 162 33.76 -0.71 12.77
N ASN A 163 33.62 -1.43 11.66
CA ASN A 163 32.64 -1.06 10.64
C ASN A 163 31.24 -0.89 11.26
N LEU A 164 30.82 -1.86 12.08
CA LEU A 164 29.47 -1.82 12.62
C LEU A 164 29.34 -0.72 13.67
N LYS A 165 30.40 -0.44 14.42
CA LYS A 165 30.33 0.69 15.35
C LYS A 165 30.15 2.00 14.59
N ARG A 166 30.84 2.14 13.45
CA ARG A 166 30.72 3.37 12.68
C ARG A 166 29.33 3.48 12.06
N ILE A 167 28.78 2.37 11.62
CA ILE A 167 27.45 2.40 11.02
C ILE A 167 26.41 2.73 12.09
N ALA A 168 26.50 2.10 13.25
CA ALA A 168 25.58 2.39 14.34
C ALA A 168 25.63 3.86 14.72
N GLU A 169 26.84 4.45 14.76
CA GLU A 169 26.88 5.87 15.12
C GLU A 169 26.28 6.73 14.01
N PHE A 170 26.56 6.40 12.75
CA PHE A 170 26.02 7.21 11.64
C PHE A 170 24.49 7.14 11.59
N LYS A 171 23.92 5.97 11.87
CA LYS A 171 22.47 5.81 11.87
C LYS A 171 21.81 6.22 13.17
N GLY A 172 22.59 6.51 14.22
CA GLY A 172 22.01 6.96 15.46
C GLY A 172 21.25 5.90 16.22
N VAL A 173 21.75 4.65 16.22
CA VAL A 173 21.10 3.56 16.94
C VAL A 173 22.13 2.77 17.71
N HIS A 174 21.67 2.16 18.80
CA HIS A 174 22.43 1.16 19.53
C HIS A 174 22.83 0.03 18.60
N MET A 175 23.99 -0.58 18.89
CA MET A 175 24.48 -1.66 18.04
C MET A 175 23.45 -2.78 17.88
N SER A 176 22.69 -3.05 18.93
CA SER A 176 21.72 -4.16 18.90
C SER A 176 20.57 -3.91 17.93
N ALA A 177 20.35 -2.66 17.51
CA ALA A 177 19.28 -2.37 16.56
C ALA A 177 19.66 -2.75 15.14
N LEU A 178 20.96 -2.76 14.84
CA LEU A 178 21.40 -2.97 13.46
C LEU A 178 21.04 -4.38 12.98
N VAL A 179 20.63 -4.46 11.73
CA VAL A 179 20.33 -5.73 11.08
C VAL A 179 21.34 -5.89 9.96
N VAL A 180 22.25 -6.85 10.13
CA VAL A 180 23.27 -7.14 9.14
C VAL A 180 22.80 -8.34 8.35
N CYS A 181 22.91 -8.27 7.03
CA CYS A 181 22.50 -9.35 6.15
C CYS A 181 23.71 -9.98 5.49
N THR A 182 23.68 -11.30 5.38
CA THR A 182 24.71 -12.02 4.66
C THR A 182 24.12 -13.35 4.20
N MET A 183 24.83 -14.01 3.31
CA MET A 183 24.38 -15.30 2.81
C MET A 183 24.78 -16.42 3.75
N ASP A 184 23.92 -17.44 3.79
CA ASP A 184 24.07 -18.62 4.65
C ASP A 184 25.08 -19.55 4.00
N ARG A 185 26.36 -19.34 4.32
CA ARG A 185 27.48 -20.08 3.75
C ARG A 185 28.53 -20.26 4.83
N PRO A 186 29.28 -21.36 4.80
CA PRO A 186 30.41 -21.52 5.74
C PRO A 186 31.41 -20.36 5.70
N ARG A 187 31.70 -19.83 4.51
CA ARG A 187 32.68 -18.75 4.38
C ARG A 187 32.29 -17.51 5.16
N HIS A 188 31.04 -17.39 5.61
CA HIS A 188 30.59 -16.22 6.34
C HIS A 188 30.51 -16.46 7.83
N GLU A 189 30.85 -17.66 8.30
CA GLU A 189 30.76 -17.95 9.74
C GLU A 189 31.42 -16.88 10.58
N HIS A 190 32.68 -16.55 10.29
CA HIS A 190 33.38 -15.53 11.07
C HIS A 190 32.58 -14.25 11.15
N ILE A 191 32.15 -13.72 9.99
CA ILE A 191 31.31 -12.51 9.98
C ILE A 191 30.15 -12.68 10.94
N ILE A 192 29.41 -13.78 10.78
CA ILE A 192 28.24 -14.03 11.62
C ILE A 192 28.61 -13.94 13.08
N LYS A 193 29.66 -14.65 13.47
CA LYS A 193 29.98 -14.66 14.90
C LYS A 193 30.38 -13.27 15.36
N GLU A 194 31.26 -12.61 14.60
CA GLU A 194 31.78 -11.35 15.12
C GLU A 194 30.67 -10.31 15.26
N ALA A 195 29.90 -10.08 14.18
CA ALA A 195 28.73 -9.21 14.26
C ALA A 195 27.89 -9.54 15.49
N ARG A 196 27.52 -10.81 15.67
CA ARG A 196 26.70 -11.17 16.82
C ARG A 196 27.43 -10.90 18.13
N GLU A 197 28.74 -11.16 18.17
CA GLU A 197 29.49 -10.91 19.39
C GLU A 197 29.57 -9.42 19.72
N CYS A 198 29.51 -8.54 18.71
CA CYS A 198 29.49 -7.13 19.10
C CYS A 198 28.09 -6.61 19.39
N GLY A 199 27.04 -7.41 19.19
CA GLY A 199 25.69 -7.04 19.62
C GLY A 199 24.67 -6.94 18.52
N ALA A 200 25.05 -7.00 17.26
CA ALA A 200 24.11 -6.79 16.16
C ALA A 200 23.26 -8.03 15.93
N ARG A 201 22.17 -7.81 15.22
CA ARG A 201 21.33 -8.88 14.69
C ARG A 201 21.79 -9.22 13.28
N VAL A 202 21.87 -10.51 12.95
CA VAL A 202 22.40 -10.95 11.67
C VAL A 202 21.42 -11.93 11.05
N ILE A 203 20.82 -11.52 9.94
CA ILE A 203 19.86 -12.35 9.23
C ILE A 203 20.50 -12.92 7.97
N LEU A 204 20.12 -14.15 7.65
CA LEU A 204 20.74 -14.90 6.58
C LEU A 204 19.80 -15.04 5.40
N ILE A 205 20.34 -14.88 4.20
CA ILE A 205 19.62 -15.20 2.98
C ILE A 205 20.28 -16.40 2.32
N ASN A 206 19.46 -17.23 1.67
CA ASN A 206 19.96 -18.43 1.00
C ASN A 206 20.66 -18.09 -0.29
N ASP A 207 20.19 -17.06 -0.99
CA ASP A 207 20.88 -16.61 -2.18
C ASP A 207 20.38 -15.22 -2.56
N GLY A 208 21.10 -14.60 -3.48
CA GLY A 208 20.68 -13.34 -4.06
C GLY A 208 21.25 -12.11 -3.38
N ASP A 209 22.57 -11.96 -3.40
CA ASP A 209 23.22 -10.85 -2.73
C ASP A 209 23.16 -9.56 -3.54
N VAL A 210 22.61 -9.60 -4.76
CA VAL A 210 22.22 -8.35 -5.43
C VAL A 210 21.14 -7.66 -4.62
N SER A 211 20.02 -8.36 -4.42
CA SER A 211 18.93 -7.85 -3.60
C SER A 211 19.40 -7.62 -2.17
N GLY A 212 20.28 -8.50 -1.65
CA GLY A 212 20.81 -8.30 -0.33
C GLY A 212 21.52 -6.96 -0.18
N VAL A 213 22.35 -6.60 -1.16
CA VAL A 213 23.09 -5.34 -1.05
C VAL A 213 22.19 -4.15 -1.33
N ILE A 214 21.32 -4.26 -2.33
CA ILE A 214 20.45 -3.13 -2.64
C ILE A 214 19.45 -2.88 -1.51
N ALA A 215 19.10 -3.91 -0.73
CA ALA A 215 18.18 -3.73 0.39
C ALA A 215 18.68 -2.69 1.39
N THR A 216 20.00 -2.50 1.51
CA THR A 216 20.50 -1.55 2.52
C THR A 216 20.05 -0.13 2.23
N ALA A 217 19.77 0.19 0.98
CA ALA A 217 19.31 1.52 0.61
C ALA A 217 17.87 1.51 0.11
N THR A 218 17.10 0.48 0.45
CA THR A 218 15.70 0.33 0.04
C THR A 218 14.80 0.60 1.23
N GLU A 219 13.77 1.41 1.03
CA GLU A 219 12.88 1.77 2.13
C GLU A 219 12.19 0.52 2.68
N ASN A 220 12.12 0.44 4.01
CA ASN A 220 11.40 -0.62 4.72
C ASN A 220 11.90 -2.02 4.41
N SER A 221 13.14 -2.16 3.92
CA SER A 221 13.69 -3.51 3.76
C SER A 221 14.00 -4.14 5.11
N GLY A 222 14.31 -3.34 6.14
CA GLY A 222 14.71 -3.89 7.42
C GLY A 222 16.14 -4.39 7.46
N ILE A 223 16.93 -4.08 6.44
CA ILE A 223 18.33 -4.48 6.36
C ILE A 223 19.17 -3.21 6.36
N ASP A 224 20.13 -3.13 7.29
CA ASP A 224 20.95 -1.94 7.47
C ASP A 224 22.32 -2.07 6.83
N VAL A 225 22.90 -3.27 6.87
CA VAL A 225 24.25 -3.50 6.37
C VAL A 225 24.26 -4.83 5.65
N TYR A 226 24.98 -4.88 4.54
CA TYR A 226 25.32 -6.15 3.93
C TYR A 226 26.84 -6.36 4.05
N ILE A 227 27.24 -7.54 4.49
CA ILE A 227 28.65 -7.95 4.52
C ILE A 227 28.72 -9.38 4.01
N GLY A 228 29.36 -9.59 2.87
CA GLY A 228 29.48 -10.97 2.39
C GLY A 228 30.34 -11.07 1.14
N THR A 229 30.69 -12.31 0.80
CA THR A 229 31.43 -12.59 -0.42
C THR A 229 30.52 -13.28 -1.43
N GLY A 230 30.56 -12.82 -2.66
CA GLY A 230 29.67 -13.29 -3.70
C GLY A 230 30.25 -13.03 -5.07
N GLY A 231 29.39 -13.08 -6.09
CA GLY A 231 29.85 -12.86 -7.45
C GLY A 231 30.28 -11.41 -7.67
N ALA A 232 31.35 -11.25 -8.46
CA ALA A 232 31.82 -9.91 -8.83
C ALA A 232 30.84 -9.17 -9.74
N PRO A 233 30.28 -9.80 -10.79
CA PRO A 233 29.28 -9.07 -11.60
C PRO A 233 28.08 -8.61 -10.79
N GLU A 234 27.62 -9.45 -9.87
CA GLU A 234 26.54 -9.07 -8.96
C GLU A 234 26.95 -7.91 -8.07
N GLY A 235 28.22 -7.88 -7.68
CA GLY A 235 28.71 -6.75 -6.91
C GLY A 235 28.66 -5.46 -7.69
N VAL A 236 29.01 -5.52 -8.98
CA VAL A 236 28.96 -4.30 -9.79
C VAL A 236 27.52 -3.83 -9.97
N LEU A 237 26.61 -4.76 -10.26
CA LEU A 237 25.21 -4.40 -10.44
C LEU A 237 24.65 -3.73 -9.19
N ALA A 238 24.93 -4.31 -8.03
CA ALA A 238 24.45 -3.74 -6.78
C ALA A 238 25.07 -2.36 -6.56
N ALA A 239 26.35 -2.19 -6.91
CA ALA A 239 26.96 -0.88 -6.75
C ALA A 239 26.30 0.16 -7.67
N ALA A 240 25.89 -0.25 -8.87
CA ALA A 240 25.22 0.70 -9.75
C ALA A 240 23.91 1.19 -9.12
N ALA A 241 23.14 0.25 -8.59
CA ALA A 241 21.91 0.66 -7.93
C ALA A 241 22.20 1.57 -6.73
N LEU A 242 23.19 1.22 -5.91
CA LEU A 242 23.51 2.05 -4.76
C LEU A 242 24.02 3.42 -5.17
N LYS A 243 24.67 3.52 -6.34
CA LYS A 243 25.05 4.83 -6.83
C LYS A 243 23.82 5.69 -7.06
N CYS A 244 22.74 5.08 -7.58
CA CYS A 244 21.51 5.87 -7.74
C CYS A 244 20.76 6.10 -6.43
N LEU A 245 20.72 5.12 -5.54
CA LEU A 245 19.92 5.24 -4.31
C LEU A 245 20.64 6.04 -3.23
N GLY A 246 21.97 6.06 -3.24
CA GLY A 246 22.69 6.72 -2.18
C GLY A 246 23.17 5.71 -1.16
N GLY A 247 24.47 5.67 -0.92
CA GLY A 247 25.03 4.71 0.00
C GLY A 247 26.53 4.58 -0.24
N GLN A 248 27.14 3.69 0.52
CA GLN A 248 28.55 3.40 0.37
C GLN A 248 28.76 1.91 0.27
N MET A 249 29.75 1.53 -0.53
CA MET A 249 30.06 0.13 -0.75
C MET A 249 31.53 0.00 -1.11
N GLN A 250 32.17 -1.00 -0.52
CA GLN A 250 33.54 -1.34 -0.85
C GLN A 250 33.60 -2.81 -1.20
N ALA A 251 34.39 -3.10 -2.23
CA ALA A 251 34.56 -4.44 -2.76
C ALA A 251 36.04 -4.76 -2.82
N ARG A 252 36.35 -6.05 -2.86
CA ARG A 252 37.71 -6.51 -3.11
C ARG A 252 37.62 -7.83 -3.86
N LEU A 253 38.31 -7.91 -4.99
CA LEU A 253 38.30 -9.14 -5.77
C LEU A 253 39.15 -10.21 -5.08
N ILE A 254 38.69 -11.45 -5.20
CA ILE A 254 39.35 -12.60 -4.61
C ILE A 254 39.82 -13.52 -5.73
N PHE A 255 41.02 -14.07 -5.58
CA PHE A 255 41.60 -14.96 -6.58
C PHE A 255 41.96 -16.29 -5.94
N ASN A 256 41.42 -17.37 -6.51
CA ASN A 256 41.52 -18.71 -5.93
C ASN A 256 42.47 -19.63 -6.69
N ASP A 257 42.94 -19.26 -7.87
CA ASP A 257 43.97 -20.05 -8.54
C ASP A 257 44.71 -19.17 -9.55
N GLU A 258 45.69 -19.80 -10.21
CA GLU A 258 46.53 -19.05 -11.14
C GLU A 258 45.74 -18.63 -12.36
N GLU A 259 44.75 -19.43 -12.78
CA GLU A 259 43.98 -19.08 -13.97
C GLU A 259 43.13 -17.83 -13.73
N GLU A 260 42.62 -17.66 -12.51
CA GLU A 260 41.85 -16.44 -12.21
C GLU A 260 42.75 -15.21 -12.20
N ILE A 261 43.95 -15.33 -11.63
CA ILE A 261 44.92 -14.23 -11.67
C ILE A 261 45.26 -13.89 -13.12
N LYS A 262 45.39 -14.92 -13.96
CA LYS A 262 45.60 -14.67 -15.38
C LYS A 262 44.43 -13.91 -15.99
N ARG A 263 43.19 -14.23 -15.57
CA ARG A 263 42.06 -13.47 -16.06
C ARG A 263 42.22 -12.00 -15.72
N ALA A 264 42.51 -11.71 -14.44
CA ALA A 264 42.75 -10.33 -14.02
C ALA A 264 43.82 -9.67 -14.89
N HIS A 265 44.95 -10.37 -15.11
CA HIS A 265 46.06 -9.75 -15.83
C HIS A 265 45.68 -9.41 -17.28
N ARG A 266 44.99 -10.32 -17.97
CA ARG A 266 44.59 -10.00 -19.34
C ARG A 266 43.64 -8.82 -19.37
N LEU A 267 42.91 -8.57 -18.28
CA LEU A 267 42.04 -7.41 -18.32
C LEU A 267 42.68 -6.14 -17.75
N GLY A 268 43.98 -6.15 -17.51
CA GLY A 268 44.67 -4.96 -17.05
C GLY A 268 44.70 -4.77 -15.54
N ILE A 269 44.40 -5.80 -14.77
CA ILE A 269 44.36 -5.73 -13.32
C ILE A 269 45.58 -6.47 -12.76
N THR A 270 46.46 -5.73 -12.09
CA THR A 270 47.60 -6.32 -11.41
C THR A 270 47.57 -6.15 -9.90
N ASP A 271 46.91 -5.10 -9.40
CA ASP A 271 46.73 -4.88 -7.96
C ASP A 271 45.61 -5.80 -7.49
N LEU A 272 45.97 -7.02 -7.12
CA LEU A 272 44.98 -8.03 -6.80
C LEU A 272 44.24 -7.76 -5.49
N ASN A 273 44.82 -6.99 -4.59
CA ASN A 273 44.18 -6.68 -3.33
C ASN A 273 43.53 -5.30 -3.33
N LYS A 274 43.31 -4.72 -4.51
CA LYS A 274 42.71 -3.40 -4.58
C LYS A 274 41.33 -3.38 -3.93
N LYS A 275 41.08 -2.35 -3.12
CA LYS A 275 39.75 -2.08 -2.58
C LYS A 275 39.05 -1.10 -3.50
N TYR A 276 37.98 -1.55 -4.15
CA TYR A 276 37.20 -0.71 -5.04
C TYR A 276 36.09 -0.03 -4.24
N ASP A 277 35.96 1.27 -4.43
CA ASP A 277 34.80 1.92 -3.86
C ASP A 277 33.70 2.03 -4.91
N ILE A 278 32.57 2.55 -4.45
CA ILE A 278 31.37 2.57 -5.29
C ILE A 278 31.66 3.24 -6.62
N ASP A 279 32.47 4.31 -6.61
CA ASP A 279 32.81 5.02 -7.84
C ASP A 279 33.76 4.19 -8.71
N ASP A 280 34.55 3.29 -8.12
CA ASP A 280 35.39 2.41 -8.94
C ASP A 280 34.58 1.30 -9.59
N LEU A 281 33.44 0.92 -9.01
CA LEU A 281 32.65 -0.15 -9.61
C LEU A 281 31.76 0.34 -10.73
N ALA A 282 31.12 1.50 -10.56
CA ALA A 282 30.15 2.04 -11.53
C ALA A 282 30.24 3.55 -11.52
N SER A 283 30.76 4.16 -12.58
CA SER A 283 31.00 5.60 -12.54
C SER A 283 30.25 6.29 -13.67
N GLY A 284 30.04 7.60 -13.47
CA GLY A 284 29.37 8.41 -14.47
C GLY A 284 27.86 8.26 -14.43
N ASP A 285 27.23 8.52 -15.57
CA ASP A 285 25.79 8.41 -15.74
C ASP A 285 25.40 6.94 -15.79
N ILE A 286 24.58 6.49 -14.83
CA ILE A 286 24.18 5.09 -14.71
C ILE A 286 22.66 5.04 -14.66
N VAL A 287 22.06 4.13 -15.44
CA VAL A 287 20.65 3.77 -15.32
C VAL A 287 20.59 2.34 -14.79
N PHE A 288 19.76 2.10 -13.77
CA PHE A 288 19.60 0.76 -13.21
C PHE A 288 18.11 0.42 -13.22
N ALA A 289 17.78 -0.81 -13.65
CA ALA A 289 16.41 -1.31 -13.71
C ALA A 289 16.38 -2.74 -13.20
N ALA A 290 15.34 -3.08 -12.44
CA ALA A 290 15.17 -4.43 -11.92
C ALA A 290 13.69 -4.77 -11.78
N THR A 291 13.36 -6.04 -12.02
CA THR A 291 12.00 -6.53 -11.80
C THR A 291 12.04 -7.77 -10.90
N GLY A 292 11.13 -7.83 -9.93
CA GLY A 292 11.05 -9.00 -9.08
C GLY A 292 10.55 -10.23 -9.82
N VAL A 293 11.16 -11.39 -9.52
CA VAL A 293 10.66 -12.67 -9.99
C VAL A 293 9.92 -13.35 -8.85
N THR A 294 10.62 -13.58 -7.74
CA THR A 294 9.97 -14.01 -6.50
C THR A 294 9.99 -12.85 -5.50
N ASP A 295 9.16 -12.98 -4.46
CA ASP A 295 9.22 -12.02 -3.36
C ASP A 295 10.63 -11.98 -2.76
N GLY A 296 11.10 -10.77 -2.46
CA GLY A 296 12.45 -10.61 -1.93
C GLY A 296 12.59 -9.43 -1.00
N ASN A 297 13.80 -9.13 -0.51
CA ASN A 297 13.92 -8.02 0.41
C ASN A 297 14.09 -6.69 -0.31
N MET A 298 14.01 -6.68 -1.64
CA MET A 298 14.06 -5.46 -2.42
C MET A 298 12.81 -5.22 -3.24
N LEU A 299 12.27 -6.26 -3.87
CA LEU A 299 11.08 -6.18 -4.73
C LEU A 299 10.17 -7.37 -4.49
N GLN A 300 8.86 -7.15 -4.66
CA GLN A 300 7.89 -8.24 -4.71
C GLN A 300 7.97 -8.97 -6.06
N GLY A 301 7.62 -10.27 -6.04
CA GLY A 301 7.64 -11.07 -7.25
C GLY A 301 6.33 -11.01 -8.02
N VAL A 302 6.34 -11.67 -9.18
CA VAL A 302 5.18 -11.69 -10.07
C VAL A 302 4.03 -12.43 -9.40
N LYS A 303 2.80 -11.95 -9.61
CA LYS A 303 1.63 -12.64 -9.06
C LYS A 303 0.55 -12.78 -10.12
N ARG A 304 -0.25 -13.86 -10.01
CA ARG A 304 -1.45 -14.03 -10.83
C ARG A 304 -2.63 -13.34 -10.16
N VAL A 305 -3.38 -12.53 -10.91
CA VAL A 305 -4.46 -11.75 -10.33
C VAL A 305 -5.71 -11.98 -11.17
N ASN A 306 -6.85 -12.09 -10.48
CA ASN A 306 -8.16 -12.14 -11.10
C ASN A 306 -8.88 -10.82 -10.91
N SER A 307 -9.69 -10.46 -11.90
CA SER A 307 -10.60 -9.35 -11.71
C SER A 307 -11.66 -9.43 -12.79
N THR A 308 -12.91 -9.15 -12.42
CA THR A 308 -13.94 -9.05 -13.44
C THR A 308 -13.77 -7.77 -14.23
N ARG A 309 -13.22 -6.72 -13.60
CA ARG A 309 -13.11 -5.43 -14.26
C ARG A 309 -12.20 -5.47 -15.49
N ARG A 310 -11.04 -6.12 -15.38
CA ARG A 310 -10.15 -6.19 -16.54
C ARG A 310 -9.75 -7.60 -16.94
N GLY A 311 -10.29 -8.62 -16.30
CA GLY A 311 -9.87 -9.96 -16.60
C GLY A 311 -8.66 -10.33 -15.77
N SER A 312 -8.13 -11.51 -16.03
CA SER A 312 -6.97 -11.98 -15.28
C SER A 312 -5.68 -11.42 -15.88
N TYR A 313 -4.70 -11.21 -15.02
CA TYR A 313 -3.44 -10.62 -15.47
C TYR A 313 -2.33 -11.02 -14.52
N ALA A 314 -1.10 -10.88 -14.99
CA ALA A 314 0.08 -11.01 -14.15
C ALA A 314 0.54 -9.62 -13.73
N VAL A 315 0.88 -9.47 -12.45
CA VAL A 315 1.41 -8.21 -11.93
C VAL A 315 2.90 -8.37 -11.73
N THR A 316 3.66 -7.41 -12.26
CA THR A 316 5.08 -7.30 -12.00
C THR A 316 5.40 -6.04 -11.20
N HIS A 317 6.49 -6.10 -10.43
CA HIS A 317 6.93 -4.99 -9.61
C HIS A 317 8.39 -4.68 -9.98
N SER A 318 8.65 -3.44 -10.40
CA SER A 318 9.94 -3.05 -10.94
C SER A 318 10.40 -1.75 -10.30
N VAL A 319 11.68 -1.47 -10.47
CA VAL A 319 12.26 -0.18 -10.11
C VAL A 319 13.22 0.23 -11.21
N VAL A 320 13.23 1.54 -11.53
CA VAL A 320 14.22 2.10 -12.45
C VAL A 320 14.72 3.42 -11.85
N MET A 321 16.01 3.69 -12.03
CA MET A 321 16.66 4.78 -11.34
C MET A 321 17.85 5.26 -12.17
N ARG A 322 18.27 6.49 -11.91
CA ARG A 322 19.35 7.13 -12.65
C ARG A 322 20.26 7.89 -11.69
N SER A 323 21.58 7.75 -11.87
CA SER A 323 22.51 8.32 -10.91
C SER A 323 22.61 9.84 -11.02
N THR A 324 22.46 10.38 -12.23
CA THR A 324 22.60 11.82 -12.41
C THR A 324 21.49 12.59 -11.72
N THR A 325 20.25 12.16 -11.92
CA THR A 325 19.07 12.86 -11.39
C THR A 325 18.67 12.36 -10.01
N LYS A 326 19.05 11.14 -9.67
CA LYS A 326 18.64 10.44 -8.46
C LYS A 326 17.13 10.19 -8.43
N THR A 327 16.44 10.39 -9.56
CA THR A 327 15.03 10.01 -9.65
C THR A 327 14.89 8.50 -9.58
N VAL A 328 13.95 8.02 -8.76
CA VAL A 328 13.68 6.61 -8.61
C VAL A 328 12.20 6.41 -8.89
N ARG A 329 11.88 5.42 -9.72
CA ARG A 329 10.50 5.12 -10.05
C ARG A 329 10.21 3.67 -9.70
N HIS A 330 9.12 3.46 -8.96
CA HIS A 330 8.60 2.14 -8.63
C HIS A 330 7.41 1.90 -9.53
N ILE A 331 7.47 0.82 -10.34
CA ILE A 331 6.49 0.54 -11.38
C ILE A 331 5.73 -0.73 -11.02
N THR A 332 4.41 -0.64 -10.94
CA THR A 332 3.54 -1.81 -10.83
C THR A 332 2.82 -1.99 -12.17
N ALA A 333 3.03 -3.14 -12.81
CA ALA A 333 2.56 -3.34 -14.18
C ALA A 333 1.57 -4.50 -14.24
N GLU A 334 0.47 -4.27 -14.94
CA GLU A 334 -0.59 -5.24 -15.16
C GLU A 334 -0.50 -5.75 -16.58
N HIS A 335 -0.18 -7.04 -16.74
CA HIS A 335 0.00 -7.69 -18.04
C HIS A 335 -1.13 -8.67 -18.26
N SER A 336 -1.98 -8.40 -19.24
CA SER A 336 -3.15 -9.26 -19.42
C SER A 336 -2.72 -10.68 -19.81
N PHE A 337 -3.42 -11.67 -19.26
CA PHE A 337 -3.06 -13.05 -19.55
C PHE A 337 -4.22 -13.96 -19.15
N ASP A 338 -4.53 -14.91 -20.02
CA ASP A 338 -5.57 -15.89 -19.79
C ASP A 338 -4.90 -17.11 -19.15
N PHE A 339 -5.09 -17.30 -17.85
CA PHE A 339 -4.40 -18.40 -17.18
C PHE A 339 -5.08 -19.74 -17.42
N LYS A 340 -6.05 -19.79 -18.33
CA LYS A 340 -6.54 -21.06 -18.84
C LYS A 340 -5.57 -21.70 -19.83
N GLU A 341 -4.67 -20.91 -20.44
CA GLU A 341 -3.57 -21.44 -21.23
C GLU A 341 -2.39 -21.79 -20.36
N GLY A 342 -1.44 -22.51 -20.96
CA GLY A 342 -0.21 -22.83 -20.25
C GLY A 342 0.58 -21.57 -19.91
N ILE A 343 1.20 -21.58 -18.73
CA ILE A 343 1.95 -20.42 -18.26
C ILE A 343 3.15 -20.12 -19.15
N GLU A 344 3.67 -21.13 -19.85
CA GLU A 344 4.87 -20.94 -20.67
C GLU A 344 4.60 -20.10 -21.91
N LYS A 345 3.36 -19.66 -22.12
CA LYS A 345 3.09 -18.61 -23.09
C LYS A 345 3.77 -17.30 -22.71
N PHE A 346 4.22 -17.15 -21.46
CA PHE A 346 4.99 -15.96 -21.08
C PHE A 346 6.42 -16.00 -21.58
N MET A 347 6.90 -17.12 -22.13
CA MET A 347 8.24 -17.17 -22.67
C MET A 347 8.25 -16.51 -24.05
N SER A 348 9.37 -15.86 -24.36
CA SER A 348 9.50 -15.14 -25.61
C SER A 348 9.59 -16.08 -26.81
N MET B 21 -18.02 -16.19 23.98
CA MET B 21 -16.90 -15.26 23.92
C MET B 21 -17.36 -13.83 23.71
N ASN B 22 -16.92 -12.94 24.60
CA ASN B 22 -17.18 -11.52 24.41
C ASN B 22 -16.47 -11.03 23.16
N ARG B 23 -17.16 -10.17 22.41
CA ARG B 23 -16.58 -9.58 21.22
C ARG B 23 -15.26 -8.86 21.49
N LYS B 24 -14.99 -8.47 22.74
CA LYS B 24 -13.78 -7.71 23.04
C LYS B 24 -12.51 -8.54 22.95
N VAL B 25 -12.61 -9.85 23.23
CA VAL B 25 -11.41 -10.66 23.33
C VAL B 25 -10.77 -10.85 21.96
N ALA B 26 -11.55 -10.77 20.90
CA ALA B 26 -11.01 -10.86 19.55
C ALA B 26 -9.91 -9.83 19.34
N LEU B 27 -10.26 -8.55 19.47
CA LEU B 27 -9.24 -7.51 19.33
C LEU B 27 -8.25 -7.48 20.48
N GLU B 28 -8.57 -8.04 21.65
CA GLU B 28 -7.54 -8.08 22.67
C GLU B 28 -6.43 -9.09 22.31
N ALA B 29 -6.77 -10.13 21.54
CA ALA B 29 -5.78 -11.15 21.18
C ALA B 29 -4.63 -10.58 20.36
N VAL B 30 -4.91 -9.53 19.58
CA VAL B 30 -3.87 -8.99 18.71
C VAL B 30 -2.82 -8.25 19.54
N ARG B 31 -3.21 -7.62 20.65
CA ARG B 31 -2.20 -7.01 21.51
C ARG B 31 -1.23 -8.07 22.02
N VAL B 32 -1.73 -9.26 22.32
CA VAL B 32 -0.88 -10.36 22.77
C VAL B 32 0.12 -10.75 21.71
N THR B 33 -0.37 -10.99 20.48
CA THR B 33 0.57 -11.42 19.43
C THR B 33 1.55 -10.30 19.07
N GLU B 34 1.12 -9.04 19.16
CA GLU B 34 2.03 -7.92 18.93
C GLU B 34 3.18 -7.93 19.93
N LEU B 35 2.84 -8.05 21.22
CA LEU B 35 3.89 -8.01 22.24
C LEU B 35 4.82 -9.20 22.11
N ALA B 36 4.27 -10.38 21.81
CA ALA B 36 5.11 -11.55 21.57
C ALA B 36 6.04 -11.34 20.37
N ALA B 37 5.53 -10.71 19.30
CA ALA B 37 6.35 -10.53 18.11
C ALA B 37 7.47 -9.53 18.36
N LEU B 38 7.19 -8.43 19.06
CA LEU B 38 8.26 -7.49 19.40
C LEU B 38 9.34 -8.15 20.25
N ALA B 39 8.92 -8.97 21.23
CA ALA B 39 9.92 -9.70 22.02
C ALA B 39 10.75 -10.63 21.14
N SER B 40 10.10 -11.39 20.24
CA SER B 40 10.83 -12.27 19.35
C SER B 40 11.79 -11.50 18.44
N TRP B 41 11.35 -10.34 17.96
CA TRP B 41 12.16 -9.56 17.02
C TRP B 41 13.41 -9.03 17.71
N SER B 42 13.34 -8.75 19.01
CA SER B 42 14.56 -8.36 19.73
C SER B 42 15.62 -9.46 19.70
N GLN B 43 15.24 -10.71 19.46
CA GLN B 43 16.16 -11.83 19.37
C GLN B 43 16.39 -12.29 17.94
N MET B 44 15.84 -11.60 16.94
CA MET B 44 15.96 -12.04 15.56
C MET B 44 17.41 -11.97 15.11
N GLY B 45 17.88 -13.01 14.42
CA GLY B 45 19.23 -12.96 13.92
C GLY B 45 20.31 -12.94 14.99
N ARG B 46 19.99 -13.38 16.21
CA ARG B 46 20.99 -13.50 17.26
C ARG B 46 21.52 -14.94 17.38
N GLY B 47 21.02 -15.86 16.54
CA GLY B 47 21.51 -17.23 16.51
C GLY B 47 21.23 -18.04 17.75
N ASP B 48 20.23 -17.66 18.53
CA ASP B 48 19.88 -18.31 19.80
C ASP B 48 18.41 -18.70 19.74
N LYS B 49 18.15 -19.92 19.28
CA LYS B 49 16.78 -20.41 19.13
C LYS B 49 16.04 -20.39 20.47
N ILE B 50 16.72 -20.83 21.53
CA ILE B 50 16.13 -20.93 22.86
C ILE B 50 15.80 -19.54 23.41
N ALA B 51 16.71 -18.57 23.23
CA ALA B 51 16.46 -17.24 23.77
C ALA B 51 15.28 -16.58 23.05
N ALA B 52 15.20 -16.74 21.73
CA ALA B 52 14.05 -16.22 20.99
C ALA B 52 12.75 -16.84 21.49
N ASP B 53 12.73 -18.18 21.62
CA ASP B 53 11.53 -18.85 22.10
C ASP B 53 11.15 -18.35 23.48
N GLN B 54 12.14 -18.15 24.35
CA GLN B 54 11.86 -17.76 25.72
C GLN B 54 11.34 -16.32 25.79
N ALA B 55 11.93 -15.42 25.00
CA ALA B 55 11.43 -14.05 24.96
C ALA B 55 9.97 -14.03 24.52
N ALA B 56 9.64 -14.80 23.49
CA ALA B 56 8.25 -14.87 23.02
C ALA B 56 7.33 -15.44 24.09
N VAL B 57 7.75 -16.51 24.76
CA VAL B 57 6.90 -17.16 25.76
C VAL B 57 6.63 -16.21 26.92
N ASP B 58 7.68 -15.53 27.40
CA ASP B 58 7.52 -14.57 28.48
C ASP B 58 6.53 -13.48 28.09
N ALA B 59 6.75 -12.82 26.96
CA ALA B 59 5.86 -11.74 26.55
C ALA B 59 4.43 -12.23 26.39
N MET B 60 4.25 -13.41 25.76
CA MET B 60 2.88 -13.87 25.50
C MET B 60 2.17 -14.23 26.79
N ARG B 61 2.86 -14.87 27.75
CA ARG B 61 2.23 -15.17 29.02
C ARG B 61 1.84 -13.89 29.75
N LYS B 62 2.79 -12.95 29.83
CA LYS B 62 2.50 -11.68 30.49
C LYS B 62 1.28 -11.00 29.87
N ALA B 63 1.25 -10.92 28.54
CA ALA B 63 0.14 -10.27 27.86
C ALA B 63 -1.17 -11.03 28.07
N LEU B 64 -1.10 -12.36 27.98
CA LEU B 64 -2.30 -13.19 28.14
C LEU B 64 -2.96 -12.99 29.49
N ASN B 65 -2.17 -12.85 30.54
CA ASN B 65 -2.77 -12.72 31.85
C ASN B 65 -3.49 -11.39 32.05
N GLU B 66 -3.44 -10.47 31.08
CA GLU B 66 -4.20 -9.24 31.15
C GLU B 66 -5.46 -9.28 30.30
N VAL B 67 -5.70 -10.37 29.59
CA VAL B 67 -6.89 -10.52 28.77
C VAL B 67 -8.02 -11.03 29.65
N ASP B 68 -9.21 -10.45 29.49
CA ASP B 68 -10.34 -10.79 30.33
C ASP B 68 -10.98 -12.08 29.84
N ILE B 69 -10.28 -13.19 30.13
CA ILE B 69 -10.78 -14.52 29.82
C ILE B 69 -10.46 -15.46 30.98
N ASP B 70 -11.23 -16.55 31.06
CA ASP B 70 -10.92 -17.72 31.86
C ASP B 70 -10.41 -18.76 30.85
N GLY B 71 -9.11 -18.73 30.59
CA GLY B 71 -8.52 -19.51 29.53
C GLY B 71 -7.78 -20.74 30.02
N THR B 72 -7.84 -21.80 29.22
CA THR B 72 -7.06 -23.01 29.47
C THR B 72 -6.26 -23.32 28.22
N VAL B 73 -4.94 -23.43 28.38
CA VAL B 73 -4.07 -23.80 27.28
C VAL B 73 -4.33 -25.24 26.88
N VAL B 74 -4.81 -25.44 25.65
CA VAL B 74 -4.97 -26.78 25.10
C VAL B 74 -3.91 -27.09 24.05
N ILE B 75 -3.38 -26.08 23.37
CA ILE B 75 -2.20 -26.20 22.51
C ILE B 75 -1.26 -25.10 22.93
N GLY B 76 -0.04 -25.47 23.27
CA GLY B 76 0.90 -24.50 23.78
C GLY B 76 2.34 -24.93 23.65
N GLU B 77 3.13 -24.57 24.66
CA GLU B 77 4.56 -24.80 24.62
C GLU B 77 4.94 -26.24 24.90
N GLY B 78 4.07 -27.02 25.51
CA GLY B 78 4.34 -28.42 25.76
C GLY B 78 3.70 -28.86 27.07
N GLU B 79 4.11 -30.03 27.54
CA GLU B 79 3.63 -30.54 28.81
C GLU B 79 4.40 -29.90 29.96
N LEU B 80 3.73 -29.84 31.12
CA LEU B 80 4.29 -29.15 32.28
C LEU B 80 5.68 -29.66 32.64
N ASP B 81 5.91 -30.96 32.49
CA ASP B 81 7.22 -31.52 32.81
C ASP B 81 8.33 -30.95 31.94
N GLU B 82 8.00 -30.44 30.75
CA GLU B 82 8.99 -29.89 29.83
C GLU B 82 8.85 -28.39 29.62
N ALA B 83 7.71 -27.79 29.95
CA ALA B 83 7.48 -26.37 29.71
C ALA B 83 7.01 -25.68 30.98
N PRO B 84 7.84 -24.82 31.60
CA PRO B 84 7.38 -24.12 32.80
C PRO B 84 6.28 -23.11 32.55
N MET B 85 6.11 -22.63 31.32
CA MET B 85 5.13 -21.60 31.01
C MET B 85 4.33 -22.00 29.78
N LEU B 86 3.03 -21.65 29.79
CA LEU B 86 2.14 -21.93 28.67
C LEU B 86 2.12 -23.42 28.32
N TYR B 87 2.04 -24.24 29.36
CA TYR B 87 1.96 -25.69 29.22
C TYR B 87 0.51 -26.13 29.12
N ILE B 88 0.32 -27.32 28.55
CA ILE B 88 -1.02 -27.85 28.32
C ILE B 88 -1.73 -27.94 29.66
N GLY B 89 -2.89 -27.31 29.76
CA GLY B 89 -3.67 -27.30 30.97
C GLY B 89 -3.51 -26.06 31.83
N GLU B 90 -2.46 -25.27 31.62
CA GLU B 90 -2.27 -24.06 32.40
C GLU B 90 -3.49 -23.14 32.27
N LYS B 91 -3.88 -22.53 33.37
CA LYS B 91 -4.93 -21.52 33.38
C LYS B 91 -4.30 -20.16 33.15
N VAL B 92 -4.92 -19.37 32.27
CA VAL B 92 -4.41 -18.06 31.91
C VAL B 92 -5.58 -17.10 31.81
N GLY B 93 -5.26 -15.81 31.86
CA GLY B 93 -6.25 -14.76 31.72
C GLY B 93 -6.55 -14.08 33.05
N ALA B 94 -7.16 -12.91 32.94
CA ALA B 94 -7.53 -12.09 34.08
C ALA B 94 -8.92 -12.39 34.60
N GLY B 95 -9.66 -13.29 33.95
CA GLY B 95 -10.99 -13.63 34.39
C GLY B 95 -12.02 -13.14 33.39
N GLY B 96 -12.96 -14.01 33.06
CA GLY B 96 -13.97 -13.68 32.06
C GLY B 96 -14.59 -14.94 31.48
N CYS B 97 -15.04 -14.83 30.23
CA CYS B 97 -15.64 -15.97 29.54
C CYS B 97 -14.64 -17.11 29.42
N GLU B 98 -15.15 -18.34 29.51
CA GLU B 98 -14.30 -19.52 29.51
C GLU B 98 -13.93 -19.88 28.08
N VAL B 99 -12.63 -20.01 27.82
CA VAL B 99 -12.13 -20.28 26.48
C VAL B 99 -10.98 -21.28 26.52
N ASP B 100 -10.95 -22.15 25.51
CA ASP B 100 -9.77 -22.94 25.22
C ASP B 100 -8.83 -22.11 24.34
N ILE B 101 -7.54 -22.22 24.61
CA ILE B 101 -6.53 -21.38 23.99
C ILE B 101 -5.52 -22.26 23.28
N ALA B 102 -5.33 -21.99 21.98
CA ALA B 102 -4.30 -22.62 21.16
C ALA B 102 -3.23 -21.56 20.87
N LEU B 103 -2.02 -21.80 21.37
CA LEU B 103 -0.95 -20.80 21.32
C LEU B 103 0.20 -21.28 20.46
N ASP B 104 0.90 -20.33 19.86
CA ASP B 104 2.28 -20.52 19.43
C ASP B 104 2.99 -19.20 19.73
N PRO B 105 3.70 -19.12 20.85
CA PRO B 105 4.43 -17.87 21.17
C PRO B 105 5.37 -17.45 20.07
N LEU B 106 6.09 -18.38 19.46
CA LEU B 106 6.92 -18.08 18.31
C LEU B 106 6.85 -19.27 17.35
N GLU B 107 6.12 -19.10 16.25
CA GLU B 107 6.13 -20.09 15.17
C GLU B 107 7.37 -19.81 14.31
N GLY B 108 8.42 -20.61 14.50
CA GLY B 108 9.67 -20.36 13.82
C GLY B 108 10.75 -19.84 14.73
N THR B 109 11.15 -20.65 15.72
CA THR B 109 12.23 -20.24 16.62
C THR B 109 13.56 -20.22 15.89
N THR B 110 13.84 -21.28 15.14
CA THR B 110 15.02 -21.30 14.27
C THR B 110 14.93 -20.22 13.21
N ILE B 111 13.77 -20.12 12.54
CA ILE B 111 13.54 -19.03 11.59
C ILE B 111 14.00 -17.72 12.19
N THR B 112 13.43 -17.36 13.34
CA THR B 112 13.70 -16.06 13.95
C THR B 112 15.18 -15.94 14.31
N SER B 113 15.77 -16.99 14.84
CA SER B 113 17.19 -16.94 15.19
C SER B 113 18.06 -16.64 13.98
N LYS B 114 17.63 -17.06 12.79
CA LYS B 114 18.42 -16.83 11.57
C LYS B 114 17.88 -15.70 10.70
N GLY B 115 16.82 -15.02 11.13
CA GLY B 115 16.20 -14.01 10.29
C GLY B 115 15.59 -14.55 9.01
N GLY B 116 15.17 -15.81 9.00
CA GLY B 116 14.55 -16.39 7.83
C GLY B 116 13.13 -15.88 7.64
N ALA B 117 12.48 -16.39 6.59
CA ALA B 117 11.11 -15.98 6.28
C ALA B 117 10.10 -16.82 7.05
N ASN B 118 8.90 -16.23 7.25
CA ASN B 118 7.65 -16.89 7.67
C ASN B 118 7.48 -17.09 9.17
N ALA B 119 8.28 -16.39 9.98
CA ALA B 119 8.12 -16.45 11.42
C ALA B 119 6.92 -15.62 11.85
N LEU B 120 6.12 -16.18 12.76
CA LEU B 120 4.88 -15.58 13.24
C LEU B 120 4.76 -15.79 14.73
N THR B 121 3.94 -14.96 15.37
CA THR B 121 3.37 -15.28 16.68
C THR B 121 1.88 -15.49 16.49
N VAL B 122 1.30 -16.49 17.16
CA VAL B 122 -0.06 -16.93 16.88
C VAL B 122 -0.84 -17.15 18.17
N LEU B 123 -2.10 -16.72 18.19
CA LEU B 123 -3.00 -16.95 19.31
C LEU B 123 -4.40 -17.23 18.78
N ALA B 124 -5.00 -18.34 19.18
CA ALA B 124 -6.36 -18.68 18.80
C ALA B 124 -7.16 -19.05 20.04
N MET B 125 -8.46 -18.76 19.97
CA MET B 125 -9.35 -19.00 21.09
C MET B 125 -10.63 -19.62 20.57
N ALA B 126 -11.19 -20.51 21.38
CA ALA B 126 -12.43 -21.21 21.03
C ALA B 126 -13.24 -21.43 22.29
N ASP B 127 -14.52 -21.75 22.10
CA ASP B 127 -15.29 -22.30 23.20
C ASP B 127 -14.73 -23.66 23.59
N LYS B 128 -15.03 -24.06 24.83
CA LYS B 128 -14.45 -25.28 25.38
C LYS B 128 -14.65 -26.46 24.43
N GLY B 129 -13.57 -27.21 24.20
CA GLY B 129 -13.58 -28.31 23.26
C GLY B 129 -13.50 -27.94 21.81
N GLY B 130 -13.27 -26.67 21.48
CA GLY B 130 -13.32 -26.24 20.10
C GLY B 130 -12.19 -26.78 19.24
N PHE B 131 -11.01 -26.97 19.83
CA PHE B 131 -9.81 -27.37 19.10
C PHE B 131 -9.55 -28.86 19.27
N LEU B 132 -9.10 -29.48 18.19
CA LEU B 132 -8.52 -30.81 18.31
C LEU B 132 -7.36 -30.75 19.30
N ASN B 133 -7.50 -31.49 20.40
CA ASN B 133 -6.42 -31.58 21.38
C ASN B 133 -5.37 -32.53 20.82
N ALA B 134 -4.39 -31.96 20.10
CA ALA B 134 -3.49 -32.80 19.32
C ALA B 134 -2.14 -32.94 20.00
N PRO B 135 -1.56 -34.13 19.95
CA PRO B 135 -0.24 -34.36 20.56
C PRO B 135 0.88 -33.81 19.68
N ASP B 136 2.06 -33.74 20.27
CA ASP B 136 3.27 -33.31 19.58
C ASP B 136 3.77 -34.44 18.69
N VAL B 137 3.09 -34.62 17.56
CA VAL B 137 3.41 -35.61 16.55
C VAL B 137 3.26 -34.95 15.19
N TYR B 138 3.66 -35.68 14.14
CA TYR B 138 3.56 -35.14 12.81
C TYR B 138 2.14 -35.29 12.28
N MET B 139 1.85 -34.52 11.24
CA MET B 139 0.51 -34.43 10.69
C MET B 139 0.60 -34.18 9.19
N GLN B 140 -0.01 -35.05 8.39
CA GLN B 140 -0.15 -34.81 6.96
C GLN B 140 -1.22 -33.76 6.75
N LYS B 141 -0.98 -32.86 5.80
CA LYS B 141 -1.84 -31.70 5.61
C LYS B 141 -2.01 -31.46 4.13
N ILE B 142 -3.23 -31.12 3.74
CA ILE B 142 -3.49 -30.55 2.41
C ILE B 142 -4.51 -29.43 2.57
N ALA B 143 -4.21 -28.29 1.95
CA ALA B 143 -5.02 -27.10 2.16
C ALA B 143 -5.17 -26.31 0.87
N VAL B 144 -6.36 -25.74 0.69
CA VAL B 144 -6.64 -24.85 -0.43
C VAL B 144 -7.55 -23.74 0.08
N GLY B 145 -7.45 -22.57 -0.55
CA GLY B 145 -8.24 -21.42 -0.17
C GLY B 145 -9.46 -21.25 -1.08
N GLY B 146 -10.34 -20.33 -0.66
CA GLY B 146 -11.56 -20.08 -1.39
C GLY B 146 -12.79 -20.39 -0.56
N ILE B 147 -13.68 -19.41 -0.41
CA ILE B 147 -14.88 -19.61 0.41
C ILE B 147 -15.82 -20.61 -0.25
N ASN B 148 -15.79 -20.70 -1.58
CA ASN B 148 -16.68 -21.59 -2.32
C ASN B 148 -16.11 -23.00 -2.51
N ALA B 149 -14.90 -23.27 -2.03
CA ALA B 149 -14.31 -24.59 -2.21
C ALA B 149 -15.14 -25.63 -1.46
N PRO B 150 -15.63 -26.68 -2.13
CA PRO B 150 -16.51 -27.63 -1.46
C PRO B 150 -15.73 -28.67 -0.66
N LYS B 151 -16.38 -29.15 0.40
CA LYS B 151 -15.85 -30.29 1.14
C LYS B 151 -15.54 -31.42 0.17
N GLY B 152 -14.37 -32.03 0.35
CA GLY B 152 -13.91 -33.08 -0.53
C GLY B 152 -13.04 -32.64 -1.69
N ILE B 153 -12.89 -31.33 -1.92
CA ILE B 153 -12.02 -30.86 -3.00
C ILE B 153 -10.61 -31.38 -2.82
N VAL B 154 -10.18 -31.54 -1.57
CA VAL B 154 -8.89 -32.11 -1.25
C VAL B 154 -9.11 -33.31 -0.36
N ASP B 155 -8.32 -34.36 -0.58
CA ASP B 155 -8.42 -35.55 0.26
C ASP B 155 -7.07 -36.26 0.27
N LEU B 156 -6.58 -36.55 1.47
CA LEU B 156 -5.24 -37.10 1.61
C LEU B 156 -5.09 -38.48 0.96
N ASP B 157 -6.17 -39.23 0.81
CA ASP B 157 -6.06 -40.57 0.24
C ASP B 157 -6.01 -40.56 -1.28
N ASP B 158 -6.46 -39.49 -1.92
CA ASP B 158 -6.33 -39.36 -3.36
C ASP B 158 -4.91 -38.97 -3.73
N SER B 159 -4.57 -39.17 -4.99
CA SER B 159 -3.23 -38.81 -5.45
C SER B 159 -3.05 -37.29 -5.47
N VAL B 160 -1.78 -36.87 -5.53
CA VAL B 160 -1.48 -35.46 -5.70
C VAL B 160 -2.11 -34.96 -6.99
N THR B 161 -1.98 -35.76 -8.04
CA THR B 161 -2.47 -35.40 -9.37
C THR B 161 -3.97 -35.10 -9.35
N ASN B 162 -4.76 -35.96 -8.70
CA ASN B 162 -6.20 -35.77 -8.73
C ASN B 162 -6.61 -34.56 -7.88
N ASN B 163 -6.00 -34.42 -6.70
CA ASN B 163 -6.26 -33.22 -5.91
C ASN B 163 -5.98 -31.96 -6.72
N LEU B 164 -4.81 -31.90 -7.36
CA LEU B 164 -4.44 -30.72 -8.13
C LEU B 164 -5.36 -30.50 -9.32
N LYS B 165 -5.81 -31.58 -9.96
CA LYS B 165 -6.73 -31.42 -11.08
C LYS B 165 -8.05 -30.83 -10.61
N ARG B 166 -8.56 -31.30 -9.46
CA ARG B 166 -9.79 -30.70 -8.96
C ARG B 166 -9.58 -29.24 -8.59
N ILE B 167 -8.43 -28.92 -7.98
CA ILE B 167 -8.18 -27.54 -7.56
C ILE B 167 -8.07 -26.62 -8.78
N ALA B 168 -7.31 -27.03 -9.79
CA ALA B 168 -7.23 -26.26 -11.02
C ALA B 168 -8.60 -26.05 -11.64
N GLU B 169 -9.47 -27.08 -11.64
CA GLU B 169 -10.79 -26.87 -12.21
C GLU B 169 -11.60 -25.89 -11.39
N PHE B 170 -11.49 -25.96 -10.05
CA PHE B 170 -12.27 -25.07 -9.20
C PHE B 170 -11.81 -23.62 -9.34
N LYS B 171 -10.51 -23.40 -9.49
CA LYS B 171 -9.99 -22.06 -9.66
C LYS B 171 -10.05 -21.56 -11.09
N GLY B 172 -10.39 -22.42 -12.05
CA GLY B 172 -10.51 -22.00 -13.43
C GLY B 172 -9.21 -21.66 -14.11
N VAL B 173 -8.15 -22.40 -13.81
CA VAL B 173 -6.84 -22.18 -14.41
C VAL B 173 -6.28 -23.50 -14.92
N HIS B 174 -5.40 -23.38 -15.90
CA HIS B 174 -4.54 -24.49 -16.32
C HIS B 174 -3.71 -24.97 -15.14
N MET B 175 -3.38 -26.27 -15.15
CA MET B 175 -2.54 -26.83 -14.09
C MET B 175 -1.25 -26.04 -13.90
N SER B 176 -0.65 -25.56 -15.01
CA SER B 176 0.66 -24.92 -14.93
C SER B 176 0.62 -23.59 -14.19
N ALA B 177 -0.55 -22.98 -14.06
CA ALA B 177 -0.66 -21.74 -13.30
C ALA B 177 -0.58 -21.98 -11.79
N LEU B 178 -0.92 -23.18 -11.33
CA LEU B 178 -1.02 -23.43 -9.89
C LEU B 178 0.35 -23.36 -9.23
N VAL B 179 0.40 -22.70 -8.07
CA VAL B 179 1.58 -22.67 -7.23
C VAL B 179 1.29 -23.50 -6.00
N VAL B 180 1.93 -24.65 -5.92
CA VAL B 180 1.87 -25.52 -4.74
C VAL B 180 3.06 -25.19 -3.86
N CYS B 181 2.81 -25.01 -2.58
CA CYS B 181 3.87 -24.78 -1.60
C CYS B 181 4.01 -26.03 -0.72
N THR B 182 5.25 -26.35 -0.38
CA THR B 182 5.56 -27.41 0.56
C THR B 182 6.93 -27.08 1.18
N MET B 183 7.25 -27.76 2.28
CA MET B 183 8.51 -27.53 2.95
C MET B 183 9.64 -28.32 2.28
N ASP B 184 10.84 -27.76 2.34
CA ASP B 184 12.04 -28.34 1.72
C ASP B 184 12.57 -29.42 2.66
N ARG B 185 12.07 -30.64 2.46
CA ARG B 185 12.39 -31.80 3.28
C ARG B 185 12.42 -33.04 2.39
N PRO B 186 13.28 -34.00 2.70
CA PRO B 186 13.25 -35.27 1.94
C PRO B 186 11.88 -35.93 1.94
N ARG B 187 11.14 -35.88 3.05
CA ARG B 187 9.82 -36.53 3.11
C ARG B 187 8.83 -35.98 2.08
N HIS B 188 9.15 -34.88 1.41
CA HIS B 188 8.24 -34.26 0.46
C HIS B 188 8.66 -34.49 -0.98
N GLU B 189 9.80 -35.18 -1.19
CA GLU B 189 10.28 -35.45 -2.55
C GLU B 189 9.16 -35.94 -3.47
N HIS B 190 8.48 -37.02 -3.08
CA HIS B 190 7.43 -37.56 -3.94
C HIS B 190 6.38 -36.52 -4.27
N ILE B 191 5.85 -35.82 -3.25
CA ILE B 191 4.91 -34.73 -3.53
C ILE B 191 5.48 -33.84 -4.63
N ILE B 192 6.66 -33.27 -4.36
CA ILE B 192 7.27 -32.32 -5.29
C ILE B 192 7.36 -32.92 -6.69
N LYS B 193 7.80 -34.18 -6.78
CA LYS B 193 7.95 -34.80 -8.09
C LYS B 193 6.60 -34.90 -8.79
N GLU B 194 5.62 -35.49 -8.11
CA GLU B 194 4.35 -35.75 -8.80
C GLU B 194 3.68 -34.46 -9.24
N ALA B 195 3.54 -33.50 -8.32
CA ALA B 195 3.05 -32.18 -8.68
C ALA B 195 3.72 -31.68 -9.94
N ARG B 196 5.06 -31.68 -9.95
CA ARG B 196 5.77 -31.13 -11.09
C ARG B 196 5.53 -31.96 -12.34
N GLU B 197 5.43 -33.29 -12.19
CA GLU B 197 5.16 -34.10 -13.36
C GLU B 197 3.78 -33.80 -13.94
N CYS B 198 2.81 -33.44 -13.09
CA CYS B 198 1.52 -33.15 -13.69
C CYS B 198 1.42 -31.70 -14.18
N GLY B 199 2.49 -30.92 -14.04
CA GLY B 199 2.59 -29.61 -14.68
C GLY B 199 2.55 -28.42 -13.75
N ALA B 200 2.36 -28.60 -12.44
CA ALA B 200 2.24 -27.46 -11.56
C ALA B 200 3.61 -26.88 -11.22
N ARG B 201 3.59 -25.70 -10.62
CA ARG B 201 4.79 -25.05 -10.12
C ARG B 201 4.84 -25.28 -8.61
N VAL B 202 5.99 -25.72 -8.11
CA VAL B 202 6.10 -26.13 -6.72
C VAL B 202 7.21 -25.32 -6.09
N ILE B 203 6.84 -24.48 -5.11
CA ILE B 203 7.82 -23.66 -4.41
C ILE B 203 8.00 -24.19 -3.01
N LEU B 204 9.18 -23.95 -2.47
CA LEU B 204 9.66 -24.59 -1.25
C LEU B 204 9.96 -23.54 -0.20
N ILE B 205 9.48 -23.77 1.01
CA ILE B 205 9.83 -22.93 2.15
C ILE B 205 10.70 -23.73 3.09
N ASN B 206 11.67 -23.06 3.70
CA ASN B 206 12.56 -23.78 4.61
C ASN B 206 11.82 -24.19 5.87
N ASP B 207 11.18 -23.24 6.56
CA ASP B 207 10.32 -23.56 7.69
C ASP B 207 9.03 -22.76 7.55
N GLY B 208 8.09 -23.02 8.45
CA GLY B 208 6.90 -22.20 8.58
C GLY B 208 5.67 -22.64 7.84
N ASP B 209 5.14 -23.83 8.15
CA ASP B 209 3.95 -24.27 7.45
C ASP B 209 2.66 -23.73 8.08
N VAL B 210 2.73 -23.02 9.20
CA VAL B 210 1.57 -22.21 9.60
C VAL B 210 1.29 -21.16 8.54
N SER B 211 2.29 -20.30 8.30
CA SER B 211 2.23 -19.29 7.25
C SER B 211 1.95 -19.95 5.90
N GLY B 212 2.63 -21.06 5.61
CA GLY B 212 2.48 -21.69 4.31
C GLY B 212 1.06 -22.18 4.07
N VAL B 213 0.38 -22.70 5.09
CA VAL B 213 -0.99 -23.17 4.89
C VAL B 213 -1.93 -21.99 4.79
N ILE B 214 -1.76 -21.00 5.68
CA ILE B 214 -2.69 -19.87 5.68
C ILE B 214 -2.55 -19.04 4.42
N ALA B 215 -1.39 -19.13 3.76
CA ALA B 215 -1.16 -18.35 2.55
C ALA B 215 -2.06 -18.77 1.38
N THR B 216 -2.57 -20.02 1.42
CA THR B 216 -3.52 -20.45 0.39
C THR B 216 -4.77 -19.57 0.36
N ALA B 217 -5.13 -18.98 1.49
CA ALA B 217 -6.32 -18.14 1.58
C ALA B 217 -5.98 -16.68 1.87
N THR B 218 -4.75 -16.25 1.61
CA THR B 218 -4.32 -14.88 1.85
C THR B 218 -4.17 -14.18 0.51
N GLU B 219 -4.79 -13.00 0.39
CA GLU B 219 -4.78 -12.25 -0.86
C GLU B 219 -3.34 -11.93 -1.30
N ASN B 220 -3.05 -12.14 -2.58
CA ASN B 220 -1.77 -11.81 -3.21
C ASN B 220 -0.59 -12.57 -2.62
N SER B 221 -0.81 -13.69 -1.93
CA SER B 221 0.32 -14.45 -1.42
C SER B 221 1.10 -15.12 -2.54
N GLY B 222 0.44 -15.44 -3.65
CA GLY B 222 1.07 -16.22 -4.72
C GLY B 222 1.06 -17.72 -4.51
N ILE B 223 0.38 -18.21 -3.48
CA ILE B 223 0.33 -19.64 -3.16
C ILE B 223 -1.11 -20.11 -3.25
N ASP B 224 -1.35 -21.15 -4.04
CA ASP B 224 -2.69 -21.71 -4.24
C ASP B 224 -2.98 -22.93 -3.38
N VAL B 225 -1.99 -23.79 -3.15
CA VAL B 225 -2.20 -25.06 -2.45
C VAL B 225 -1.02 -25.31 -1.53
N TYR B 226 -1.29 -25.85 -0.35
CA TYR B 226 -0.25 -26.36 0.50
C TYR B 226 -0.41 -27.88 0.65
N ILE B 227 0.69 -28.61 0.51
CA ILE B 227 0.69 -30.06 0.69
C ILE B 227 1.95 -30.42 1.46
N GLY B 228 1.81 -31.01 2.64
CA GLY B 228 3.01 -31.42 3.34
C GLY B 228 2.73 -31.95 4.73
N THR B 229 3.76 -32.51 5.32
CA THR B 229 3.71 -33.03 6.68
C THR B 229 4.47 -32.11 7.61
N GLY B 230 3.84 -31.71 8.70
CA GLY B 230 4.46 -30.83 9.67
C GLY B 230 3.94 -31.07 11.06
N GLY B 231 4.09 -30.10 11.96
CA GLY B 231 3.61 -30.26 13.31
C GLY B 231 2.09 -30.30 13.38
N ALA B 232 1.56 -31.14 14.27
CA ALA B 232 0.11 -31.19 14.44
C ALA B 232 -0.43 -29.92 15.10
N PRO B 233 0.19 -29.36 16.15
CA PRO B 233 -0.33 -28.09 16.69
C PRO B 233 -0.38 -27.00 15.63
N GLU B 234 0.69 -26.91 14.83
CA GLU B 234 0.72 -25.96 13.71
C GLU B 234 -0.43 -26.20 12.74
N GLY B 235 -0.76 -27.47 12.49
CA GLY B 235 -1.88 -27.77 11.61
C GLY B 235 -3.20 -27.26 12.16
N VAL B 236 -3.42 -27.42 13.48
CA VAL B 236 -4.65 -26.93 14.09
C VAL B 236 -4.72 -25.40 14.02
N LEU B 237 -3.60 -24.72 14.29
CA LEU B 237 -3.61 -23.26 14.25
C LEU B 237 -3.93 -22.75 12.85
N ALA B 238 -3.31 -23.36 11.85
CA ALA B 238 -3.64 -23.02 10.47
C ALA B 238 -5.10 -23.27 10.17
N ALA B 239 -5.65 -24.38 10.66
CA ALA B 239 -7.06 -24.68 10.40
C ALA B 239 -7.96 -23.64 11.04
N ALA B 240 -7.61 -23.14 12.22
CA ALA B 240 -8.40 -22.06 12.80
C ALA B 240 -8.44 -20.85 11.86
N ALA B 241 -7.26 -20.47 11.35
CA ALA B 241 -7.24 -19.32 10.44
C ALA B 241 -8.06 -19.60 9.18
N LEU B 242 -7.91 -20.79 8.59
CA LEU B 242 -8.65 -21.12 7.37
C LEU B 242 -10.16 -21.20 7.62
N LYS B 243 -10.56 -21.60 8.83
CA LYS B 243 -11.96 -21.58 9.18
C LYS B 243 -12.50 -20.17 9.12
N CYS B 244 -11.67 -19.19 9.49
CA CYS B 244 -12.15 -17.81 9.39
C CYS B 244 -12.04 -17.24 7.97
N LEU B 245 -10.99 -17.60 7.23
CA LEU B 245 -10.75 -17.01 5.91
C LEU B 245 -11.54 -17.68 4.81
N GLY B 246 -11.94 -18.94 4.99
CA GLY B 246 -12.57 -19.67 3.92
C GLY B 246 -11.59 -20.58 3.22
N GLY B 247 -11.96 -21.84 3.06
CA GLY B 247 -11.06 -22.79 2.46
C GLY B 247 -11.36 -24.19 2.97
N GLN B 248 -10.55 -25.12 2.50
CA GLN B 248 -10.69 -26.52 2.86
C GLN B 248 -9.33 -27.07 3.23
N MET B 249 -9.32 -27.91 4.26
CA MET B 249 -8.10 -28.54 4.71
C MET B 249 -8.43 -29.91 5.26
N GLN B 250 -7.52 -30.85 5.01
CA GLN B 250 -7.60 -32.18 5.56
C GLN B 250 -6.27 -32.52 6.19
N ALA B 251 -6.32 -33.24 7.30
CA ALA B 251 -5.14 -33.53 8.09
C ALA B 251 -5.22 -34.97 8.59
N ARG B 252 -4.06 -35.57 8.83
CA ARG B 252 -4.04 -36.91 9.39
C ARG B 252 -2.82 -37.10 10.28
N LEU B 253 -3.05 -37.44 11.54
CA LEU B 253 -1.97 -37.63 12.48
C LEU B 253 -1.16 -38.86 12.10
N ILE B 254 0.16 -38.74 12.20
CA ILE B 254 1.10 -39.83 11.95
C ILE B 254 1.72 -40.24 13.29
N PHE B 255 2.00 -41.52 13.45
CA PHE B 255 2.63 -42.04 14.66
C PHE B 255 3.79 -42.95 14.29
N ASN B 256 4.98 -42.64 14.83
CA ASN B 256 6.20 -43.35 14.49
C ASN B 256 6.66 -44.34 15.57
N ASP B 257 6.26 -44.18 16.82
CA ASP B 257 6.62 -45.14 17.85
C ASP B 257 5.51 -45.23 18.90
N GLU B 258 5.74 -46.07 19.91
CA GLU B 258 4.75 -46.30 20.96
C GLU B 258 4.58 -45.06 21.83
N GLU B 259 5.65 -44.30 22.04
CA GLU B 259 5.54 -43.11 22.87
C GLU B 259 4.58 -42.10 22.27
N GLU B 260 4.63 -41.92 20.95
CA GLU B 260 3.70 -40.98 20.30
C GLU B 260 2.25 -41.46 20.41
N ILE B 261 2.02 -42.76 20.19
CA ILE B 261 0.68 -43.33 20.38
C ILE B 261 0.19 -43.08 21.80
N LYS B 262 1.12 -43.15 22.77
CA LYS B 262 0.74 -42.91 24.15
C LYS B 262 0.36 -41.46 24.39
N ARG B 263 1.10 -40.52 23.78
CA ARG B 263 0.68 -39.12 23.83
C ARG B 263 -0.76 -38.98 23.32
N ALA B 264 -1.04 -39.55 22.14
CA ALA B 264 -2.39 -39.49 21.58
C ALA B 264 -3.43 -40.02 22.55
N HIS B 265 -3.21 -41.21 23.11
CA HIS B 265 -4.17 -41.78 24.04
C HIS B 265 -4.34 -40.91 25.28
N ARG B 266 -3.25 -40.32 25.75
CA ARG B 266 -3.34 -39.43 26.90
C ARG B 266 -4.22 -38.22 26.59
N LEU B 267 -4.28 -37.80 25.32
CA LEU B 267 -5.16 -36.68 24.98
C LEU B 267 -6.54 -37.11 24.47
N GLY B 268 -6.89 -38.38 24.60
CA GLY B 268 -8.21 -38.83 24.20
C GLY B 268 -8.35 -39.27 22.76
N ILE B 269 -7.24 -39.44 22.05
CA ILE B 269 -7.24 -39.78 20.63
C ILE B 269 -6.90 -41.26 20.49
N THR B 270 -7.82 -42.04 19.93
CA THR B 270 -7.58 -43.46 19.71
C THR B 270 -7.74 -43.90 18.27
N ASP B 271 -8.54 -43.20 17.47
CA ASP B 271 -8.63 -43.47 16.04
C ASP B 271 -7.43 -42.80 15.39
N LEU B 272 -6.33 -43.56 15.26
CA LEU B 272 -5.05 -43.00 14.84
C LEU B 272 -4.98 -42.66 13.37
N ASN B 273 -5.81 -43.27 12.54
CA ASN B 273 -5.78 -43.02 11.10
C ASN B 273 -6.91 -42.11 10.65
N LYS B 274 -7.58 -41.44 11.59
CA LYS B 274 -8.69 -40.54 11.26
C LYS B 274 -8.20 -39.40 10.37
N LYS B 275 -8.99 -39.11 9.34
CA LYS B 275 -8.81 -37.91 8.53
C LYS B 275 -9.67 -36.81 9.11
N TYR B 276 -9.02 -35.74 9.55
CA TYR B 276 -9.69 -34.58 10.14
C TYR B 276 -9.94 -33.54 9.07
N ASP B 277 -11.18 -33.05 9.00
CA ASP B 277 -11.43 -31.87 8.20
C ASP B 277 -11.34 -30.62 9.06
N ILE B 278 -11.47 -29.46 8.42
CA ILE B 278 -11.33 -28.19 9.13
C ILE B 278 -12.24 -28.18 10.36
N ASP B 279 -13.48 -28.61 10.20
CA ASP B 279 -14.40 -28.57 11.33
C ASP B 279 -13.95 -29.50 12.45
N ASP B 280 -13.24 -30.58 12.13
CA ASP B 280 -12.74 -31.47 13.18
C ASP B 280 -11.55 -30.86 13.92
N LEU B 281 -10.79 -29.98 13.27
CA LEU B 281 -9.61 -29.37 13.89
C LEU B 281 -9.95 -28.11 14.69
N ALA B 282 -10.93 -27.35 14.23
CA ALA B 282 -11.35 -26.13 14.92
C ALA B 282 -12.83 -25.93 14.63
N SER B 283 -13.67 -25.99 15.66
CA SER B 283 -15.11 -25.96 15.45
C SER B 283 -15.76 -24.89 16.31
N GLY B 284 -16.89 -24.39 15.82
CA GLY B 284 -17.65 -23.40 16.55
C GLY B 284 -17.06 -22.01 16.38
N ASP B 285 -17.23 -21.20 17.42
CA ASP B 285 -16.78 -19.82 17.41
C ASP B 285 -15.26 -19.79 17.63
N ILE B 286 -14.52 -19.36 16.61
CA ILE B 286 -13.06 -19.32 16.65
C ILE B 286 -12.59 -17.89 16.43
N VAL B 287 -11.62 -17.46 17.24
CA VAL B 287 -10.88 -16.22 17.01
C VAL B 287 -9.43 -16.60 16.72
N PHE B 288 -8.85 -16.02 15.66
CA PHE B 288 -7.46 -16.26 15.28
C PHE B 288 -6.74 -14.91 15.17
N ALA B 289 -5.56 -14.82 15.78
CA ALA B 289 -4.72 -13.62 15.67
C ALA B 289 -3.29 -14.04 15.38
N ALA B 290 -2.61 -13.26 14.55
CA ALA B 290 -1.20 -13.51 14.27
C ALA B 290 -0.51 -12.20 14.00
N THR B 291 0.79 -12.16 14.32
CA THR B 291 1.66 -11.04 14.00
C THR B 291 2.92 -11.54 13.32
N GLY B 292 3.35 -10.83 12.27
CA GLY B 292 4.60 -11.16 11.63
C GLY B 292 5.80 -10.87 12.52
N VAL B 293 6.74 -11.81 12.55
CA VAL B 293 8.05 -11.55 13.17
C VAL B 293 9.05 -11.16 12.09
N THR B 294 9.22 -12.03 11.09
CA THR B 294 9.98 -11.73 9.89
C THR B 294 9.04 -11.66 8.70
N ASP B 295 9.55 -11.14 7.59
CA ASP B 295 8.73 -11.13 6.37
C ASP B 295 8.38 -12.55 5.94
N GLY B 296 7.11 -12.78 5.63
CA GLY B 296 6.70 -14.11 5.19
C GLY B 296 5.67 -14.12 4.09
N ASN B 297 5.16 -15.28 3.71
CA ASN B 297 4.17 -15.32 2.65
C ASN B 297 2.76 -15.02 3.17
N MET B 298 2.62 -14.75 4.46
CA MET B 298 1.34 -14.34 5.03
C MET B 298 1.39 -12.91 5.59
N LEU B 299 2.40 -12.60 6.40
CA LEU B 299 2.50 -11.28 7.03
C LEU B 299 3.90 -10.73 6.84
N GLN B 300 3.98 -9.40 6.80
CA GLN B 300 5.24 -8.68 6.82
C GLN B 300 5.80 -8.64 8.25
N GLY B 301 7.13 -8.54 8.35
CA GLY B 301 7.81 -8.58 9.62
C GLY B 301 7.94 -7.22 10.30
N VAL B 302 8.46 -7.24 11.53
CA VAL B 302 8.61 -6.01 12.28
C VAL B 302 9.67 -5.17 11.61
N LYS B 303 9.51 -3.85 11.61
CA LYS B 303 10.52 -3.00 11.01
C LYS B 303 10.80 -1.82 11.93
N ARG B 304 12.06 -1.39 11.96
CA ARG B 304 12.44 -0.14 12.60
C ARG B 304 12.16 1.04 11.67
N VAL B 305 11.53 2.09 12.18
CA VAL B 305 11.18 3.24 11.36
C VAL B 305 11.61 4.53 12.05
N ASN B 306 12.16 5.46 11.27
CA ASN B 306 12.47 6.82 11.70
C ASN B 306 11.40 7.79 11.21
N SER B 307 11.18 8.84 11.99
CA SER B 307 10.40 9.99 11.51
C SER B 307 10.60 11.14 12.47
N THR B 308 10.70 12.35 11.92
CA THR B 308 10.68 13.54 12.76
C THR B 308 9.29 13.77 13.32
N ARG B 309 8.27 13.38 12.55
CA ARG B 309 6.88 13.63 12.95
C ARG B 309 6.54 13.01 14.29
N ARG B 310 6.87 11.73 14.49
CA ARG B 310 6.53 11.05 15.74
C ARG B 310 7.71 10.43 16.47
N GLY B 311 8.92 10.59 15.98
CA GLY B 311 10.05 9.90 16.55
C GLY B 311 10.18 8.52 15.94
N SER B 312 11.12 7.75 16.49
CA SER B 312 11.36 6.40 15.98
C SER B 312 10.35 5.44 16.59
N TYR B 313 10.09 4.35 15.86
CA TYR B 313 9.11 3.37 16.32
C TYR B 313 9.33 2.04 15.62
N ALA B 314 8.79 0.99 16.20
CA ALA B 314 8.74 -0.31 15.54
C ALA B 314 7.36 -0.48 14.92
N VAL B 315 7.30 -0.98 13.69
CA VAL B 315 6.02 -1.28 13.02
C VAL B 315 5.79 -2.78 13.07
N THR B 316 4.58 -3.17 13.50
CA THR B 316 4.16 -4.57 13.43
C THR B 316 2.98 -4.71 12.49
N HIS B 317 2.87 -5.88 11.86
CA HIS B 317 1.77 -6.20 10.94
C HIS B 317 1.05 -7.44 11.45
N SER B 318 -0.24 -7.31 11.68
CA SER B 318 -1.04 -8.36 12.31
C SER B 318 -2.31 -8.60 11.50
N VAL B 319 -2.94 -9.72 11.82
CA VAL B 319 -4.27 -10.02 11.31
C VAL B 319 -5.05 -10.67 12.44
N VAL B 320 -6.32 -10.31 12.56
CA VAL B 320 -7.21 -10.95 13.52
C VAL B 320 -8.54 -11.20 12.84
N MET B 321 -9.12 -12.37 13.13
CA MET B 321 -10.29 -12.83 12.40
C MET B 321 -11.11 -13.72 13.32
N ARG B 322 -12.37 -13.92 12.94
CA ARG B 322 -13.31 -14.67 13.76
C ARG B 322 -14.28 -15.41 12.86
N SER B 323 -14.51 -16.69 13.18
CA SER B 323 -15.20 -17.56 12.23
C SER B 323 -16.69 -17.24 12.14
N THR B 324 -17.28 -16.70 13.21
CA THR B 324 -18.71 -16.46 13.18
C THR B 324 -19.06 -15.32 12.24
N THR B 325 -18.37 -14.19 12.36
CA THR B 325 -18.71 -13.05 11.51
C THR B 325 -17.98 -13.06 10.17
N LYS B 326 -16.91 -13.87 10.04
CA LYS B 326 -15.96 -13.87 8.93
C LYS B 326 -15.28 -12.50 8.74
N THR B 327 -15.46 -11.56 9.67
CA THR B 327 -14.72 -10.30 9.63
C THR B 327 -13.22 -10.55 9.78
N VAL B 328 -12.43 -9.92 8.92
CA VAL B 328 -10.96 -10.04 8.95
C VAL B 328 -10.41 -8.64 9.07
N ARG B 329 -9.52 -8.42 10.04
CA ARG B 329 -8.89 -7.12 10.21
C ARG B 329 -7.39 -7.24 10.02
N HIS B 330 -6.84 -6.37 9.17
CA HIS B 330 -5.39 -6.23 8.98
C HIS B 330 -4.94 -5.00 9.75
N ILE B 331 -3.97 -5.17 10.65
CA ILE B 331 -3.61 -4.11 11.59
C ILE B 331 -2.14 -3.79 11.40
N THR B 332 -1.84 -2.51 11.18
CA THR B 332 -0.46 -2.01 11.16
C THR B 332 -0.28 -1.12 12.37
N ALA B 333 0.61 -1.50 13.28
CA ALA B 333 0.73 -0.79 14.56
C ALA B 333 2.12 -0.15 14.69
N GLU B 334 2.12 1.09 15.18
CA GLU B 334 3.32 1.88 15.41
C GLU B 334 3.58 1.91 16.91
N HIS B 335 4.70 1.32 17.34
CA HIS B 335 5.06 1.23 18.76
C HIS B 335 6.26 2.13 19.03
N SER B 336 6.08 3.17 19.84
CA SER B 336 7.18 4.08 20.18
C SER B 336 8.35 3.30 20.77
N PHE B 337 9.56 3.64 20.32
CA PHE B 337 10.76 3.02 20.87
C PHE B 337 11.99 3.87 20.51
N ASP B 338 12.88 4.02 21.48
CA ASP B 338 14.15 4.73 21.32
C ASP B 338 15.22 3.71 20.97
N PHE B 339 15.62 3.66 19.70
CA PHE B 339 16.59 2.66 19.29
C PHE B 339 18.02 3.02 19.66
N LYS B 340 18.22 4.12 20.40
CA LYS B 340 19.50 4.33 21.05
C LYS B 340 19.66 3.45 22.28
N GLU B 341 18.57 2.98 22.86
CA GLU B 341 18.59 1.99 23.92
C GLU B 341 18.66 0.58 23.31
N GLY B 342 19.19 -0.36 24.08
CA GLY B 342 19.24 -1.75 23.65
C GLY B 342 17.91 -2.32 23.21
N ILE B 343 17.92 -3.07 22.10
CA ILE B 343 16.68 -3.60 21.51
C ILE B 343 15.95 -4.52 22.47
N GLU B 344 16.67 -5.18 23.40
CA GLU B 344 16.03 -6.13 24.29
C GLU B 344 15.12 -5.48 25.32
N LYS B 345 14.99 -4.15 25.31
CA LYS B 345 13.91 -3.53 26.06
C LYS B 345 12.54 -3.89 25.51
N PHE B 346 12.47 -4.50 24.32
CA PHE B 346 11.20 -5.02 23.84
C PHE B 346 10.79 -6.33 24.51
N MET B 347 11.60 -6.88 25.41
CA MET B 347 11.27 -8.16 26.03
C MET B 347 10.32 -7.95 27.21
N SER B 348 9.47 -8.97 27.42
CA SER B 348 8.31 -8.87 28.31
C SER B 348 7.53 -7.58 28.08
N MET C 21 -8.29 3.41 32.58
CA MET C 21 -8.86 2.76 31.40
C MET C 21 -8.14 1.46 31.08
N ASN C 22 -8.89 0.37 30.98
CA ASN C 22 -8.31 -0.90 30.56
C ASN C 22 -7.85 -0.82 29.12
N ARG C 23 -6.74 -1.49 28.81
CA ARG C 23 -6.24 -1.48 27.43
C ARG C 23 -7.24 -2.04 26.43
N LYS C 24 -8.23 -2.84 26.87
CA LYS C 24 -9.15 -3.48 25.95
C LYS C 24 -10.08 -2.49 25.27
N VAL C 25 -10.47 -1.43 25.98
CA VAL C 25 -11.47 -0.50 25.47
C VAL C 25 -10.94 0.26 24.25
N ALA C 26 -9.61 0.43 24.17
CA ALA C 26 -9.01 1.09 23.02
C ALA C 26 -9.42 0.38 21.73
N LEU C 27 -9.08 -0.90 21.62
CA LEU C 27 -9.45 -1.65 20.43
C LEU C 27 -10.95 -1.90 20.34
N GLU C 28 -11.69 -1.86 21.45
CA GLU C 28 -13.15 -2.00 21.28
C GLU C 28 -13.77 -0.75 20.66
N ALA C 29 -13.13 0.42 20.81
CA ALA C 29 -13.70 1.64 20.24
C ALA C 29 -13.82 1.57 18.72
N VAL C 30 -12.91 0.83 18.08
CA VAL C 30 -12.86 0.78 16.63
C VAL C 30 -14.06 0.04 16.07
N ARG C 31 -14.50 -1.02 16.74
CA ARG C 31 -15.71 -1.69 16.31
C ARG C 31 -16.87 -0.72 16.26
N VAL C 32 -16.96 0.17 17.25
CA VAL C 32 -18.01 1.18 17.29
C VAL C 32 -17.93 2.09 16.08
N THR C 33 -16.74 2.65 15.82
CA THR C 33 -16.65 3.58 14.69
C THR C 33 -16.87 2.85 13.36
N GLU C 34 -16.43 1.59 13.24
CA GLU C 34 -16.65 0.85 12.00
C GLU C 34 -18.13 0.64 11.72
N LEU C 35 -18.89 0.26 12.75
CA LEU C 35 -20.32 0.02 12.57
C LEU C 35 -21.06 1.30 12.24
N ALA C 36 -20.69 2.41 12.90
CA ALA C 36 -21.30 3.68 12.55
C ALA C 36 -20.95 4.09 11.11
N ALA C 37 -19.72 3.82 10.69
CA ALA C 37 -19.31 4.18 9.34
C ALA C 37 -20.08 3.36 8.29
N LEU C 38 -20.22 2.05 8.51
CA LEU C 38 -21.00 1.23 7.59
C LEU C 38 -22.43 1.72 7.47
N ALA C 39 -23.05 2.07 8.61
CA ALA C 39 -24.42 2.56 8.57
C ALA C 39 -24.50 3.90 7.86
N SER C 40 -23.52 4.79 8.09
CA SER C 40 -23.51 6.06 7.37
C SER C 40 -23.32 5.83 5.88
N TRP C 41 -22.47 4.87 5.54
CA TRP C 41 -22.12 4.63 4.15
C TRP C 41 -23.34 4.18 3.37
N SER C 42 -24.21 3.40 4.03
CA SER C 42 -25.46 3.01 3.37
C SER C 42 -26.30 4.23 2.95
N GLN C 43 -26.12 5.37 3.61
CA GLN C 43 -26.84 6.60 3.29
C GLN C 43 -26.01 7.59 2.48
N MET C 44 -24.80 7.21 2.07
CA MET C 44 -23.93 8.13 1.36
C MET C 44 -24.54 8.49 0.01
N GLY C 45 -24.61 9.77 -0.28
CA GLY C 45 -25.06 10.15 -1.60
C GLY C 45 -26.55 9.99 -1.79
N ARG C 46 -27.32 9.92 -0.70
CA ARG C 46 -28.78 9.85 -0.80
C ARG C 46 -29.43 11.21 -0.62
N GLY C 47 -28.64 12.26 -0.37
CA GLY C 47 -29.18 13.60 -0.29
C GLY C 47 -30.05 13.84 0.92
N ASP C 48 -29.90 13.02 1.97
CA ASP C 48 -30.73 13.09 3.17
C ASP C 48 -29.81 13.14 4.39
N LYS C 49 -29.40 14.36 4.78
CA LYS C 49 -28.46 14.46 5.89
C LYS C 49 -29.08 13.99 7.21
N ILE C 50 -30.39 14.15 7.36
CA ILE C 50 -31.05 13.68 8.58
C ILE C 50 -30.98 12.16 8.68
N ALA C 51 -31.28 11.46 7.59
CA ALA C 51 -31.27 10.01 7.60
C ALA C 51 -29.87 9.45 7.80
N ALA C 52 -28.87 10.06 7.15
CA ALA C 52 -27.48 9.65 7.40
C ALA C 52 -27.13 9.79 8.88
N ASP C 53 -27.42 10.97 9.44
CA ASP C 53 -27.12 11.20 10.86
C ASP C 53 -27.81 10.16 11.74
N GLN C 54 -29.08 9.86 11.44
CA GLN C 54 -29.81 8.94 12.30
C GLN C 54 -29.27 7.51 12.18
N ALA C 55 -28.93 7.08 10.97
CA ALA C 55 -28.33 5.75 10.82
C ALA C 55 -27.06 5.65 11.65
N ALA C 56 -26.24 6.72 11.61
CA ALA C 56 -25.00 6.70 12.36
C ALA C 56 -25.27 6.69 13.86
N VAL C 57 -26.19 7.54 14.32
CA VAL C 57 -26.52 7.58 15.75
C VAL C 57 -26.98 6.20 16.22
N ASP C 58 -27.90 5.57 15.48
CA ASP C 58 -28.44 4.28 15.89
C ASP C 58 -27.34 3.22 16.01
N ALA C 59 -26.51 3.12 14.97
CA ALA C 59 -25.44 2.13 14.99
C ALA C 59 -24.41 2.42 16.08
N MET C 60 -24.08 3.69 16.30
CA MET C 60 -23.08 4.00 17.33
C MET C 60 -23.63 3.71 18.72
N ARG C 61 -24.89 4.06 18.98
CA ARG C 61 -25.44 3.78 20.31
C ARG C 61 -25.52 2.28 20.55
N LYS C 62 -25.97 1.50 19.57
CA LYS C 62 -26.07 0.07 19.77
C LYS C 62 -24.70 -0.55 19.99
N ALA C 63 -23.67 -0.09 19.27
CA ALA C 63 -22.35 -0.67 19.46
C ALA C 63 -21.75 -0.22 20.77
N LEU C 64 -21.98 1.03 21.16
CA LEU C 64 -21.42 1.55 22.40
C LEU C 64 -21.95 0.83 23.61
N ASN C 65 -23.23 0.42 23.57
CA ASN C 65 -23.76 -0.25 24.75
C ASN C 65 -23.23 -1.67 24.94
N GLU C 66 -22.44 -2.18 23.99
CA GLU C 66 -21.74 -3.44 24.18
C GLU C 66 -20.30 -3.26 24.64
N VAL C 67 -19.82 -2.03 24.74
CA VAL C 67 -18.45 -1.75 25.20
C VAL C 67 -18.44 -1.82 26.72
N ASP C 68 -17.41 -2.46 27.27
CA ASP C 68 -17.29 -2.66 28.72
C ASP C 68 -16.74 -1.38 29.38
N ILE C 69 -17.59 -0.36 29.40
CA ILE C 69 -17.25 0.91 30.04
C ILE C 69 -18.46 1.43 30.81
N ASP C 70 -18.20 2.27 31.80
CA ASP C 70 -19.18 3.11 32.46
C ASP C 70 -18.91 4.51 31.90
N GLY C 71 -19.58 4.85 30.81
CA GLY C 71 -19.29 6.08 30.09
C GLY C 71 -20.33 7.16 30.31
N THR C 72 -19.88 8.41 30.24
CA THR C 72 -20.79 9.54 30.30
C THR C 72 -20.51 10.45 29.10
N VAL C 73 -21.56 10.73 28.34
CA VAL C 73 -21.41 11.55 27.13
C VAL C 73 -21.19 13.00 27.52
N VAL C 74 -19.98 13.52 27.22
CA VAL C 74 -19.69 14.92 27.40
C VAL C 74 -19.70 15.68 26.08
N ILE C 75 -19.36 15.02 24.97
CA ILE C 75 -19.53 15.57 23.64
C ILE C 75 -20.32 14.54 22.85
N GLY C 76 -21.44 14.95 22.32
CA GLY C 76 -22.32 14.01 21.67
C GLY C 76 -23.18 14.66 20.65
N GLU C 77 -24.35 14.06 20.44
CA GLU C 77 -25.24 14.46 19.38
C GLU C 77 -25.90 15.80 19.67
N GLY C 78 -26.12 16.10 20.95
CA GLY C 78 -26.73 17.35 21.33
C GLY C 78 -27.29 17.24 22.74
N GLU C 79 -28.00 18.27 23.15
CA GLU C 79 -28.63 18.24 24.46
C GLU C 79 -29.90 17.40 24.41
N LEU C 80 -30.31 16.87 25.57
CA LEU C 80 -31.38 15.88 25.60
C LEU C 80 -32.67 16.43 24.97
N ASP C 81 -32.95 17.73 25.15
CA ASP C 81 -34.16 18.31 24.59
C ASP C 81 -34.19 18.26 23.07
N GLU C 82 -33.04 18.19 22.41
CA GLU C 82 -32.97 18.09 20.96
C GLU C 82 -32.51 16.73 20.44
N ALA C 83 -31.85 15.92 21.26
CA ALA C 83 -31.31 14.64 20.83
C ALA C 83 -31.77 13.55 21.77
N PRO C 84 -32.65 12.65 21.33
CA PRO C 84 -33.07 11.54 22.21
C PRO C 84 -31.98 10.52 22.46
N MET C 85 -30.99 10.37 21.57
CA MET C 85 -29.91 9.39 21.71
C MET C 85 -28.54 10.07 21.67
N LEU C 86 -27.62 9.57 22.50
CA LEU C 86 -26.25 10.09 22.59
C LEU C 86 -26.24 11.59 22.94
N TYR C 87 -26.98 11.95 23.97
CA TYR C 87 -27.09 13.33 24.38
C TYR C 87 -26.12 13.63 25.51
N ILE C 88 -25.82 14.92 25.68
CA ILE C 88 -24.89 15.32 26.73
C ILE C 88 -25.41 14.83 28.06
N GLY C 89 -24.59 14.07 28.77
CA GLY C 89 -24.97 13.51 30.05
C GLY C 89 -25.41 12.06 30.01
N GLU C 90 -25.81 11.54 28.85
CA GLU C 90 -26.30 10.17 28.79
C GLU C 90 -25.24 9.19 29.29
N LYS C 91 -25.69 8.18 30.03
CA LYS C 91 -24.82 7.09 30.47
C LYS C 91 -24.84 6.00 29.41
N VAL C 92 -23.65 5.51 29.03
CA VAL C 92 -23.55 4.53 27.96
C VAL C 92 -22.53 3.46 28.35
N GLY C 93 -22.64 2.32 27.69
CA GLY C 93 -21.73 1.21 27.88
C GLY C 93 -22.38 0.07 28.63
N ALA C 94 -21.66 -1.06 28.64
CA ALA C 94 -22.13 -2.27 29.32
C ALA C 94 -21.65 -2.36 30.76
N GLY C 95 -20.81 -1.44 31.20
CA GLY C 95 -20.29 -1.52 32.55
C GLY C 95 -18.80 -1.81 32.52
N GLY C 96 -18.05 -1.07 33.33
CA GLY C 96 -16.60 -1.20 33.34
C GLY C 96 -15.97 0.03 33.95
N CYS C 97 -14.74 0.33 33.51
CA CYS C 97 -14.05 1.51 33.99
C CYS C 97 -14.83 2.77 33.61
N GLU C 98 -14.73 3.79 34.47
CA GLU C 98 -15.48 5.02 34.27
C GLU C 98 -14.73 5.92 33.29
N VAL C 99 -15.43 6.38 32.25
CA VAL C 99 -14.82 7.22 31.22
C VAL C 99 -15.79 8.31 30.80
N ASP C 100 -15.22 9.48 30.49
CA ASP C 100 -15.92 10.51 29.76
C ASP C 100 -15.77 10.19 28.27
N ILE C 101 -16.84 10.37 27.52
CA ILE C 101 -16.88 9.97 26.12
C ILE C 101 -17.21 11.19 25.26
N ALA C 102 -16.40 11.39 24.22
CA ALA C 102 -16.58 12.45 23.25
C ALA C 102 -16.92 11.78 21.91
N LEU C 103 -18.11 12.09 21.39
CA LEU C 103 -18.73 11.33 20.32
C LEU C 103 -18.95 12.20 19.11
N ASP C 104 -18.78 11.61 17.93
CA ASP C 104 -19.36 12.16 16.70
C ASP C 104 -19.83 10.94 15.90
N PRO C 105 -21.11 10.58 16.02
CA PRO C 105 -21.65 9.49 15.20
C PRO C 105 -21.32 9.66 13.72
N LEU C 106 -21.45 10.88 13.21
CA LEU C 106 -21.16 11.13 11.81
C LEU C 106 -20.62 12.55 11.71
N GLU C 107 -19.30 12.68 11.53
CA GLU C 107 -18.69 13.98 11.30
C GLU C 107 -18.80 14.28 9.81
N GLY C 108 -19.74 15.16 9.46
CA GLY C 108 -20.05 15.44 8.09
C GLY C 108 -21.33 14.77 7.63
N THR C 109 -22.46 15.15 8.23
CA THR C 109 -23.74 14.63 7.75
C THR C 109 -24.04 15.15 6.34
N THR C 110 -23.89 16.47 6.13
CA THR C 110 -24.06 17.01 4.78
C THR C 110 -23.03 16.42 3.81
N ILE C 111 -21.77 16.29 4.27
CA ILE C 111 -20.75 15.61 3.48
C ILE C 111 -21.27 14.26 3.00
N THR C 112 -21.66 13.42 3.94
CA THR C 112 -22.07 12.06 3.61
C THR C 112 -23.27 12.06 2.68
N SER C 113 -24.19 13.02 2.88
CA SER C 113 -25.38 13.10 2.03
C SER C 113 -25.04 13.41 0.58
N LYS C 114 -23.91 14.11 0.34
CA LYS C 114 -23.47 14.40 -1.03
C LYS C 114 -22.28 13.55 -1.49
N GLY C 115 -21.81 12.60 -0.68
CA GLY C 115 -20.64 11.84 -1.02
C GLY C 115 -19.38 12.69 -1.10
N GLY C 116 -19.35 13.84 -0.44
CA GLY C 116 -18.17 14.69 -0.43
C GLY C 116 -17.03 14.10 0.39
N ALA C 117 -15.90 14.81 0.40
CA ALA C 117 -14.70 14.33 1.08
C ALA C 117 -14.71 14.62 2.57
N ASN C 118 -13.98 13.80 3.33
CA ASN C 118 -13.58 14.00 4.72
C ASN C 118 -14.64 13.61 5.76
N ALA C 119 -15.65 12.82 5.39
CA ALA C 119 -16.57 12.35 6.42
C ALA C 119 -15.96 11.20 7.21
N LEU C 120 -16.18 11.24 8.52
CA LEU C 120 -15.61 10.32 9.48
C LEU C 120 -16.67 9.98 10.50
N THR C 121 -16.49 8.85 11.17
CA THR C 121 -17.14 8.61 12.44
C THR C 121 -16.06 8.60 13.53
N VAL C 122 -16.39 9.12 14.72
CA VAL C 122 -15.38 9.43 15.74
C VAL C 122 -15.86 8.99 17.12
N LEU C 123 -14.99 8.29 17.85
CA LEU C 123 -15.23 7.97 19.27
C LEU C 123 -13.94 8.19 20.06
N ALA C 124 -13.99 9.04 21.09
CA ALA C 124 -12.85 9.25 21.96
C ALA C 124 -13.28 9.04 23.42
N MET C 125 -12.34 8.53 24.21
CA MET C 125 -12.62 8.28 25.63
C MET C 125 -11.46 8.82 26.47
N ALA C 126 -11.82 9.34 27.65
CA ALA C 126 -10.84 9.91 28.58
C ALA C 126 -11.23 9.57 30.00
N ASP C 127 -10.27 9.74 30.91
CA ASP C 127 -10.62 9.81 32.31
C ASP C 127 -11.49 11.03 32.57
N LYS C 128 -12.25 10.98 33.66
CA LYS C 128 -13.24 12.00 33.96
C LYS C 128 -12.63 13.39 33.93
N GLY C 129 -13.32 14.31 33.27
CA GLY C 129 -12.84 15.67 33.11
C GLY C 129 -11.77 15.85 32.05
N GLY C 130 -11.47 14.81 31.27
CA GLY C 130 -10.37 14.91 30.31
C GLY C 130 -10.64 15.86 29.16
N PHE C 131 -11.89 15.98 28.74
CA PHE C 131 -12.25 16.79 27.58
C PHE C 131 -12.83 18.13 28.01
N LEU C 132 -12.55 19.17 27.22
CA LEU C 132 -13.30 20.41 27.37
C LEU C 132 -14.77 20.16 27.07
N ASN C 133 -15.63 20.42 28.04
CA ASN C 133 -17.08 20.27 27.86
C ASN C 133 -17.55 21.47 27.03
N ALA C 134 -17.53 21.30 25.70
CA ALA C 134 -17.68 22.54 24.95
C ALA C 134 -19.11 22.74 24.49
N PRO C 135 -19.57 23.99 24.47
CA PRO C 135 -20.91 24.30 23.98
C PRO C 135 -20.95 24.26 22.47
N ASP C 136 -22.17 24.13 21.95
CA ASP C 136 -22.40 24.08 20.51
C ASP C 136 -22.32 25.48 19.94
N VAL C 137 -21.09 25.97 19.80
CA VAL C 137 -20.82 27.27 19.23
C VAL C 137 -19.61 27.13 18.31
N TYR C 138 -19.31 28.19 17.56
CA TYR C 138 -18.13 28.18 16.71
C TYR C 138 -16.87 28.41 17.54
N MET C 139 -15.73 28.03 16.93
CA MET C 139 -14.44 27.97 17.61
C MET C 139 -13.35 28.26 16.57
N GLN C 140 -12.53 29.28 16.84
CA GLN C 140 -11.31 29.53 16.08
C GLN C 140 -10.26 28.47 16.41
N LYS C 141 -9.58 27.98 15.38
CA LYS C 141 -8.66 26.85 15.51
C LYS C 141 -7.38 27.15 14.72
N ILE C 142 -6.25 26.79 15.29
CA ILE C 142 -5.00 26.70 14.53
C ILE C 142 -4.25 25.49 15.02
N ALA C 143 -3.69 24.71 14.10
CA ALA C 143 -3.08 23.45 14.48
C ALA C 143 -1.91 23.11 13.56
N VAL C 144 -0.93 22.41 14.13
CA VAL C 144 0.24 21.95 13.38
C VAL C 144 0.66 20.63 14.02
N GLY C 145 1.26 19.76 13.22
CA GLY C 145 1.66 18.45 13.70
C GLY C 145 3.16 18.40 14.02
N GLY C 146 3.53 17.34 14.72
CA GLY C 146 4.93 17.07 14.99
C GLY C 146 5.19 16.96 16.48
N ILE C 147 5.79 15.83 16.90
CA ILE C 147 6.03 15.60 18.33
C ILE C 147 6.96 16.67 18.93
N ASN C 148 7.83 17.25 18.13
CA ASN C 148 8.77 18.25 18.66
C ASN C 148 8.21 19.67 18.68
N ALA C 149 6.98 19.92 18.24
CA ALA C 149 6.50 21.30 18.17
C ALA C 149 6.30 21.83 19.58
N PRO C 150 6.83 23.01 19.91
CA PRO C 150 6.63 23.54 21.26
C PRO C 150 5.35 24.35 21.38
N LYS C 151 4.83 24.35 22.59
CA LYS C 151 3.71 25.22 22.92
C LYS C 151 4.09 26.66 22.61
N GLY C 152 3.20 27.38 21.92
CA GLY C 152 3.50 28.68 21.39
C GLY C 152 3.88 28.73 19.93
N ILE C 153 4.17 27.58 19.31
CA ILE C 153 4.44 27.63 17.86
C ILE C 153 3.26 28.27 17.13
N VAL C 154 2.03 27.95 17.56
CA VAL C 154 0.82 28.53 16.99
C VAL C 154 0.11 29.33 18.07
N ASP C 155 -0.42 30.49 17.69
CA ASP C 155 -1.19 31.30 18.63
C ASP C 155 -2.18 32.15 17.85
N LEU C 156 -3.44 32.12 18.28
CA LEU C 156 -4.50 32.80 17.53
C LEU C 156 -4.36 34.32 17.51
N ASP C 157 -3.57 34.91 18.41
CA ASP C 157 -3.40 36.35 18.42
C ASP C 157 -2.18 36.83 17.62
N ASP C 158 -1.22 35.96 17.32
CA ASP C 158 -0.21 36.31 16.32
C ASP C 158 -0.83 36.34 14.93
N SER C 159 -0.19 37.07 14.02
CA SER C 159 -0.70 37.11 12.66
C SER C 159 -0.55 35.74 11.98
N VAL C 160 -1.35 35.51 10.94
CA VAL C 160 -1.18 34.31 10.14
C VAL C 160 0.25 34.21 9.65
N THR C 161 0.82 35.34 9.21
CA THR C 161 2.17 35.36 8.69
C THR C 161 3.17 34.83 9.71
N ASN C 162 3.08 35.29 10.95
CA ASN C 162 4.10 34.92 11.94
C ASN C 162 3.96 33.48 12.38
N ASN C 163 2.71 33.00 12.50
CA ASN C 163 2.50 31.58 12.72
C ASN C 163 3.18 30.77 11.64
N LEU C 164 2.97 31.17 10.38
CA LEU C 164 3.49 30.39 9.27
C LEU C 164 5.00 30.46 9.20
N LYS C 165 5.59 31.62 9.51
CA LYS C 165 7.05 31.72 9.54
C LYS C 165 7.66 30.78 10.59
N ARG C 166 7.07 30.75 11.79
CA ARG C 166 7.55 29.81 12.81
C ARG C 166 7.38 28.36 12.35
N ILE C 167 6.24 28.02 11.74
CA ILE C 167 6.06 26.63 11.33
C ILE C 167 7.03 26.25 10.22
N ALA C 168 7.28 27.15 9.26
CA ALA C 168 8.27 26.87 8.23
C ALA C 168 9.66 26.66 8.82
N GLU C 169 10.02 27.49 9.81
CA GLU C 169 11.29 27.29 10.51
C GLU C 169 11.35 25.93 11.20
N PHE C 170 10.29 25.59 11.93
CA PHE C 170 10.24 24.32 12.67
C PHE C 170 10.33 23.12 11.72
N LYS C 171 9.69 23.21 10.56
CA LYS C 171 9.73 22.08 9.63
C LYS C 171 10.96 22.08 8.74
N GLY C 172 11.74 23.16 8.74
CA GLY C 172 12.92 23.22 7.89
C GLY C 172 12.63 23.36 6.41
N VAL C 173 11.58 24.11 6.04
CA VAL C 173 11.23 24.32 4.65
C VAL C 173 11.03 25.80 4.39
N HIS C 174 11.20 26.18 3.12
CA HIS C 174 10.81 27.50 2.66
C HIS C 174 9.30 27.68 2.80
N MET C 175 8.89 28.91 3.09
CA MET C 175 7.46 29.22 3.22
C MET C 175 6.64 28.73 2.03
N SER C 176 7.23 28.71 0.82
CA SER C 176 6.48 28.29 -0.36
C SER C 176 6.13 26.80 -0.35
N ALA C 177 6.86 26.01 0.42
CA ALA C 177 6.61 24.57 0.50
C ALA C 177 5.39 24.26 1.37
N LEU C 178 5.06 25.17 2.30
CA LEU C 178 4.01 24.89 3.28
C LEU C 178 2.64 24.81 2.62
N VAL C 179 1.83 23.88 3.09
CA VAL C 179 0.43 23.72 2.64
C VAL C 179 -0.47 24.02 3.82
N VAL C 180 -1.26 25.08 3.72
CA VAL C 180 -2.22 25.45 4.75
C VAL C 180 -3.60 24.97 4.30
N CYS C 181 -4.33 24.32 5.17
CA CYS C 181 -5.68 23.87 4.84
C CYS C 181 -6.69 24.70 5.61
N THR C 182 -7.77 25.10 4.95
CA THR C 182 -8.89 25.75 5.63
C THR C 182 -10.16 25.41 4.86
N MET C 183 -11.30 25.71 5.48
CA MET C 183 -12.60 25.49 4.84
C MET C 183 -12.95 26.62 3.89
N ASP C 184 -13.58 26.26 2.76
CA ASP C 184 -14.00 27.23 1.75
C ASP C 184 -15.23 27.97 2.29
N ARG C 185 -15.00 29.08 2.99
CA ARG C 185 -16.05 29.90 3.62
C ARG C 185 -15.66 31.37 3.54
N PRO C 186 -16.65 32.27 3.42
CA PRO C 186 -16.32 33.70 3.47
C PRO C 186 -15.54 34.12 4.71
N ARG C 187 -15.89 33.60 5.89
CA ARG C 187 -15.18 33.93 7.13
C ARG C 187 -13.68 33.61 7.08
N HIS C 188 -13.21 32.89 6.07
CA HIS C 188 -11.80 32.53 5.99
C HIS C 188 -11.04 33.27 4.91
N GLU C 189 -11.69 34.24 4.23
CA GLU C 189 -11.03 34.94 3.13
C GLU C 189 -9.75 35.62 3.58
N HIS C 190 -9.79 36.32 4.73
CA HIS C 190 -8.60 36.99 5.24
C HIS C 190 -7.47 36.00 5.47
N ILE C 191 -7.79 34.83 6.05
CA ILE C 191 -6.75 33.82 6.25
C ILE C 191 -6.14 33.47 4.92
N ILE C 192 -7.02 33.12 3.96
CA ILE C 192 -6.55 32.64 2.67
C ILE C 192 -5.69 33.71 2.02
N LYS C 193 -6.12 34.97 2.12
CA LYS C 193 -5.38 36.02 1.44
C LYS C 193 -4.01 36.19 2.08
N GLU C 194 -3.98 36.23 3.42
CA GLU C 194 -2.71 36.54 4.07
C GLU C 194 -1.72 35.39 3.90
N ALA C 195 -2.19 34.15 4.04
CA ALA C 195 -1.31 33.02 3.83
C ALA C 195 -0.73 33.03 2.43
N ARG C 196 -1.56 33.35 1.42
CA ARG C 196 -1.01 33.36 0.08
C ARG C 196 -0.05 34.52 -0.08
N GLU C 197 -0.35 35.65 0.58
CA GLU C 197 0.50 36.80 0.44
C GLU C 197 1.87 36.52 1.05
N CYS C 198 1.92 35.73 2.12
CA CYS C 198 3.25 35.54 2.67
C CYS C 198 3.98 34.40 1.98
N GLY C 199 3.32 33.71 1.05
CA GLY C 199 3.96 32.80 0.12
C GLY C 199 3.54 31.34 0.24
N ALA C 200 2.68 31.00 1.18
CA ALA C 200 2.26 29.64 1.41
C ALA C 200 1.22 29.23 0.38
N ARG C 201 0.99 27.92 0.29
CA ARG C 201 -0.05 27.35 -0.54
C ARG C 201 -1.24 27.01 0.35
N VAL C 202 -2.44 27.42 -0.07
CA VAL C 202 -3.63 27.28 0.77
C VAL C 202 -4.63 26.41 0.03
N ILE C 203 -4.92 25.21 0.55
CA ILE C 203 -5.89 24.32 -0.06
C ILE C 203 -7.18 24.33 0.73
N LEU C 204 -8.30 24.18 0.01
CA LEU C 204 -9.61 24.42 0.60
C LEU C 204 -10.39 23.12 0.64
N ILE C 205 -11.10 22.90 1.75
CA ILE C 205 -12.03 21.79 1.85
C ILE C 205 -13.43 22.36 1.96
N ASN C 206 -14.42 21.61 1.45
CA ASN C 206 -15.81 22.07 1.55
C ASN C 206 -16.35 21.95 2.95
N ASP C 207 -15.81 21.01 3.73
CA ASP C 207 -16.30 20.61 5.04
C ASP C 207 -15.29 19.63 5.62
N GLY C 208 -15.39 19.43 6.93
CA GLY C 208 -14.65 18.35 7.55
C GLY C 208 -13.40 18.82 8.25
N ASP C 209 -13.54 19.71 9.25
CA ASP C 209 -12.34 20.21 9.90
C ASP C 209 -11.88 19.34 11.07
N VAL C 210 -12.60 18.26 11.38
CA VAL C 210 -11.99 17.22 12.20
C VAL C 210 -10.85 16.57 11.43
N SER C 211 -11.18 16.03 10.25
CA SER C 211 -10.18 15.46 9.35
C SER C 211 -9.11 16.50 9.03
N GLY C 212 -9.53 17.73 8.74
CA GLY C 212 -8.59 18.75 8.32
C GLY C 212 -7.54 19.10 9.39
N VAL C 213 -7.95 19.17 10.66
CA VAL C 213 -6.98 19.38 11.74
C VAL C 213 -6.09 18.16 11.95
N ILE C 214 -6.68 16.97 11.95
CA ILE C 214 -5.89 15.78 12.23
C ILE C 214 -4.91 15.49 11.09
N ALA C 215 -5.24 15.94 9.88
CA ALA C 215 -4.36 15.73 8.72
C ALA C 215 -2.99 16.35 8.97
N THR C 216 -2.92 17.40 9.79
CA THR C 216 -1.62 18.03 10.05
C THR C 216 -0.66 17.06 10.73
N ALA C 217 -1.15 16.02 11.38
CA ALA C 217 -0.26 15.06 12.01
C ALA C 217 -0.41 13.69 11.41
N THR C 218 -0.96 13.58 10.20
CA THR C 218 -1.11 12.31 9.52
C THR C 218 -0.08 12.19 8.41
N GLU C 219 0.63 11.06 8.39
CA GLU C 219 1.65 10.79 7.38
C GLU C 219 1.07 10.85 5.97
N ASN C 220 1.76 11.57 5.08
CA ASN C 220 1.43 11.70 3.67
C ASN C 220 0.11 12.41 3.40
N SER C 221 -0.42 13.14 4.39
CA SER C 221 -1.64 13.89 4.13
C SER C 221 -1.38 15.02 3.15
N GLY C 222 -0.16 15.54 3.13
CA GLY C 222 0.11 16.73 2.34
C GLY C 222 -0.34 18.02 2.98
N ILE C 223 -0.79 17.99 4.24
CA ILE C 223 -1.29 19.18 4.93
C ILE C 223 -0.36 19.47 6.11
N ASP C 224 0.22 20.68 6.13
CA ASP C 224 1.13 21.08 7.20
C ASP C 224 0.44 21.82 8.33
N VAL C 225 -0.54 22.66 8.02
CA VAL C 225 -1.17 23.55 9.00
C VAL C 225 -2.66 23.56 8.75
N TYR C 226 -3.45 23.65 9.81
CA TYR C 226 -4.87 23.93 9.65
C TYR C 226 -5.18 25.23 10.37
N ILE C 227 -5.86 26.15 9.70
CA ILE C 227 -6.28 27.42 10.30
C ILE C 227 -7.74 27.67 9.90
N GLY C 228 -8.64 27.75 10.86
CA GLY C 228 -9.98 28.17 10.49
C GLY C 228 -10.92 28.08 11.65
N THR C 229 -12.18 28.48 11.40
CA THR C 229 -13.25 28.48 12.38
C THR C 229 -14.26 27.38 12.05
N GLY C 230 -14.63 26.60 13.05
CA GLY C 230 -15.57 25.52 12.88
C GLY C 230 -16.28 25.19 14.17
N GLY C 231 -16.85 24.00 14.24
CA GLY C 231 -17.58 23.59 15.43
C GLY C 231 -16.66 23.35 16.62
N ALA C 232 -17.09 23.81 17.80
CA ALA C 232 -16.27 23.62 19.00
C ALA C 232 -16.14 22.15 19.39
N PRO C 233 -17.21 21.35 19.44
CA PRO C 233 -17.01 19.92 19.76
C PRO C 233 -16.07 19.21 18.77
N GLU C 234 -16.17 19.59 17.50
CA GLU C 234 -15.24 19.10 16.49
C GLU C 234 -13.80 19.47 16.82
N GLY C 235 -13.61 20.67 17.38
CA GLY C 235 -12.28 21.10 17.79
C GLY C 235 -11.74 20.22 18.91
N VAL C 236 -12.61 19.88 19.87
CA VAL C 236 -12.14 19.03 20.97
C VAL C 236 -11.78 17.63 20.47
N LEU C 237 -12.59 17.07 19.55
CA LEU C 237 -12.30 15.75 19.00
C LEU C 237 -10.96 15.72 18.27
N ALA C 238 -10.73 16.74 17.43
CA ALA C 238 -9.45 16.83 16.72
C ALA C 238 -8.28 17.00 17.70
N ALA C 239 -8.47 17.81 18.75
CA ALA C 239 -7.43 17.95 19.76
C ALA C 239 -7.10 16.61 20.43
N ALA C 240 -8.11 15.78 20.70
CA ALA C 240 -7.86 14.49 21.30
C ALA C 240 -6.94 13.64 20.42
N ALA C 241 -7.24 13.63 19.12
CA ALA C 241 -6.37 12.89 18.21
C ALA C 241 -4.95 13.47 18.19
N LEU C 242 -4.82 14.81 18.10
CA LEU C 242 -3.48 15.42 18.05
C LEU C 242 -2.68 15.18 19.32
N LYS C 243 -3.36 15.09 20.46
CA LYS C 243 -2.69 14.73 21.70
C LYS C 243 -2.10 13.33 21.61
N CYS C 244 -2.74 12.43 20.84
CA CYS C 244 -2.13 11.13 20.64
C CYS C 244 -1.06 11.11 19.54
N LEU C 245 -1.25 11.87 18.45
CA LEU C 245 -0.30 11.83 17.34
C LEU C 245 0.91 12.73 17.57
N GLY C 246 0.75 13.76 18.37
CA GLY C 246 1.82 14.72 18.59
C GLY C 246 1.59 15.95 17.75
N GLY C 247 1.54 17.11 18.39
CA GLY C 247 1.23 18.33 17.68
C GLY C 247 0.86 19.41 18.67
N GLN C 248 0.52 20.57 18.11
CA GLN C 248 0.10 21.70 18.93
C GLN C 248 -1.11 22.32 18.29
N MET C 249 -1.95 22.92 19.15
CA MET C 249 -3.20 23.48 18.67
C MET C 249 -3.66 24.52 19.67
N GLN C 250 -4.26 25.59 19.14
CA GLN C 250 -4.90 26.59 20.00
C GLN C 250 -6.30 26.85 19.47
N ALA C 251 -7.24 27.05 20.40
CA ALA C 251 -8.64 27.21 20.07
C ALA C 251 -9.23 28.34 20.91
N ARG C 252 -10.25 29.00 20.36
CA ARG C 252 -10.99 30.03 21.09
C ARG C 252 -12.47 29.98 20.72
N LEU C 253 -13.34 29.85 21.72
CA LEU C 253 -14.78 29.90 21.47
C LEU C 253 -15.19 31.31 21.09
N ILE C 254 -16.09 31.42 20.12
CA ILE C 254 -16.65 32.71 19.76
C ILE C 254 -18.17 32.62 19.82
N PHE C 255 -18.81 33.78 19.97
CA PHE C 255 -20.22 33.85 20.34
C PHE C 255 -20.92 34.89 19.49
N ASN C 256 -21.98 34.46 18.80
CA ASN C 256 -22.67 35.34 17.88
C ASN C 256 -23.92 36.00 18.48
N ASP C 257 -24.51 35.43 19.52
CA ASP C 257 -25.74 35.97 20.09
C ASP C 257 -25.83 35.56 21.57
N GLU C 258 -26.95 35.96 22.20
CA GLU C 258 -27.13 35.65 23.62
C GLU C 258 -27.40 34.17 23.83
N GLU C 259 -28.09 33.51 22.90
CA GLU C 259 -28.33 32.08 23.04
C GLU C 259 -27.01 31.31 23.12
N GLU C 260 -26.00 31.73 22.37
CA GLU C 260 -24.73 31.00 22.39
C GLU C 260 -23.97 31.27 23.68
N ILE C 261 -24.03 32.51 24.18
CA ILE C 261 -23.44 32.79 25.49
C ILE C 261 -24.10 31.93 26.55
N LYS C 262 -25.42 31.77 26.47
CA LYS C 262 -26.13 30.94 27.43
C LYS C 262 -25.67 29.49 27.34
N ARG C 263 -25.39 29.01 26.13
CA ARG C 263 -24.85 27.65 26.00
C ARG C 263 -23.53 27.52 26.74
N ALA C 264 -22.69 28.55 26.68
CA ALA C 264 -21.45 28.51 27.45
C ALA C 264 -21.74 28.52 28.96
N HIS C 265 -22.64 29.41 29.41
CA HIS C 265 -22.92 29.52 30.84
C HIS C 265 -23.50 28.23 31.41
N ARG C 266 -24.37 27.57 30.64
CA ARG C 266 -24.97 26.30 31.07
C ARG C 266 -23.90 25.25 31.37
N LEU C 267 -22.72 25.35 30.76
CA LEU C 267 -21.67 24.37 30.95
C LEU C 267 -20.56 24.86 31.89
N GLY C 268 -20.76 25.98 32.57
CA GLY C 268 -19.78 26.47 33.51
C GLY C 268 -18.74 27.41 32.96
N ILE C 269 -18.90 27.87 31.72
CA ILE C 269 -17.93 28.73 31.05
C ILE C 269 -18.44 30.15 31.06
N THR C 270 -17.73 31.04 31.75
CA THR C 270 -17.97 32.47 31.70
C THR C 270 -16.82 33.27 31.11
N ASP C 271 -15.61 32.74 31.08
CA ASP C 271 -14.49 33.44 30.44
C ASP C 271 -14.62 33.21 28.94
N LEU C 272 -15.39 34.07 28.28
CA LEU C 272 -15.78 33.78 26.90
C LEU C 272 -14.63 33.90 25.92
N ASN C 273 -13.61 34.68 26.24
CA ASN C 273 -12.49 34.90 25.32
C ASN C 273 -11.27 34.07 25.66
N LYS C 274 -11.39 33.08 26.55
CA LYS C 274 -10.26 32.23 26.88
C LYS C 274 -9.69 31.59 25.62
N LYS C 275 -8.36 31.55 25.53
CA LYS C 275 -7.66 30.74 24.54
C LYS C 275 -7.29 29.42 25.18
N TYR C 276 -7.65 28.33 24.53
CA TYR C 276 -7.44 26.99 25.02
C TYR C 276 -6.24 26.40 24.27
N ASP C 277 -5.20 26.04 25.03
CA ASP C 277 -4.16 25.20 24.49
C ASP C 277 -4.70 23.77 24.29
N ILE C 278 -3.95 22.98 23.51
CA ILE C 278 -4.35 21.60 23.24
C ILE C 278 -4.57 20.83 24.54
N ASP C 279 -3.77 21.12 25.58
CA ASP C 279 -3.95 20.46 26.87
C ASP C 279 -5.24 20.89 27.58
N ASP C 280 -5.73 22.09 27.30
CA ASP C 280 -7.01 22.54 27.86
C ASP C 280 -8.20 21.86 27.18
N LEU C 281 -8.01 21.38 25.95
CA LEU C 281 -9.08 20.78 25.18
C LEU C 281 -9.20 19.28 25.46
N ALA C 282 -8.06 18.61 25.59
CA ALA C 282 -8.01 17.18 25.87
C ALA C 282 -6.77 16.92 26.70
N SER C 283 -6.94 16.33 27.87
CA SER C 283 -5.82 16.13 28.79
C SER C 283 -5.90 14.73 29.39
N GLY C 284 -4.75 14.23 29.83
CA GLY C 284 -4.72 12.95 30.49
C GLY C 284 -4.71 11.80 29.50
N ASP C 285 -5.12 10.64 30.00
CA ASP C 285 -5.15 9.41 29.22
C ASP C 285 -6.30 9.48 28.23
N ILE C 286 -5.99 9.43 26.93
CA ILE C 286 -7.01 9.58 25.88
C ILE C 286 -6.90 8.43 24.89
N VAL C 287 -8.04 7.85 24.56
CA VAL C 287 -8.14 6.93 23.43
C VAL C 287 -8.95 7.61 22.35
N PHE C 288 -8.49 7.53 21.11
CA PHE C 288 -9.17 8.16 19.98
C PHE C 288 -9.28 7.13 18.88
N ALA C 289 -10.49 6.95 18.34
CA ALA C 289 -10.76 6.06 17.23
C ALA C 289 -11.57 6.79 16.17
N ALA C 290 -11.30 6.48 14.92
CA ALA C 290 -12.07 7.05 13.83
C ALA C 290 -12.11 6.08 12.66
N THR C 291 -13.21 6.11 11.92
CA THR C 291 -13.32 5.32 10.68
C THR C 291 -13.73 6.24 9.54
N GLY C 292 -13.15 6.02 8.36
CA GLY C 292 -13.53 6.83 7.20
C GLY C 292 -14.93 6.45 6.70
N VAL C 293 -15.71 7.47 6.35
CA VAL C 293 -16.97 7.21 5.65
C VAL C 293 -16.75 7.41 4.15
N THR C 294 -16.29 8.61 3.79
CA THR C 294 -15.88 8.94 2.43
C THR C 294 -14.37 9.14 2.42
N ASP C 295 -13.76 9.07 1.24
CA ASP C 295 -12.33 9.35 1.15
C ASP C 295 -12.02 10.77 1.63
N GLY C 296 -11.00 10.90 2.47
CA GLY C 296 -10.66 12.24 2.93
C GLY C 296 -9.17 12.44 3.12
N ASN C 297 -8.77 13.57 3.71
CA ASN C 297 -7.34 13.83 3.86
C ASN C 297 -6.74 13.21 5.12
N MET C 298 -7.48 12.35 5.82
CA MET C 298 -6.94 11.59 6.95
C MET C 298 -7.16 10.10 6.82
N LEU C 299 -8.33 9.67 6.32
CA LEU C 299 -8.68 8.26 6.18
C LEU C 299 -9.40 8.01 4.85
N GLN C 300 -9.23 6.82 4.30
CA GLN C 300 -9.98 6.41 3.13
C GLN C 300 -11.39 5.97 3.56
N GLY C 301 -12.33 6.13 2.65
CA GLY C 301 -13.72 5.81 2.92
C GLY C 301 -14.05 4.36 2.63
N VAL C 302 -15.31 3.99 2.90
CA VAL C 302 -15.72 2.60 2.75
C VAL C 302 -15.78 2.25 1.26
N LYS C 303 -15.39 1.03 0.92
CA LYS C 303 -15.44 0.61 -0.48
C LYS C 303 -16.11 -0.76 -0.58
N ARG C 304 -16.81 -0.99 -1.69
CA ARG C 304 -17.31 -2.32 -2.04
C ARG C 304 -16.22 -3.06 -2.81
N VAL C 305 -15.94 -4.31 -2.41
CA VAL C 305 -14.87 -5.10 -2.98
C VAL C 305 -15.41 -6.48 -3.33
N ASN C 306 -15.00 -6.97 -4.50
CA ASN C 306 -15.23 -8.35 -4.94
C ASN C 306 -13.93 -9.15 -4.82
N SER C 307 -14.06 -10.43 -4.51
CA SER C 307 -12.87 -11.26 -4.32
C SER C 307 -13.16 -12.69 -4.80
N THR C 308 -12.18 -13.28 -5.48
CA THR C 308 -12.27 -14.64 -5.97
C THR C 308 -11.66 -15.64 -4.98
N ARG C 309 -11.90 -15.42 -3.69
CA ARG C 309 -11.40 -16.30 -2.64
C ARG C 309 -12.28 -16.12 -1.42
N ARG C 310 -12.83 -14.92 -1.26
CA ARG C 310 -13.56 -14.54 -0.07
C ARG C 310 -14.98 -14.10 -0.34
N GLY C 311 -15.33 -13.82 -1.58
CA GLY C 311 -16.62 -13.23 -1.87
C GLY C 311 -16.55 -11.73 -1.69
N SER C 312 -17.71 -11.11 -1.76
CA SER C 312 -17.78 -9.66 -1.69
C SER C 312 -17.77 -9.19 -0.25
N TYR C 313 -17.25 -7.98 -0.05
CA TYR C 313 -17.22 -7.41 1.29
C TYR C 313 -17.13 -5.91 1.18
N ALA C 314 -17.45 -5.23 2.27
CA ALA C 314 -17.18 -3.81 2.41
C ALA C 314 -15.86 -3.67 3.17
N VAL C 315 -14.97 -2.81 2.70
CA VAL C 315 -13.71 -2.54 3.40
C VAL C 315 -13.80 -1.19 4.11
N THR C 316 -13.48 -1.17 5.40
CA THR C 316 -13.39 0.06 6.16
C THR C 316 -11.94 0.32 6.51
N HIS C 317 -11.61 1.60 6.72
CA HIS C 317 -10.26 2.04 7.09
C HIS C 317 -10.36 2.87 8.36
N SER C 318 -9.71 2.42 9.42
CA SER C 318 -9.86 3.05 10.72
C SER C 318 -8.48 3.36 11.28
N VAL C 319 -8.50 4.14 12.35
CA VAL C 319 -7.30 4.38 13.13
C VAL C 319 -7.72 4.42 14.59
N VAL C 320 -6.86 3.90 15.47
CA VAL C 320 -7.06 4.00 16.90
C VAL C 320 -5.72 4.29 17.56
N MET C 321 -5.75 5.17 18.57
CA MET C 321 -4.54 5.71 19.13
C MET C 321 -4.79 6.06 20.59
N ARG C 322 -3.70 6.14 21.36
CA ARG C 322 -3.75 6.36 22.79
C ARG C 322 -2.66 7.33 23.20
N SER C 323 -3.02 8.30 24.04
CA SER C 323 -2.07 9.37 24.31
C SER C 323 -0.98 8.95 25.27
N THR C 324 -1.24 7.99 26.15
CA THR C 324 -0.22 7.59 27.11
C THR C 324 0.91 6.85 26.42
N THR C 325 0.58 5.83 25.63
CA THR C 325 1.58 5.01 24.96
C THR C 325 2.07 5.62 23.65
N LYS C 326 1.32 6.54 23.05
CA LYS C 326 1.54 7.04 21.70
C LYS C 326 1.44 5.95 20.64
N THR C 327 0.89 4.78 20.99
CA THR C 327 0.72 3.71 20.00
C THR C 327 -0.40 4.08 19.03
N VAL C 328 -0.16 3.85 17.75
CA VAL C 328 -1.13 4.17 16.70
C VAL C 328 -1.33 2.92 15.86
N ARG C 329 -2.59 2.51 15.67
CA ARG C 329 -2.91 1.34 14.86
C ARG C 329 -3.81 1.74 13.69
N HIS C 330 -3.38 1.36 12.49
CA HIS C 330 -4.17 1.55 11.27
C HIS C 330 -4.84 0.21 10.96
N ILE C 331 -6.17 0.23 10.82
CA ILE C 331 -6.94 -1.01 10.76
C ILE C 331 -7.72 -1.02 9.46
N THR C 332 -7.49 -2.03 8.63
CA THR C 332 -8.26 -2.26 7.42
C THR C 332 -9.12 -3.47 7.68
N ALA C 333 -10.44 -3.30 7.64
CA ALA C 333 -11.36 -4.38 8.02
C ALA C 333 -12.21 -4.78 6.84
N GLU C 334 -12.34 -6.09 6.63
CA GLU C 334 -13.18 -6.68 5.58
C GLU C 334 -14.45 -7.25 6.22
N HIS C 335 -15.60 -6.67 5.87
CA HIS C 335 -16.91 -7.04 6.42
C HIS C 335 -17.73 -7.76 5.35
N SER C 336 -17.91 -9.07 5.52
CA SER C 336 -18.74 -9.88 4.63
C SER C 336 -20.07 -9.20 4.33
N PHE C 337 -20.43 -9.13 3.06
CA PHE C 337 -21.73 -8.63 2.65
C PHE C 337 -22.05 -9.13 1.25
N ASP C 338 -23.31 -9.50 1.04
CA ASP C 338 -23.84 -9.84 -0.27
C ASP C 338 -24.49 -8.58 -0.83
N PHE C 339 -23.87 -7.99 -1.85
CA PHE C 339 -24.38 -6.75 -2.39
C PHE C 339 -25.55 -6.95 -3.36
N LYS C 340 -26.03 -8.19 -3.54
CA LYS C 340 -27.33 -8.39 -4.17
C LYS C 340 -28.46 -7.94 -3.25
N GLU C 341 -28.23 -7.93 -1.94
CA GLU C 341 -29.18 -7.44 -0.97
C GLU C 341 -29.08 -5.92 -0.85
N GLY C 342 -30.17 -5.30 -0.40
CA GLY C 342 -30.20 -3.86 -0.20
C GLY C 342 -29.08 -3.36 0.71
N ILE C 343 -28.46 -2.23 0.36
CA ILE C 343 -27.34 -1.72 1.14
C ILE C 343 -27.76 -1.32 2.55
N GLU C 344 -29.07 -1.06 2.75
CA GLU C 344 -29.55 -0.66 4.06
C GLU C 344 -29.40 -1.77 5.10
N LYS C 345 -29.07 -2.99 4.68
CA LYS C 345 -28.72 -4.02 5.64
C LYS C 345 -27.51 -3.66 6.48
N PHE C 346 -26.73 -2.64 6.08
CA PHE C 346 -25.65 -2.19 6.96
C PHE C 346 -26.13 -1.30 8.09
N MET C 347 -27.43 -1.02 8.19
CA MET C 347 -27.96 -0.32 9.34
C MET C 347 -28.31 -1.31 10.44
N SER C 348 -27.53 -1.32 11.49
CA SER C 348 -27.85 -2.13 12.65
C SER C 348 -28.16 -1.22 13.84
N MET D 21 2.95 3.62 -33.82
CA MET D 21 3.62 4.12 -32.62
C MET D 21 4.61 3.11 -32.03
N ASN D 22 5.86 3.53 -31.86
CA ASN D 22 6.85 2.70 -31.18
C ASN D 22 6.48 2.53 -29.71
N ARG D 23 6.78 1.35 -29.16
CA ARG D 23 6.50 1.10 -27.74
C ARG D 23 7.13 2.13 -26.83
N LYS D 24 8.19 2.81 -27.30
CA LYS D 24 8.96 3.76 -26.50
C LYS D 24 8.11 4.98 -26.07
N VAL D 25 7.26 5.45 -26.97
CA VAL D 25 6.54 6.70 -26.71
C VAL D 25 5.56 6.53 -25.55
N ALA D 26 5.05 5.32 -25.33
CA ALA D 26 4.13 5.10 -24.23
C ALA D 26 4.77 5.52 -22.91
N LEU D 27 5.95 5.00 -22.62
CA LEU D 27 6.62 5.35 -21.38
C LEU D 27 7.24 6.75 -21.39
N GLU D 28 7.51 7.33 -22.57
CA GLU D 28 7.95 8.74 -22.56
C GLU D 28 6.82 9.68 -22.12
N ALA D 29 5.58 9.33 -22.50
CA ALA D 29 4.44 10.18 -22.16
C ALA D 29 4.34 10.43 -20.67
N VAL D 30 4.68 9.43 -19.86
CA VAL D 30 4.48 9.57 -18.43
C VAL D 30 5.49 10.55 -17.85
N ARG D 31 6.67 10.65 -18.47
CA ARG D 31 7.62 11.66 -18.01
C ARG D 31 7.08 13.05 -18.28
N VAL D 32 6.42 13.20 -19.44
CA VAL D 32 5.77 14.48 -19.77
C VAL D 32 4.74 14.87 -18.69
N THR D 33 3.81 13.96 -18.41
CA THR D 33 2.77 14.30 -17.41
C THR D 33 3.39 14.55 -16.02
N GLU D 34 4.42 13.78 -15.63
CA GLU D 34 5.05 14.00 -14.32
C GLU D 34 5.62 15.42 -14.21
N LEU D 35 6.29 15.89 -15.27
CA LEU D 35 6.94 17.20 -15.21
C LEU D 35 5.89 18.32 -15.19
N ALA D 36 4.82 18.14 -15.96
CA ALA D 36 3.71 19.08 -15.91
C ALA D 36 3.06 19.09 -14.53
N ALA D 37 2.95 17.93 -13.89
CA ALA D 37 2.33 17.89 -12.55
C ALA D 37 3.19 18.60 -11.49
N LEU D 38 4.50 18.37 -11.53
CA LEU D 38 5.39 19.05 -10.60
C LEU D 38 5.30 20.58 -10.76
N ALA D 39 5.27 21.06 -12.01
CA ALA D 39 5.13 22.50 -12.23
C ALA D 39 3.74 23.02 -11.80
N SER D 40 2.69 22.26 -12.07
CA SER D 40 1.37 22.64 -11.57
C SER D 40 1.37 22.71 -10.04
N TRP D 41 2.00 21.73 -9.40
CA TRP D 41 1.97 21.62 -7.94
C TRP D 41 2.64 22.81 -7.29
N SER D 42 3.73 23.32 -7.90
CA SER D 42 4.33 24.56 -7.43
C SER D 42 3.34 25.70 -7.32
N GLN D 43 2.24 25.67 -8.09
CA GLN D 43 1.22 26.71 -8.09
C GLN D 43 -0.06 26.30 -7.38
N MET D 44 -0.06 25.15 -6.71
CA MET D 44 -1.28 24.64 -6.09
C MET D 44 -1.66 25.52 -4.91
N GLY D 45 -2.94 25.89 -4.82
CA GLY D 45 -3.37 26.65 -3.67
C GLY D 45 -2.88 28.07 -3.62
N ARG D 46 -2.45 28.63 -4.75
CA ARG D 46 -1.99 30.00 -4.81
C ARG D 46 -3.05 30.95 -5.34
N GLY D 47 -4.24 30.44 -5.67
CA GLY D 47 -5.31 31.32 -6.13
C GLY D 47 -5.03 32.03 -7.43
N ASP D 48 -4.15 31.48 -8.28
CA ASP D 48 -3.77 32.10 -9.54
C ASP D 48 -3.93 31.05 -10.65
N LYS D 49 -5.16 30.97 -11.17
CA LYS D 49 -5.50 30.01 -12.23
C LYS D 49 -4.59 30.16 -13.44
N ILE D 50 -4.29 31.40 -13.83
CA ILE D 50 -3.46 31.68 -14.99
C ILE D 50 -2.03 31.21 -14.77
N ALA D 51 -1.45 31.51 -13.60
CA ALA D 51 -0.07 31.12 -13.35
C ALA D 51 0.07 29.61 -13.31
N ALA D 52 -0.92 28.92 -12.73
CA ALA D 52 -0.93 27.46 -12.75
C ALA D 52 -0.93 26.96 -14.18
N ASP D 53 -1.90 27.42 -14.98
CA ASP D 53 -2.00 26.96 -16.37
C ASP D 53 -0.72 27.23 -17.15
N GLN D 54 -0.09 28.37 -16.91
CA GLN D 54 1.13 28.70 -17.64
C GLN D 54 2.30 27.82 -17.22
N ALA D 55 2.45 27.57 -15.91
CA ALA D 55 3.52 26.68 -15.45
C ALA D 55 3.36 25.29 -16.02
N ALA D 56 2.11 24.81 -16.07
CA ALA D 56 1.85 23.49 -16.61
C ALA D 56 2.15 23.43 -18.10
N VAL D 57 1.68 24.44 -18.85
CA VAL D 57 1.89 24.46 -20.29
C VAL D 57 3.39 24.52 -20.61
N ASP D 58 4.13 25.40 -19.94
CA ASP D 58 5.57 25.51 -20.17
C ASP D 58 6.26 24.17 -19.96
N ALA D 59 5.95 23.51 -18.83
CA ALA D 59 6.58 22.23 -18.54
C ALA D 59 6.19 21.18 -19.57
N MET D 60 4.92 21.13 -19.95
CA MET D 60 4.50 20.07 -20.86
C MET D 60 5.12 20.28 -22.24
N ARG D 61 5.19 21.52 -22.70
CA ARG D 61 5.70 21.75 -24.05
C ARG D 61 7.17 21.42 -24.12
N LYS D 62 7.94 21.86 -23.11
CA LYS D 62 9.36 21.55 -23.10
C LYS D 62 9.60 20.04 -23.03
N ALA D 63 8.76 19.33 -22.27
CA ALA D 63 8.94 17.87 -22.19
C ALA D 63 8.52 17.19 -23.48
N LEU D 64 7.41 17.64 -24.06
CA LEU D 64 6.92 17.06 -25.31
C LEU D 64 7.93 17.21 -26.43
N ASN D 65 8.69 18.31 -26.42
CA ASN D 65 9.59 18.51 -27.54
C ASN D 65 10.81 17.60 -27.48
N GLU D 66 11.01 16.87 -26.39
CA GLU D 66 12.06 15.85 -26.30
C GLU D 66 11.57 14.45 -26.65
N VAL D 67 10.29 14.26 -26.91
CA VAL D 67 9.72 12.96 -27.27
C VAL D 67 9.91 12.74 -28.77
N ASP D 68 10.32 11.51 -29.15
CA ASP D 68 10.65 11.18 -30.54
C ASP D 68 9.39 10.87 -31.34
N ILE D 69 8.64 11.93 -31.64
CA ILE D 69 7.41 11.86 -32.42
C ILE D 69 7.35 13.06 -33.36
N ASP D 70 6.68 12.88 -34.49
CA ASP D 70 6.08 13.98 -35.26
C ASP D 70 4.66 14.13 -34.72
N GLY D 71 4.50 14.91 -33.69
CA GLY D 71 3.21 15.08 -33.05
C GLY D 71 2.47 16.31 -33.56
N THR D 72 1.16 16.24 -33.55
CA THR D 72 0.31 17.38 -33.88
C THR D 72 -0.79 17.48 -32.83
N VAL D 73 -0.89 18.63 -32.17
CA VAL D 73 -1.92 18.84 -31.17
C VAL D 73 -3.27 18.94 -31.86
N VAL D 74 -4.17 18.00 -31.56
CA VAL D 74 -5.50 18.04 -32.12
C VAL D 74 -6.55 18.42 -31.08
N ILE D 75 -6.21 18.25 -29.80
CA ILE D 75 -7.00 18.68 -28.66
C ILE D 75 -6.02 19.24 -27.65
N GLY D 76 -6.20 20.49 -27.27
CA GLY D 76 -5.34 21.09 -26.29
C GLY D 76 -6.02 22.26 -25.67
N GLU D 77 -5.24 23.11 -25.04
CA GLU D 77 -5.81 24.35 -24.54
C GLU D 77 -6.18 25.20 -25.75
N GLY D 78 -7.48 25.21 -26.08
CA GLY D 78 -7.91 25.52 -27.43
C GLY D 78 -7.63 26.94 -27.86
N GLU D 79 -7.76 27.89 -26.94
CA GLU D 79 -7.37 29.27 -27.24
C GLU D 79 -5.87 29.40 -27.04
N LEU D 80 -5.21 30.08 -27.99
CA LEU D 80 -3.76 30.26 -27.89
C LEU D 80 -3.38 30.88 -26.55
N ASP D 81 -4.19 31.81 -26.04
CA ASP D 81 -3.89 32.43 -24.76
C ASP D 81 -3.94 31.42 -23.62
N GLU D 82 -4.66 30.32 -23.79
CA GLU D 82 -4.84 29.35 -22.73
C GLU D 82 -4.05 28.08 -23.03
N MET D 85 -0.59 28.11 -25.85
CA MET D 85 0.64 27.92 -26.62
C MET D 85 0.97 26.44 -26.80
N LEU D 86 0.02 25.60 -26.40
CA LEU D 86 -0.11 24.25 -26.94
C LEU D 86 -1.45 24.24 -27.68
N TYR D 87 -1.46 24.90 -28.82
CA TYR D 87 -2.68 25.21 -29.55
C TYR D 87 -2.99 24.14 -30.60
N ILE D 88 -4.25 24.12 -31.04
CA ILE D 88 -4.70 23.17 -32.05
C ILE D 88 -3.89 23.37 -33.32
N GLY D 89 -3.23 22.30 -33.78
CA GLY D 89 -2.43 22.33 -34.97
C GLY D 89 -0.94 22.50 -34.73
N GLU D 90 -0.53 22.86 -33.51
CA GLU D 90 0.89 22.99 -33.23
C GLU D 90 1.61 21.67 -33.47
N LYS D 91 2.82 21.77 -34.00
CA LYS D 91 3.69 20.62 -34.18
C LYS D 91 4.56 20.48 -32.93
N VAL D 92 4.60 19.29 -32.37
CA VAL D 92 5.41 19.03 -31.19
C VAL D 92 6.23 17.78 -31.41
N GLY D 93 7.33 17.66 -30.67
CA GLY D 93 8.16 16.48 -30.67
C GLY D 93 9.49 16.69 -31.36
N ALA D 94 10.39 15.76 -31.12
CA ALA D 94 11.74 15.82 -31.66
C ALA D 94 11.88 15.13 -33.01
N GLY D 95 10.82 14.49 -33.50
CA GLY D 95 10.92 13.74 -34.73
C GLY D 95 10.68 12.26 -34.52
N GLY D 96 9.76 11.70 -35.28
CA GLY D 96 9.49 10.27 -35.19
C GLY D 96 8.20 9.92 -35.90
N CYS D 97 7.56 8.86 -35.42
CA CYS D 97 6.29 8.46 -35.99
C CYS D 97 5.26 9.57 -35.81
N GLU D 98 4.33 9.65 -36.75
CA GLU D 98 3.30 10.68 -36.74
C GLU D 98 2.22 10.30 -35.73
N VAL D 99 1.94 11.20 -34.80
CA VAL D 99 0.88 10.96 -33.83
C VAL D 99 0.03 12.22 -33.65
N ASP D 100 -1.27 12.02 -33.46
CA ASP D 100 -2.15 13.06 -32.97
C ASP D 100 -2.11 13.08 -31.44
N ILE D 101 -2.07 14.28 -30.88
CA ILE D 101 -1.87 14.51 -29.46
C ILE D 101 -3.11 15.17 -28.89
N ALA D 102 -3.70 14.53 -27.87
CA ALA D 102 -4.83 15.10 -27.15
C ALA D 102 -4.35 15.47 -25.76
N LEU D 103 -4.50 16.71 -25.41
CA LEU D 103 -3.61 17.24 -24.42
C LEU D 103 -4.47 17.92 -23.38
N ASP D 104 -4.08 17.81 -22.11
CA ASP D 104 -4.49 18.80 -21.12
C ASP D 104 -3.32 19.01 -20.17
N PRO D 105 -2.61 20.14 -20.32
CA PRO D 105 -1.48 20.45 -19.43
C PRO D 105 -1.90 20.46 -17.98
N LEU D 106 -3.14 20.85 -17.72
CA LEU D 106 -3.67 20.90 -16.37
C LEU D 106 -5.18 20.82 -16.48
N GLU D 107 -5.72 19.63 -16.22
CA GLU D 107 -7.16 19.41 -16.13
C GLU D 107 -7.57 19.85 -14.74
N GLY D 108 -8.16 21.04 -14.64
CA GLY D 108 -8.52 21.63 -13.37
C GLY D 108 -7.59 22.76 -12.99
N THR D 109 -7.62 23.84 -13.76
CA THR D 109 -6.86 25.03 -13.41
C THR D 109 -7.41 25.64 -12.12
N THR D 110 -8.72 25.85 -12.07
CA THR D 110 -9.36 26.31 -10.84
C THR D 110 -9.14 25.31 -9.72
N ILE D 111 -9.26 24.02 -10.04
CA ILE D 111 -8.97 22.97 -9.05
C ILE D 111 -7.60 23.21 -8.43
N THR D 112 -6.55 23.20 -9.26
CA THR D 112 -5.20 23.32 -8.71
C THR D 112 -5.05 24.64 -7.94
N SER D 113 -5.60 25.73 -8.49
CA SER D 113 -5.42 27.03 -7.84
C SER D 113 -6.08 27.08 -6.47
N LYS D 114 -7.14 26.29 -6.26
CA LYS D 114 -7.83 26.20 -4.98
C LYS D 114 -7.32 25.05 -4.13
N GLY D 115 -6.45 24.21 -4.67
CA GLY D 115 -6.13 22.98 -3.98
C GLY D 115 -7.33 22.06 -3.83
N GLY D 116 -8.27 22.09 -4.78
CA GLY D 116 -9.39 21.16 -4.79
C GLY D 116 -8.98 19.75 -5.21
N ALA D 117 -9.94 18.82 -5.13
CA ALA D 117 -9.70 17.43 -5.51
C ALA D 117 -9.75 17.23 -7.02
N ASN D 118 -9.09 16.16 -7.48
CA ASN D 118 -9.20 15.61 -8.83
C ASN D 118 -8.43 16.35 -9.90
N ALA D 119 -7.43 17.15 -9.55
CA ALA D 119 -6.59 17.82 -10.54
C ALA D 119 -5.57 16.84 -11.10
N LEU D 120 -5.42 16.83 -12.42
CA LEU D 120 -4.54 15.89 -13.12
C LEU D 120 -3.78 16.65 -14.19
N THR D 121 -2.65 16.09 -14.58
CA THR D 121 -2.06 16.42 -15.87
C THR D 121 -2.23 15.20 -16.78
N VAL D 122 -2.53 15.44 -18.06
CA VAL D 122 -3.00 14.36 -18.93
C VAL D 122 -2.40 14.50 -20.32
N LEU D 123 -2.02 13.36 -20.91
CA LEU D 123 -1.57 13.30 -22.30
C LEU D 123 -2.13 12.03 -22.92
N ALA D 124 -2.76 12.13 -24.08
CA ALA D 124 -3.11 10.96 -24.87
C ALA D 124 -2.56 11.09 -26.29
N MET D 125 -2.17 9.97 -26.86
CA MET D 125 -1.64 9.94 -28.21
C MET D 125 -2.38 8.89 -29.00
N ALA D 126 -2.57 9.17 -30.30
CA ALA D 126 -3.18 8.21 -31.21
C ALA D 126 -2.51 8.32 -32.57
N ASP D 127 -2.76 7.32 -33.41
CA ASP D 127 -2.45 7.45 -34.82
C ASP D 127 -3.28 8.58 -35.43
N LYS D 128 -2.86 9.06 -36.59
CA LYS D 128 -3.49 10.23 -37.18
C LYS D 128 -4.98 9.99 -37.35
N GLY D 129 -5.78 10.96 -36.93
CA GLY D 129 -7.23 10.86 -37.01
C GLY D 129 -7.89 10.06 -35.91
N GLY D 130 -7.13 9.62 -34.91
CA GLY D 130 -7.69 8.73 -33.91
C GLY D 130 -8.67 9.39 -32.96
N PHE D 131 -8.53 10.68 -32.70
CA PHE D 131 -9.42 11.37 -31.76
C PHE D 131 -10.54 12.11 -32.48
N LEU D 132 -11.71 12.16 -31.83
CA LEU D 132 -12.77 13.00 -32.37
C LEU D 132 -12.28 14.43 -32.49
N ASN D 133 -12.53 15.05 -33.65
CA ASN D 133 -12.19 16.45 -33.86
C ASN D 133 -13.40 17.25 -33.44
N ALA D 134 -13.43 17.62 -32.18
CA ALA D 134 -14.60 18.26 -31.59
C ALA D 134 -14.30 19.72 -31.30
N PRO D 135 -15.26 20.61 -31.46
CA PRO D 135 -15.08 22.00 -31.02
C PRO D 135 -15.13 22.08 -29.50
N ASP D 136 -14.70 23.25 -29.01
CA ASP D 136 -14.68 23.57 -27.58
C ASP D 136 -16.10 23.91 -27.15
N VAL D 137 -16.92 22.87 -26.98
CA VAL D 137 -18.29 23.02 -26.55
C VAL D 137 -18.56 22.02 -25.41
N TYR D 138 -19.73 22.16 -24.78
CA TYR D 138 -20.10 21.20 -23.77
C TYR D 138 -20.59 19.88 -24.41
N MET D 139 -20.56 18.83 -23.59
CA MET D 139 -20.76 17.44 -24.01
C MET D 139 -21.43 16.66 -22.89
N GLN D 140 -22.59 16.09 -23.18
CA GLN D 140 -23.23 15.13 -22.29
C GLN D 140 -22.46 13.81 -22.34
N LYS D 141 -22.25 13.22 -21.17
CA LYS D 141 -21.42 12.03 -21.02
C LYS D 141 -22.12 11.02 -20.13
N ILE D 142 -21.95 9.74 -20.44
CA ILE D 142 -22.30 8.67 -19.52
C ILE D 142 -21.26 7.57 -19.70
N ALA D 143 -20.81 7.00 -18.58
CA ALA D 143 -19.69 6.07 -18.67
C ALA D 143 -19.79 5.03 -17.56
N VAL D 144 -19.31 3.82 -17.89
CA VAL D 144 -19.23 2.72 -16.93
C VAL D 144 -17.99 1.91 -17.25
N GLY D 145 -17.40 1.28 -16.23
CA GLY D 145 -16.21 0.49 -16.41
C GLY D 145 -16.54 -1.00 -16.54
N GLY D 146 -15.56 -1.75 -17.01
CA GLY D 146 -15.71 -3.19 -17.07
C GLY D 146 -15.41 -3.69 -18.47
N ILE D 147 -14.41 -4.58 -18.58
CA ILE D 147 -14.01 -5.11 -19.89
C ILE D 147 -15.16 -5.84 -20.59
N ASN D 148 -16.05 -6.45 -19.83
CA ASN D 148 -17.13 -7.23 -20.47
C ASN D 148 -18.38 -6.39 -20.75
N ALA D 149 -18.37 -5.08 -20.50
CA ALA D 149 -19.60 -4.29 -20.69
C ALA D 149 -19.89 -4.14 -22.17
N PRO D 150 -21.10 -4.47 -22.65
CA PRO D 150 -21.37 -4.40 -24.09
C PRO D 150 -21.79 -3.00 -24.51
N LYS D 151 -21.50 -2.69 -25.76
CA LYS D 151 -22.03 -1.48 -26.38
C LYS D 151 -23.56 -1.46 -26.24
N GLY D 152 -24.08 -0.32 -25.78
CA GLY D 152 -25.49 -0.19 -25.47
C GLY D 152 -25.83 -0.29 -23.99
N ILE D 153 -24.91 -0.77 -23.16
CA ILE D 153 -25.20 -0.78 -21.72
C ILE D 153 -25.58 0.62 -21.23
N VAL D 154 -24.95 1.65 -21.78
CA VAL D 154 -25.30 3.03 -21.50
C VAL D 154 -25.69 3.73 -22.81
N ASP D 155 -26.71 4.57 -22.72
CA ASP D 155 -27.15 5.34 -23.87
C ASP D 155 -27.81 6.60 -23.36
N LEU D 156 -27.47 7.73 -23.97
CA LEU D 156 -27.96 9.01 -23.49
C LEU D 156 -29.46 9.23 -23.73
N ASP D 157 -30.09 8.44 -24.61
CA ASP D 157 -31.52 8.57 -24.85
C ASP D 157 -32.38 7.65 -23.98
N ASP D 158 -31.79 6.64 -23.36
CA ASP D 158 -32.51 5.91 -22.33
C ASP D 158 -32.57 6.73 -21.07
N SER D 159 -33.55 6.42 -20.23
CA SER D 159 -33.67 7.09 -18.94
C SER D 159 -32.48 6.77 -18.05
N VAL D 160 -32.16 7.71 -17.15
CA VAL D 160 -31.17 7.44 -16.11
C VAL D 160 -31.51 6.13 -15.39
N THR D 161 -32.80 5.95 -15.07
CA THR D 161 -33.26 4.73 -14.41
C THR D 161 -32.87 3.48 -15.19
N ASN D 162 -33.17 3.43 -16.50
CA ASN D 162 -32.95 2.19 -17.24
C ASN D 162 -31.47 1.93 -17.44
N ASN D 163 -30.68 3.01 -17.61
CA ASN D 163 -29.23 2.86 -17.60
C ASN D 163 -28.75 2.20 -16.32
N LEU D 164 -29.20 2.71 -15.18
CA LEU D 164 -28.71 2.17 -13.92
C LEU D 164 -29.19 0.75 -13.69
N LYS D 165 -30.43 0.44 -14.10
CA LYS D 165 -30.87 -0.95 -13.98
C LYS D 165 -29.96 -1.89 -14.76
N ARG D 166 -29.61 -1.53 -15.99
CA ARG D 166 -28.69 -2.41 -16.75
C ARG D 166 -27.31 -2.50 -16.09
N ILE D 167 -26.81 -1.37 -15.60
CA ILE D 167 -25.49 -1.42 -14.96
C ILE D 167 -25.51 -2.28 -13.70
N ALA D 168 -26.55 -2.15 -12.87
CA ALA D 168 -26.68 -2.98 -11.68
C ALA D 168 -26.74 -4.45 -12.05
N GLU D 169 -27.49 -4.80 -13.10
CA GLU D 169 -27.52 -6.20 -13.53
C GLU D 169 -26.15 -6.68 -13.98
N PHE D 170 -25.47 -5.87 -14.82
CA PHE D 170 -24.15 -6.24 -15.32
C PHE D 170 -23.16 -6.44 -14.17
N LYS D 171 -23.20 -5.57 -13.17
CA LYS D 171 -22.28 -5.66 -12.05
C LYS D 171 -22.72 -6.66 -11.01
N GLY D 172 -23.93 -7.20 -11.13
CA GLY D 172 -24.42 -8.16 -10.17
C GLY D 172 -24.65 -7.61 -8.78
N VAL D 173 -25.16 -6.38 -8.68
CA VAL D 173 -25.45 -5.77 -7.38
C VAL D 173 -26.85 -5.19 -7.37
N HIS D 174 -27.39 -5.07 -6.15
CA HIS D 174 -28.59 -4.29 -5.91
C HIS D 174 -28.36 -2.84 -6.33
N MET D 175 -29.43 -2.23 -6.85
CA MET D 175 -29.36 -0.83 -7.30
C MET D 175 -28.78 0.08 -6.22
N SER D 176 -29.15 -0.18 -4.96
CA SER D 176 -28.76 0.68 -3.84
C SER D 176 -27.26 0.70 -3.60
N ALA D 177 -26.55 -0.33 -4.08
CA ALA D 177 -25.09 -0.41 -3.96
C ALA D 177 -24.36 0.47 -4.96
N LEU D 178 -25.01 0.84 -6.06
CA LEU D 178 -24.32 1.57 -7.12
C LEU D 178 -23.96 2.97 -6.69
N VAL D 179 -22.75 3.39 -7.01
CA VAL D 179 -22.32 4.77 -6.75
C VAL D 179 -22.21 5.49 -8.09
N VAL D 180 -23.05 6.50 -8.27
CA VAL D 180 -23.03 7.35 -9.46
C VAL D 180 -22.30 8.63 -9.09
N CYS D 181 -21.37 9.07 -9.95
CA CYS D 181 -20.67 10.34 -9.73
C CYS D 181 -21.14 11.36 -10.76
N THR D 182 -21.36 12.60 -10.32
CA THR D 182 -21.60 13.71 -11.23
C THR D 182 -21.00 14.95 -10.58
N MET D 183 -20.92 16.02 -11.35
CA MET D 183 -20.44 17.29 -10.80
C MET D 183 -21.59 18.02 -10.13
N ASP D 184 -21.25 18.76 -9.08
CA ASP D 184 -22.22 19.58 -8.34
C ASP D 184 -22.51 20.85 -9.15
N ARG D 185 -23.49 20.76 -10.05
CA ARG D 185 -23.92 21.87 -10.89
C ARG D 185 -25.45 21.85 -10.96
N PRO D 186 -26.08 23.02 -11.16
CA PRO D 186 -27.53 23.02 -11.34
C PRO D 186 -28.01 22.12 -12.49
N ARG D 187 -27.25 22.09 -13.58
CA ARG D 187 -27.63 21.33 -14.77
C ARG D 187 -27.71 19.83 -14.52
N HIS D 188 -27.22 19.34 -13.37
CA HIS D 188 -27.28 17.91 -13.06
C HIS D 188 -28.37 17.59 -12.04
N GLU D 189 -29.14 18.58 -11.59
CA GLU D 189 -30.20 18.33 -10.60
C GLU D 189 -31.11 17.18 -11.03
N HIS D 190 -31.54 17.18 -12.29
CA HIS D 190 -32.47 16.14 -12.73
C HIS D 190 -31.82 14.76 -12.67
N ILE D 191 -30.55 14.67 -13.12
CA ILE D 191 -29.86 13.39 -13.03
C ILE D 191 -29.84 12.94 -11.59
N ILE D 192 -29.46 13.86 -10.70
CA ILE D 192 -29.25 13.51 -9.31
C ILE D 192 -30.55 13.01 -8.71
N LYS D 193 -31.65 13.69 -9.07
CA LYS D 193 -32.93 13.35 -8.47
C LYS D 193 -33.37 11.97 -8.95
N GLU D 194 -33.23 11.72 -10.26
CA GLU D 194 -33.78 10.48 -10.79
C GLU D 194 -32.96 9.30 -10.32
N ALA D 195 -31.62 9.43 -10.30
CA ALA D 195 -30.78 8.35 -9.82
C ALA D 195 -31.07 8.04 -8.35
N ARG D 196 -31.30 9.08 -7.54
CA ARG D 196 -31.63 8.79 -6.16
C ARG D 196 -33.04 8.20 -6.07
N GLU D 197 -33.92 8.66 -6.94
CA GLU D 197 -35.27 8.10 -6.89
C GLU D 197 -35.22 6.62 -7.19
N CYS D 198 -34.36 6.20 -8.11
CA CYS D 198 -34.45 4.79 -8.41
C CYS D 198 -33.67 3.94 -7.42
N GLY D 199 -32.96 4.55 -6.46
CA GLY D 199 -32.34 3.82 -5.37
C GLY D 199 -30.83 3.95 -5.27
N ALA D 200 -30.16 4.53 -6.25
CA ALA D 200 -28.71 4.57 -6.29
C ALA D 200 -28.19 5.65 -5.37
N ARG D 201 -26.89 5.57 -5.11
CA ARG D 201 -26.16 6.58 -4.34
C ARG D 201 -25.45 7.50 -5.31
N VAL D 202 -25.61 8.81 -5.12
CA VAL D 202 -25.10 9.80 -6.06
C VAL D 202 -24.14 10.71 -5.30
N ILE D 203 -22.88 10.68 -5.68
CA ILE D 203 -21.86 11.52 -5.04
C ILE D 203 -21.41 12.60 -6.00
N LEU D 204 -21.01 13.75 -5.43
CA LEU D 204 -20.81 14.95 -6.20
C LEU D 204 -19.36 15.38 -6.10
N ILE D 205 -18.82 15.81 -7.22
CA ILE D 205 -17.48 16.40 -7.22
C ILE D 205 -17.59 17.88 -7.59
N ASN D 206 -16.69 18.69 -7.00
CA ASN D 206 -16.63 20.11 -7.31
C ASN D 206 -16.24 20.35 -8.76
N ASP D 207 -15.26 19.59 -9.23
CA ASP D 207 -14.80 19.70 -10.60
C ASP D 207 -13.99 18.45 -10.89
N GLY D 208 -13.66 18.28 -12.16
CA GLY D 208 -12.75 17.21 -12.56
C GLY D 208 -13.48 16.00 -13.13
N ASP D 209 -14.19 16.19 -14.25
CA ASP D 209 -14.87 15.03 -14.82
C ASP D 209 -13.98 14.20 -15.73
N VAL D 210 -12.71 14.58 -15.92
CA VAL D 210 -11.77 13.62 -16.48
C VAL D 210 -11.55 12.49 -15.47
N SER D 211 -11.13 12.88 -14.27
CA SER D 211 -10.94 11.94 -13.18
C SER D 211 -12.24 11.18 -12.88
N GLY D 212 -13.37 11.90 -12.85
CA GLY D 212 -14.64 11.27 -12.52
C GLY D 212 -15.05 10.17 -13.51
N VAL D 213 -14.83 10.39 -14.82
CA VAL D 213 -15.18 9.36 -15.79
C VAL D 213 -14.23 8.18 -15.67
N ILE D 214 -12.92 8.47 -15.56
CA ILE D 214 -11.95 7.38 -15.55
C ILE D 214 -12.08 6.57 -14.29
N ALA D 215 -12.55 7.20 -13.21
CA ALA D 215 -12.73 6.50 -11.93
C ALA D 215 -13.64 5.29 -12.08
N THR D 216 -14.56 5.31 -13.05
CA THR D 216 -15.48 4.19 -13.23
C THR D 216 -14.73 2.90 -13.58
N ALA D 217 -13.53 3.02 -14.15
CA ALA D 217 -12.77 1.83 -14.48
C ALA D 217 -11.47 1.72 -13.70
N THR D 218 -11.37 2.46 -12.59
CA THR D 218 -10.17 2.46 -11.75
C THR D 218 -10.43 1.63 -10.50
N GLU D 219 -9.50 0.74 -10.19
CA GLU D 219 -9.66 -0.13 -9.00
C GLU D 219 -9.76 0.70 -7.72
N ASN D 220 -10.72 0.35 -6.86
CA ASN D 220 -10.93 0.94 -5.54
C ASN D 220 -11.34 2.41 -5.58
N SER D 221 -11.81 2.91 -6.72
CA SER D 221 -12.26 4.28 -6.76
C SER D 221 -13.56 4.46 -6.00
N GLY D 222 -14.35 3.40 -5.85
CA GLY D 222 -15.68 3.47 -5.28
C GLY D 222 -16.71 4.13 -6.16
N ILE D 223 -16.41 4.34 -7.44
CA ILE D 223 -17.34 4.98 -8.37
C ILE D 223 -17.70 3.97 -9.47
N ASP D 224 -18.99 3.69 -9.60
CA ASP D 224 -19.46 2.74 -10.60
C ASP D 224 -19.85 3.40 -11.91
N VAL D 225 -20.42 4.60 -11.88
CA VAL D 225 -20.96 5.22 -13.08
C VAL D 225 -20.68 6.70 -13.05
N TYR D 226 -20.43 7.28 -14.22
CA TYR D 226 -20.38 8.73 -14.33
C TYR D 226 -21.50 9.19 -15.26
N ILE D 227 -22.27 10.20 -14.83
CA ILE D 227 -23.27 10.80 -15.70
C ILE D 227 -23.18 12.31 -15.54
N GLY D 228 -22.92 13.03 -16.62
CA GLY D 228 -22.89 14.48 -16.49
C GLY D 228 -22.47 15.18 -17.76
N THR D 229 -22.60 16.51 -17.74
CA THR D 229 -22.19 17.36 -18.85
C THR D 229 -20.92 18.14 -18.48
N GLY D 230 -19.95 18.13 -19.37
CA GLY D 230 -18.69 18.85 -19.15
C GLY D 230 -18.05 19.22 -20.49
N GLY D 231 -16.76 19.51 -20.47
CA GLY D 231 -16.08 19.92 -21.71
C GLY D 231 -15.88 18.75 -22.67
N ALA D 232 -16.05 19.03 -23.98
CA ALA D 232 -15.81 18.00 -24.99
C ALA D 232 -14.37 17.50 -25.02
N PRO D 233 -13.33 18.36 -24.94
CA PRO D 233 -11.95 17.81 -24.86
C PRO D 233 -11.73 16.84 -23.71
N GLU D 234 -12.26 17.20 -22.53
CA GLU D 234 -12.18 16.33 -21.36
C GLU D 234 -12.87 14.98 -21.60
N GLY D 235 -13.99 15.00 -22.34
CA GLY D 235 -14.64 13.76 -22.68
C GLY D 235 -13.79 12.87 -23.59
N VAL D 236 -13.12 13.47 -24.57
CA VAL D 236 -12.27 12.67 -25.46
C VAL D 236 -11.11 12.06 -24.68
N LEU D 237 -10.53 12.83 -23.76
CA LEU D 237 -9.40 12.34 -22.95
C LEU D 237 -9.83 11.17 -22.08
N ALA D 238 -11.00 11.31 -21.43
CA ALA D 238 -11.53 10.25 -20.61
C ALA D 238 -11.82 9.02 -21.43
N ALA D 239 -12.38 9.20 -22.64
CA ALA D 239 -12.67 8.05 -23.50
C ALA D 239 -11.40 7.30 -23.89
N ALA D 240 -10.32 8.02 -24.18
CA ALA D 240 -9.05 7.37 -24.49
C ALA D 240 -8.59 6.46 -23.36
N ALA D 241 -8.70 6.96 -22.13
CA ALA D 241 -8.33 6.09 -21.01
C ALA D 241 -9.28 4.91 -20.89
N LEU D 242 -10.59 5.12 -21.03
CA LEU D 242 -11.53 4.00 -20.90
C LEU D 242 -11.30 2.95 -21.98
N LYS D 243 -10.86 3.37 -23.16
CA LYS D 243 -10.51 2.42 -24.21
C LYS D 243 -9.34 1.54 -23.80
N CYS D 244 -8.41 2.08 -23.01
CA CYS D 244 -7.35 1.23 -22.48
C CYS D 244 -7.76 0.40 -21.26
N LEU D 245 -8.58 0.96 -20.36
CA LEU D 245 -8.91 0.28 -19.11
C LEU D 245 -10.04 -0.73 -19.28
N GLY D 246 -10.93 -0.51 -20.24
CA GLY D 246 -12.09 -1.35 -20.40
C GLY D 246 -13.33 -0.67 -19.87
N GLY D 247 -14.38 -0.63 -20.69
CA GLY D 247 -15.62 -0.01 -20.29
C GLY D 247 -16.32 0.57 -21.51
N GLN D 248 -17.42 1.26 -21.24
CA GLN D 248 -18.21 1.85 -22.31
C GLN D 248 -18.54 3.28 -21.96
N MET D 249 -18.75 4.08 -23.01
CA MET D 249 -19.07 5.48 -22.78
C MET D 249 -19.86 5.96 -23.99
N GLN D 250 -20.80 6.86 -23.74
CA GLN D 250 -21.45 7.54 -24.83
C GLN D 250 -21.45 9.04 -24.56
N ALA D 251 -21.34 9.83 -25.64
CA ALA D 251 -21.23 11.27 -25.53
C ALA D 251 -22.08 11.94 -26.59
N ARG D 252 -22.56 13.15 -26.28
CA ARG D 252 -23.27 13.96 -27.27
C ARG D 252 -22.89 15.41 -27.10
N LEU D 253 -22.54 16.07 -28.22
CA LEU D 253 -22.18 17.48 -28.14
C LEU D 253 -23.42 18.35 -27.95
N ILE D 254 -23.24 19.45 -27.23
CA ILE D 254 -24.30 20.41 -26.89
C ILE D 254 -24.00 21.74 -27.56
N PHE D 255 -24.98 22.30 -28.25
CA PHE D 255 -24.79 23.59 -28.92
C PHE D 255 -25.77 24.62 -28.37
N ASN D 256 -25.24 25.68 -27.77
CA ASN D 256 -26.01 26.78 -27.22
C ASN D 256 -26.02 28.04 -28.09
N ASP D 257 -25.00 28.26 -28.92
CA ASP D 257 -24.87 29.48 -29.71
C ASP D 257 -24.77 29.13 -31.18
N GLU D 258 -25.07 30.13 -32.02
CA GLU D 258 -24.83 29.99 -33.45
C GLU D 258 -23.34 29.78 -33.72
N GLU D 259 -22.48 30.47 -32.98
CA GLU D 259 -21.07 30.39 -33.31
C GLU D 259 -20.47 29.04 -32.89
N GLU D 260 -20.99 28.40 -31.83
CA GLU D 260 -20.58 27.03 -31.54
C GLU D 260 -20.95 26.11 -32.69
N ILE D 261 -22.17 26.24 -33.21
CA ILE D 261 -22.58 25.46 -34.38
C ILE D 261 -21.64 25.72 -35.54
N LYS D 262 -21.26 26.98 -35.74
CA LYS D 262 -20.35 27.32 -36.82
C LYS D 262 -19.00 26.65 -36.63
N ARG D 263 -18.47 26.63 -35.40
CA ARG D 263 -17.25 25.86 -35.14
C ARG D 263 -17.43 24.42 -35.60
N ALA D 264 -18.52 23.78 -35.16
CA ALA D 264 -18.77 22.38 -35.54
C ALA D 264 -18.78 22.22 -37.06
N HIS D 265 -19.49 23.11 -37.76
CA HIS D 265 -19.51 23.07 -39.22
C HIS D 265 -18.10 23.22 -39.80
N ARG D 266 -17.31 24.14 -39.25
CA ARG D 266 -15.95 24.33 -39.72
C ARG D 266 -15.13 23.06 -39.57
N LEU D 267 -15.46 22.22 -38.59
CA LEU D 267 -14.71 20.98 -38.42
C LEU D 267 -15.33 19.78 -39.12
N GLY D 268 -16.33 20.00 -39.96
CA GLY D 268 -16.91 18.92 -40.71
C GLY D 268 -18.04 18.18 -40.01
N ILE D 269 -18.59 18.73 -38.92
CA ILE D 269 -19.69 18.12 -38.18
C ILE D 269 -20.98 18.81 -38.60
N THR D 270 -21.95 18.05 -39.12
CA THR D 270 -23.27 18.58 -39.39
C THR D 270 -24.40 17.86 -38.66
N ASP D 271 -24.18 16.61 -38.25
CA ASP D 271 -25.12 15.93 -37.35
C ASP D 271 -24.82 16.42 -35.93
N LEU D 272 -25.53 17.47 -35.51
CA LEU D 272 -25.26 18.10 -34.22
C LEU D 272 -25.74 17.28 -33.04
N ASN D 273 -26.69 16.36 -33.26
CA ASN D 273 -27.22 15.53 -32.19
C ASN D 273 -26.66 14.12 -32.23
N LYS D 274 -25.57 13.91 -32.96
CA LYS D 274 -24.93 12.60 -33.00
C LYS D 274 -24.51 12.15 -31.61
N LYS D 275 -24.70 10.87 -31.35
CA LYS D 275 -24.19 10.21 -30.16
C LYS D 275 -22.93 9.45 -30.55
N TYR D 276 -21.84 9.77 -29.88
CA TYR D 276 -20.53 9.19 -30.08
C TYR D 276 -20.32 8.07 -29.08
N ASP D 277 -20.01 6.87 -29.57
CA ASP D 277 -19.48 5.87 -28.65
C ASP D 277 -17.98 6.08 -28.45
N ILE D 278 -17.38 5.26 -27.56
CA ILE D 278 -15.96 5.42 -27.23
C ILE D 278 -15.11 5.34 -28.49
N ASP D 279 -15.39 4.34 -29.33
CA ASP D 279 -14.67 4.15 -30.58
C ASP D 279 -14.72 5.38 -31.46
N ASP D 280 -15.86 6.09 -31.46
CA ASP D 280 -15.97 7.38 -32.15
C ASP D 280 -15.13 8.47 -31.48
N LEU D 281 -14.99 8.43 -30.16
CA LEU D 281 -14.20 9.46 -29.48
C LEU D 281 -12.70 9.21 -29.58
N ALA D 282 -12.28 7.95 -29.47
CA ALA D 282 -10.87 7.59 -29.53
C ALA D 282 -10.76 6.20 -30.15
N SER D 283 -10.19 6.12 -31.34
CA SER D 283 -10.15 4.85 -32.05
C SER D 283 -8.70 4.47 -32.34
N GLY D 284 -8.50 3.17 -32.56
CA GLY D 284 -7.18 2.70 -32.96
C GLY D 284 -6.26 2.52 -31.78
N ASP D 285 -4.97 2.58 -32.07
CA ASP D 285 -3.91 2.47 -31.08
C ASP D 285 -3.86 3.77 -30.28
N ILE D 286 -4.06 3.67 -28.97
CA ILE D 286 -4.14 4.83 -28.07
C ILE D 286 -3.18 4.60 -26.91
N VAL D 287 -2.40 5.63 -26.58
CA VAL D 287 -1.63 5.67 -25.34
C VAL D 287 -2.22 6.76 -24.47
N PHE D 288 -2.43 6.47 -23.19
CA PHE D 288 -2.94 7.47 -22.26
C PHE D 288 -2.04 7.49 -21.04
N ALA D 289 -1.68 8.71 -20.58
CA ALA D 289 -0.83 8.92 -19.42
C ALA D 289 -1.43 10.03 -18.57
N ALA D 290 -1.38 9.87 -17.27
CA ALA D 290 -1.81 10.96 -16.40
C ALA D 290 -1.03 10.92 -15.10
N THR D 291 -0.84 12.10 -14.50
CA THR D 291 -0.20 12.20 -13.18
C THR D 291 -1.08 13.04 -12.27
N GLY D 292 -1.22 12.60 -11.02
CA GLY D 292 -2.03 13.37 -10.07
C GLY D 292 -1.33 14.66 -9.65
N VAL D 293 -2.10 15.75 -9.56
CA VAL D 293 -1.62 17.00 -8.99
C VAL D 293 -2.09 17.12 -7.55
N THR D 294 -3.39 17.03 -7.33
CA THR D 294 -4.01 16.93 -6.01
C THR D 294 -4.63 15.54 -5.86
N ASP D 295 -4.91 15.16 -4.62
CA ASP D 295 -5.59 13.88 -4.38
C ASP D 295 -6.97 13.89 -5.07
N GLY D 296 -7.34 12.77 -5.68
CA GLY D 296 -8.64 12.69 -6.33
C GLY D 296 -9.11 11.27 -6.45
N ASN D 297 -10.19 11.04 -7.19
CA ASN D 297 -10.80 9.72 -7.20
C ASN D 297 -10.16 8.79 -8.22
N MET D 298 -9.06 9.19 -8.85
CA MET D 298 -8.34 8.31 -9.77
C MET D 298 -6.87 8.20 -9.38
N LEU D 299 -6.21 9.31 -9.06
CA LEU D 299 -4.79 9.33 -8.70
C LEU D 299 -4.56 10.13 -7.44
N GLN D 300 -3.50 9.77 -6.71
CA GLN D 300 -3.04 10.59 -5.61
C GLN D 300 -2.19 11.77 -6.10
N GLY D 301 -2.23 12.86 -5.33
CA GLY D 301 -1.58 14.08 -5.70
C GLY D 301 -0.11 14.08 -5.29
N VAL D 302 0.60 15.14 -5.68
CA VAL D 302 2.03 15.25 -5.36
C VAL D 302 2.20 15.49 -3.88
N LYS D 303 3.22 14.85 -3.25
CA LYS D 303 3.46 15.03 -1.82
C LYS D 303 4.94 15.37 -1.58
N ARG D 304 5.19 16.19 -0.55
CA ARG D 304 6.54 16.44 -0.05
C ARG D 304 6.92 15.34 0.95
N VAL D 305 8.10 14.73 0.77
CA VAL D 305 8.53 13.63 1.62
C VAL D 305 9.93 13.92 2.17
N ASN D 306 10.14 13.59 3.44
CA ASN D 306 11.43 13.61 4.12
C ASN D 306 11.96 12.19 4.29
N SER D 307 13.29 12.08 4.21
CA SER D 307 13.94 10.85 4.65
C SER D 307 15.42 11.16 4.87
N THR D 308 15.99 10.58 5.92
CA THR D 308 17.44 10.66 6.07
C THR D 308 18.13 9.86 4.96
N ARG D 309 17.46 8.81 4.49
CA ARG D 309 18.08 7.85 3.60
C ARG D 309 18.38 8.45 2.23
N ARG D 310 17.42 9.22 1.67
CA ARG D 310 17.67 9.90 0.41
C ARG D 310 17.45 11.41 0.45
N GLY D 311 17.21 11.98 1.61
CA GLY D 311 16.91 13.39 1.64
C GLY D 311 15.47 13.61 1.23
N SER D 312 15.16 14.86 0.98
CA SER D 312 13.79 15.25 0.68
C SER D 312 13.49 15.09 -0.81
N TYR D 313 12.23 14.80 -1.11
CA TYR D 313 11.84 14.60 -2.49
C TYR D 313 10.35 14.84 -2.63
N ALA D 314 9.94 15.11 -3.85
CA ALA D 314 8.52 15.15 -4.17
C ALA D 314 8.13 13.79 -4.77
N VAL D 315 6.96 13.27 -4.39
CA VAL D 315 6.48 12.01 -4.92
C VAL D 315 5.30 12.30 -5.84
N THR D 316 5.35 11.77 -7.07
CA THR D 316 4.25 11.78 -8.02
C THR D 316 3.68 10.38 -8.20
N HIS D 317 2.39 10.34 -8.52
CA HIS D 317 1.66 9.11 -8.79
C HIS D 317 1.06 9.20 -10.17
N SER D 318 1.41 8.25 -11.03
CA SER D 318 1.06 8.33 -12.43
C SER D 318 0.48 7.00 -12.88
N VAL D 319 -0.18 7.06 -14.03
CA VAL D 319 -0.60 5.85 -14.72
C VAL D 319 -0.33 6.04 -16.20
N VAL D 320 0.06 4.95 -16.87
CA VAL D 320 0.22 4.96 -18.32
C VAL D 320 -0.30 3.63 -18.85
N MET D 321 -1.00 3.69 -19.96
CA MET D 321 -1.74 2.54 -20.46
C MET D 321 -1.80 2.64 -21.98
N ARG D 322 -2.04 1.49 -22.61
CA ARG D 322 -2.11 1.42 -24.06
C ARG D 322 -3.26 0.51 -24.47
N SER D 323 -4.02 0.92 -25.49
CA SER D 323 -5.25 0.20 -25.83
C SER D 323 -4.97 -1.12 -26.55
N THR D 324 -3.87 -1.22 -27.28
CA THR D 324 -3.64 -2.44 -28.05
C THR D 324 -3.29 -3.61 -27.11
N THR D 325 -2.38 -3.38 -26.19
CA THR D 325 -1.93 -4.42 -25.26
C THR D 325 -2.82 -4.52 -24.03
N LYS D 326 -3.53 -3.45 -23.68
CA LYS D 326 -4.24 -3.32 -22.41
C LYS D 326 -3.32 -3.33 -21.20
N THR D 327 -2.01 -3.17 -21.40
CA THR D 327 -1.08 -3.10 -20.28
C THR D 327 -1.24 -1.77 -19.56
N VAL D 328 -1.26 -1.82 -18.24
CA VAL D 328 -1.44 -0.64 -17.40
C VAL D 328 -0.30 -0.62 -16.39
N ARG D 329 0.39 0.51 -16.29
CA ARG D 329 1.48 0.68 -15.33
C ARG D 329 1.16 1.84 -14.39
N HIS D 330 1.25 1.57 -13.10
CA HIS D 330 1.14 2.58 -12.05
C HIS D 330 2.55 2.93 -11.62
N ILE D 331 2.88 4.22 -11.66
CA ILE D 331 4.25 4.71 -11.47
C ILE D 331 4.27 5.59 -10.24
N THR D 332 5.08 5.24 -9.25
CA THR D 332 5.32 6.13 -8.11
C THR D 332 6.75 6.63 -8.28
N ALA D 333 6.92 7.94 -8.46
CA ALA D 333 8.24 8.50 -8.79
C ALA D 333 8.70 9.46 -7.70
N GLU D 334 9.98 9.32 -7.31
CA GLU D 334 10.58 10.15 -6.26
C GLU D 334 11.55 11.10 -6.95
N HIS D 335 11.32 12.41 -6.79
CA HIS D 335 12.07 13.44 -7.49
C HIS D 335 12.82 14.28 -6.47
N SER D 336 14.16 14.26 -6.55
CA SER D 336 14.97 14.99 -5.58
C SER D 336 14.59 16.46 -5.55
N PHE D 337 14.45 17.01 -4.35
CA PHE D 337 14.24 18.44 -4.21
C PHE D 337 14.64 18.91 -2.82
N ASP D 338 15.25 20.10 -2.77
CA ASP D 338 15.57 20.79 -1.53
C ASP D 338 14.42 21.75 -1.25
N PHE D 339 13.62 21.44 -0.24
CA PHE D 339 12.48 22.30 0.04
C PHE D 339 12.85 23.52 0.86
N LYS D 340 14.16 23.71 1.13
CA LYS D 340 14.61 24.98 1.67
C LYS D 340 14.67 26.06 0.60
N GLU D 341 14.71 25.64 -0.66
CA GLU D 341 14.56 26.50 -1.81
C GLU D 341 13.08 26.66 -2.15
N GLY D 342 12.75 27.79 -2.77
CA GLY D 342 11.40 28.04 -3.22
C GLY D 342 10.86 26.92 -4.09
N ILE D 343 9.60 26.53 -3.82
CA ILE D 343 8.95 25.44 -4.55
C ILE D 343 8.92 25.68 -6.06
N GLU D 344 8.90 26.94 -6.49
CA GLU D 344 8.71 27.16 -7.92
C GLU D 344 9.97 26.86 -8.73
N LYS D 345 11.02 26.33 -8.10
CA LYS D 345 12.07 25.66 -8.85
C LYS D 345 11.57 24.40 -9.56
N PHE D 346 10.36 23.93 -9.25
CA PHE D 346 9.78 22.82 -10.00
C PHE D 346 9.18 23.26 -11.33
N MET D 347 9.11 24.56 -11.60
CA MET D 347 8.74 25.02 -12.93
C MET D 347 9.88 24.77 -13.91
N SER D 348 9.51 24.59 -15.18
CA SER D 348 10.50 24.39 -16.23
C SER D 348 11.27 25.68 -16.51
C1 GOL E . 38.01 0.35 -15.60
O1 GOL E . 38.15 -0.60 -14.60
C2 GOL E . 36.55 0.21 -16.10
O2 GOL E . 35.89 1.43 -16.08
C3 GOL E . 36.70 -0.38 -17.53
O3 GOL E . 35.46 -0.86 -17.91
MN MN F . 22.27 -14.78 -13.55
C1 GOL G . 7.32 -27.23 12.43
O1 GOL G . 8.19 -26.15 12.57
C2 GOL G . 6.37 -26.88 11.27
O2 GOL G . 5.07 -27.37 11.49
C3 GOL G . 6.44 -25.32 11.17
O3 GOL G . 7.69 -25.03 10.60
P PO4 H . 10.65 -30.51 10.46
O1 PO4 H . 10.30 -31.36 11.66
O2 PO4 H . 11.65 -29.45 10.88
O3 PO4 H . 9.39 -29.85 9.93
O4 PO4 H . 11.26 -31.37 9.38
C1 GOL I . -5.74 -13.62 -3.97
O1 GOL I . -4.50 -13.41 -4.55
C2 GOL I . -6.56 -14.54 -4.90
O2 GOL I . -6.72 -15.81 -4.38
C3 GOL I . -7.92 -13.81 -5.07
O3 GOL I . -8.04 -12.93 -3.98
C1 GOL J . 8.33 -11.30 1.68
O1 GOL J . 9.18 -10.41 1.04
C2 GOL J . 8.88 -12.72 1.40
O2 GOL J . 9.72 -13.16 2.41
C3 GOL J . 7.61 -13.61 1.25
O3 GOL J . 8.03 -14.93 1.22
C1 GOL K . -2.21 -36.26 -1.01
O1 GOL K . -2.14 -36.04 -2.38
C2 GOL K . -0.76 -36.49 -0.52
O2 GOL K . -0.56 -36.02 0.76
C3 GOL K . -0.56 -38.01 -0.61
O3 GOL K . 0.81 -38.21 -0.65
MN MN L . 6.64 -22.44 18.67
C1 GOL M . -17.72 21.22 11.75
O1 GOL M . -16.66 21.99 12.26
C2 GOL M . -17.40 20.77 10.27
O2 GOL M . -16.47 19.72 10.18
C3 GOL M . -18.80 20.50 9.58
O3 GOL M . -19.25 19.15 9.83
P PO4 N . -19.99 25.51 9.08
O1 PO4 N . -21.19 26.09 9.79
O2 PO4 N . -20.51 24.56 8.01
O3 PO4 N . -19.10 24.77 10.05
O4 PO4 N . -19.21 26.59 8.41
MN MN O . -21.89 15.05 13.72
C1 GOL P . -29.55 17.54 -0.91
O1 GOL P . -30.21 18.15 -1.98
C2 GOL P . -28.04 17.61 -1.27
O2 GOL P . -27.27 16.90 -0.37
C3 GOL P . -27.95 17.06 -2.73
O3 GOL P . -26.84 16.22 -2.84
C1 GOL Q . -28.88 9.89 -20.17
O1 GOL Q . -29.37 8.97 -19.21
C2 GOL Q . -29.05 11.33 -19.58
O2 GOL Q . -27.82 11.98 -19.40
C3 GOL Q . -29.96 12.07 -20.61
O3 GOL Q . -29.16 12.51 -21.66
C1 GOL R . 3.03 -2.02 -22.77
O1 GOL R . 1.97 -1.82 -23.66
C2 GOL R . 3.83 -3.25 -23.27
O2 GOL R . 4.95 -3.50 -22.50
C3 GOL R . 2.84 -4.42 -23.27
O3 GOL R . 2.99 -5.10 -22.07
C1 GOL S . -15.89 -2.86 -23.48
O1 GOL S . -16.36 -2.92 -22.19
C2 GOL S . -14.36 -2.67 -23.42
O2 GOL S . -13.70 -3.80 -23.88
C3 GOL S . -14.10 -1.43 -24.36
O3 GOL S . -13.41 -0.45 -23.59
P PO4 T . -18.59 23.99 -15.66
O1 PO4 T . -19.95 24.24 -15.07
O2 PO4 T . -17.53 24.38 -14.65
O3 PO4 T . -18.42 24.82 -16.91
O4 PO4 T . -18.43 22.53 -15.99
C1 GOL U . -17.88 -7.82 -25.14
O1 GOL U . -18.72 -8.14 -24.07
C2 GOL U . -18.03 -6.30 -25.38
O2 GOL U . -17.31 -5.53 -24.47
C3 GOL U . -17.52 -6.09 -26.81
O3 GOL U . -17.88 -4.79 -27.14
MN MN V . -7.25 21.96 -19.50
#